data_7UD5
#
_entry.id   7UD5
#
loop_
_entity.id
_entity.type
_entity.pdbx_description
1 polymer 'Histone H3'
2 polymer 'Histone H4'
3 polymer 'Histone H2A'
4 polymer 'Histone H2B 1.1'
5 polymer '601 DNA (146-MER)'
6 polymer '601 DNA (146-MER)'
7 polymer 'cDNA FLJ56846, highly similar to Zinc finger protein HRX'
8 polymer 'WD repeat-containing protein 5'
9 polymer 'Set1/Ash2 histone methyltransferase complex subunit ASH2'
10 polymer 'Retinoblastoma-binding protein 5'
11 polymer Polyubiquitin-B
12 polymer 'Protein dpy-30 homolog'
13 non-polymer S-ADENOSYL-L-HOMOCYSTEINE
14 non-polymer 'ZINC ION'
#
loop_
_entity_poly.entity_id
_entity_poly.type
_entity_poly.pdbx_seq_one_letter_code
_entity_poly.pdbx_strand_id
1 'polypeptide(L)'
;MART(NLE)QTARKSTGGKAPRKQLATKAARKSAPATGGVKKPHRYRPGTVALREIRRYQKSTELLIRKLPFQRLVREIA
QDFKTDLRFQSSAV(NLE)ALQEASEAYLVALFEDTNLCAIHAKRVTI(NLE)PKDIQLARRIRGERA
;
A,E
2 'polypeptide(L)'
;MSGRGKGGKGLGKGGAKRHRKVLRDNIQGITKPAIRRLARRGGVKRISGLIYEETRGVLKVFLENVIRDAVTYTEHAKRK
TVTAMDVVYALKRQGRTLYGFGG
;
B,F
3 'polypeptide(L)'
;MSGRGKQGGKTRAKAKTRSSRAGLQFPVGRVHRLLRKGNYAERVGAGAPVYLAAVLEYLTAEILELAGNAARDNKKTRII
PRHLQLAVRNDEELNKLLGRVTIAQGGVLPNIQSVLLPKKTESSKSAKSK
;
C,G
4 'polypeptide(L)'
;MAKSAPAPKKGSKKAVTKTQKKDGKKRRKTRKESYAIYVYKVLKQVHPDTGISSKAMSIMNSFVNDVFERIAGEASRLAH
YNKRSTITSREIQTAVRLLLPGELAKHAVSEGTKAVTCYTSAK
;
D,H
5 'polydeoxyribonucleotide'
;(DT)(DC)(DG)(DA)(DG)(DA)(DA)(DT)(DC)(DC)(DC)(DG)(DG)(DT)(DG)(DC)(DC)(DG)(DA)(DG)
(DG)(DC)(DC)(DG)(DC)(DT)(DC)(DA)(DA)(DT)(DT)(DG)(DG)(DT)(DC)(DG)(DT)(DA)(DG)(DA)
(DC)(DA)(DG)(DC)(DT)(DC)(DT)(DA)(DG)(DC)(DA)(DC)(DC)(DG)(DC)(DT)(DT)(DA)(DA)(DA)
(DC)(DG)(DC)(DA)(DC)(DG)(DT)(DA)(DC)(DG)(DC)(DG)(DC)(DT)(DG)(DT)(DC)(DC)(DC)(DC)
(DC)(DG)(DC)(DG)(DT)(DT)(DT)(DT)(DA)(DA)(DC)(DC)(DG)(DC)(DC)(DA)(DA)(DG)(DG)(DG)
(DG)(DA)(DT)(DT)(DA)(DC)(DT)(DC)(DC)(DC)(DT)(DA)(DG)(DT)(DC)(DT)(DC)(DC)(DA)(DG)
(DG)(DC)(DA)(DC)(DG)(DT)(DG)(DT)(DC)(DA)(DG)(DA)(DT)(DA)(DT)(DA)(DT)(DA)(DC)(DA)
(DT)(DC)(DC)(DG)(DA)(DT)
;
I
6 'polydeoxyribonucleotide'
;(DA)(DT)(DC)(DG)(DG)(DA)(DT)(DG)(DT)(DA)(DT)(DA)(DT)(DA)(DT)(DC)(DT)(DG)(DA)(DC)
(DA)(DC)(DG)(DT)(DG)(DC)(DC)(DT)(DG)(DG)(DA)(DG)(DA)(DC)(DT)(DA)(DG)(DG)(DG)(DA)
(DG)(DT)(DA)(DA)(DT)(DC)(DC)(DC)(DC)(DT)(DT)(DG)(DG)(DC)(DG)(DG)(DT)(DT)(DA)(DA)
(DA)(DA)(DC)(DG)(DC)(DG)(DG)(DG)(DG)(DG)(DA)(DC)(DA)(DG)(DC)(DG)(DC)(DG)(DT)(DA)
(DC)(DG)(DT)(DG)(DC)(DG)(DT)(DT)(DT)(DA)(DA)(DG)(DC)(DG)(DG)(DT)(DG)(DC)(DT)(DA)
(DG)(DA)(DG)(DC)(DT)(DG)(DT)(DC)(DT)(DA)(DC)(DG)(DA)(DC)(DC)(DA)(DA)(DT)(DT)(DG)
(DA)(DG)(DC)(DG)(DG)(DC)(DC)(DT)(DC)(DG)(DG)(DC)(DA)(DC)(DC)(DG)(DG)(DG)(DA)(DT)
(DT)(DC)(DT)(DC)(DG)(DA)
;
J
7 'polypeptide(L)'
;MFRFHKPEEANEPPLNPHGSARAEVHLRKSAFDMFNFLASKHRQPPEYNPNDEEEEEVQLKSARRATSMDLPMPMRFRHL
KKTSKEAVGVYRSPIHGRGLFCKRNIDAGEMVIEYAGNVIRSIQTDKREKYYDSKGIGCYMFRIDDSEVVDATMHGNAAR
FINHSCEPNCYSRVINIDGQKHIVIFAMRKIYRGEELTYDYKFPIEDASNKLPCNCGAKKCRKFLN
;
K
8 'polypeptide(L)'
;GSATEEKKPETEAARAQPTPSSSATQSKPTPVKPNYALKFTLAGHTKAVSSVKFSPNGEWLASSSADKLIKIWGAYDGKF
EKTISGHKLGISDVAWSSDSNLLVSASDDKTLKIWDVSSGKCLKTLKGHSNYVFCCNFNPQSNLIVSGSFDESVRIWDVK
TGKCLKTLPAHSDPVSAVHFNRDGSLIVSSSYDGLCRIWDTASGQCLKTLIDDDNPPVSFVKFSPNGKYILAATLDNTLK
LWDYSKGKCLKTYTGHKNEKYCIFANFSVTGGKWIVSGSEDNLVYIWNLQTKEIVQKLQGHTDVVISTACHPTENIIASA
ALENDKTIKLWKSDC
;
L
9 'polypeptide(L)'
;MDTQAGSVDEENGRQLGEVELQCGICTKWFTADTFGIDTSSCLPFMTNYSFHCNVCHHSGNTYFLRKQANLKEMCLSALA
NLTWQSRTQDEHPKTMFSKDKDIIPFIDKYWECMTTRQRPGKMTWPNNIVKTMSKERDVFLVKEHPDPGSKDPEEDYPKF
GLLDQDLSNIGPAYDNQKQSSAVSTSGNLNGGIAAGSSGKGRGAKRKQQDGGTTGTTKKARSDPLFSAQRLPPHGYPLEH
PFNKDGYRYILAEPDPHAPDPEKLELDCWAGKPIPGDLYRACLYERVLLALHDRAPQLKISDDRLTVVGEKGYSMVRASH
GVRKGAWYFEITVDEMPPDTAARLGWSQPLGNLQAPLGYDKFSYSWRSKKGTKFHQSIGKHYSSGYGQGDVLGFYINLPE
DTETAKSLPDTYKDKALIKFKSYLYFEEKDFVDKAEKSLKQTPHSEIIFYKNGVNQGVAYKDIFEGVYFPAISLYKSCTV
SINFGPCFKYPPKDLTYRPMSDMGWGAVVEHTLADVLYHVETEVDGRRSPPWEP
;
M
10 'polypeptide(L)'
;MNLELLESFGQNYPEEADGTLDCISMALTCTFNRWGTLLAVGCNDGRIVIWDFLTRGIAKIISAHIHPVCSLCWSRDGHK
LVSASTDNIVSQWDVLSGDCDQRFRFPSPILKVQYHPRDQNKVLVCPMKSAPVMLTLSDSKHVVLPVDDDSDLNVVASFD
RRGEYIYTGNAKGKILVLKTDSQDLVASFRVTTGTSNTTAIKSIEFARKGSCFLINTADRIIRVYDGREILTCGRDGEPE
PMQKLQDLVNRTPWKKCCFSGDGEYIVAGSARQHALYIWEKSIGNLVKILHGTRGELLLDVAWHPVRPIIASISSGVVSI
WAQNQVENWSAFAPDFKELDENVEYEERESEFDIEDEDKSEPEQTGADAAEDEEVDVTSVDPIAAFCSSDEELEDSKALL
YLPIAPEVEDPEENPYGPPPDAVQTSLMDEGASSEKKRQSSADGSQPPKKKPKTTNIELQGVPNDEVHPLLGVKGDGKSK
KKQAGRPKGSKGKEKDSPFKPKLYKGDRGLPLEGSAKGKVQAELSQPLTAGGAISELL
;
N
11 'polypeptide(L)'
;QGSHMMQIFVKTLTGKTITLEVEPSDTIENVKAKIQDKEGIPPDQQRLIFAGKQLEDGRTLSDYNIQKESTLHLVLRLRG
C
;
O
12 'polypeptide(L)'
;GAMDPMEPEQMLEGQTQVAENPHSEYGLTDNVERIVENEKINAEKSSKQKVDLQSLPTRAYLDQTVVPILLQGLAVLAKE
RPPNPIEFLASYLLKNKAQFEDRN
;
P,Q
#
loop_
_chem_comp.id
_chem_comp.type
_chem_comp.name
_chem_comp.formula
DA DNA linking 2'-DEOXYADENOSINE-5'-MONOPHOSPHATE 'C10 H14 N5 O6 P'
DC DNA linking 2'-DEOXYCYTIDINE-5'-MONOPHOSPHATE 'C9 H14 N3 O7 P'
DG DNA linking 2'-DEOXYGUANOSINE-5'-MONOPHOSPHATE 'C10 H14 N5 O7 P'
DT DNA linking THYMIDINE-5'-MONOPHOSPHATE 'C10 H15 N2 O8 P'
SAH non-polymer S-ADENOSYL-L-HOMOCYSTEINE 'C14 H20 N6 O5 S'
ZN non-polymer 'ZINC ION' 'Zn 2'
#
# COMPACT_ATOMS: atom_id res chain seq x y z
N PRO A 39 8.61 55.89 33.23
CA PRO A 39 9.40 57.08 33.51
C PRO A 39 10.36 57.41 32.38
N HIS A 40 11.63 57.63 32.72
CA HIS A 40 12.64 57.84 31.71
C HIS A 40 12.94 56.53 30.99
N ARG A 41 13.54 56.64 29.81
CA ARG A 41 13.86 55.45 29.01
C ARG A 41 14.96 54.69 29.72
N TYR A 42 14.58 53.65 30.45
CA TYR A 42 15.52 52.87 31.25
C TYR A 42 16.29 51.89 30.37
N ARG A 43 17.43 51.43 30.89
CA ARG A 43 18.20 50.44 30.18
C ARG A 43 17.45 49.10 30.15
N PRO A 44 17.63 48.31 29.10
CA PRO A 44 16.92 47.04 29.00
C PRO A 44 17.27 46.10 30.15
N GLY A 45 16.26 45.42 30.67
CA GLY A 45 16.44 44.44 31.72
C GLY A 45 16.47 45.01 33.13
N THR A 46 16.54 46.33 33.29
CA THR A 46 16.66 46.90 34.62
C THR A 46 15.39 46.68 35.44
N VAL A 47 14.23 47.03 34.86
CA VAL A 47 12.98 46.77 35.57
C VAL A 47 12.63 45.29 35.52
N ALA A 48 13.29 44.54 34.64
CA ALA A 48 13.06 43.10 34.58
C ALA A 48 13.46 42.43 35.88
N LEU A 49 14.56 42.87 36.50
CA LEU A 49 15.01 42.27 37.75
C LEU A 49 13.98 42.47 38.86
N ARG A 50 13.48 43.69 39.02
CA ARG A 50 12.48 43.92 40.06
C ARG A 50 11.17 43.21 39.73
N GLU A 51 10.87 43.04 38.43
CA GLU A 51 9.69 42.26 38.07
C GLU A 51 9.86 40.80 38.49
N ILE A 52 11.07 40.26 38.28
CA ILE A 52 11.35 38.89 38.72
C ILE A 52 11.18 38.78 40.23
N ARG A 53 11.74 39.75 40.96
CA ARG A 53 11.66 39.72 42.42
C ARG A 53 10.22 39.81 42.89
N ARG A 54 9.41 40.63 42.24
CA ARG A 54 8.00 40.74 42.61
C ARG A 54 7.25 39.46 42.30
N TYR A 55 7.58 38.81 41.19
CA TYR A 55 6.82 37.65 40.75
C TYR A 55 7.26 36.36 41.45
N GLN A 56 8.56 36.10 41.50
CA GLN A 56 9.03 34.81 41.98
C GLN A 56 8.58 34.52 43.40
N LYS A 57 8.37 35.56 44.20
CA LYS A 57 7.81 35.38 45.54
C LYS A 57 6.30 35.34 45.54
N SER A 58 5.65 35.71 44.44
CA SER A 58 4.21 35.83 44.42
C SER A 58 3.53 34.47 44.30
N THR A 59 2.22 34.45 44.58
CA THR A 59 1.41 33.25 44.46
C THR A 59 0.06 33.68 43.91
N GLU A 60 -0.17 33.43 42.63
CA GLU A 60 -1.40 33.85 41.96
C GLU A 60 -1.47 33.12 40.61
N LEU A 61 -2.52 33.42 39.85
CA LEU A 61 -2.75 32.85 38.53
C LEU A 61 -2.40 33.87 37.45
N LEU A 62 -1.58 33.43 36.49
CA LEU A 62 -1.04 34.34 35.48
C LEU A 62 -1.88 34.42 34.22
N ILE A 63 -2.43 33.32 33.75
CA ILE A 63 -3.37 33.36 32.62
C ILE A 63 -4.77 33.63 33.14
N ARG A 64 -5.51 34.46 32.42
CA ARG A 64 -6.86 34.81 32.84
C ARG A 64 -7.75 33.56 32.86
N LYS A 65 -8.95 33.72 33.42
CA LYS A 65 -9.86 32.62 33.62
C LYS A 65 -10.81 32.40 32.46
N LEU A 66 -11.51 33.44 32.02
CA LEU A 66 -12.47 33.28 30.93
C LEU A 66 -11.83 32.78 29.64
N PRO A 67 -10.72 33.36 29.14
CA PRO A 67 -10.13 32.82 27.91
C PRO A 67 -9.75 31.36 28.02
N PHE A 68 -9.24 30.93 29.17
CA PHE A 68 -8.79 29.54 29.28
C PHE A 68 -9.97 28.57 29.30
N GLN A 69 -11.03 28.92 30.03
CA GLN A 69 -12.19 28.04 30.03
C GLN A 69 -12.85 27.99 28.66
N ARG A 70 -12.88 29.13 27.96
CA ARG A 70 -13.40 29.13 26.60
C ARG A 70 -12.54 28.24 25.70
N LEU A 71 -11.22 28.32 25.87
CA LEU A 71 -10.31 27.50 25.08
C LEU A 71 -10.52 26.02 25.32
N VAL A 72 -10.64 25.61 26.58
CA VAL A 72 -10.81 24.19 26.87
C VAL A 72 -12.17 23.70 26.40
N ARG A 73 -13.21 24.53 26.53
CA ARG A 73 -14.52 24.14 26.01
C ARG A 73 -14.46 24.00 24.49
N GLU A 74 -13.68 24.85 23.82
CA GLU A 74 -13.51 24.73 22.38
C GLU A 74 -12.78 23.44 22.02
N ILE A 75 -11.70 23.11 22.75
CA ILE A 75 -10.90 21.95 22.36
C ILE A 75 -11.60 20.65 22.73
N ALA A 76 -12.53 20.71 23.68
CA ALA A 76 -13.24 19.49 24.07
C ALA A 76 -14.18 18.99 22.98
N GLN A 77 -14.55 19.85 22.03
CA GLN A 77 -15.54 19.48 21.04
C GLN A 77 -15.08 18.32 20.17
N ASP A 78 -13.80 18.31 19.78
CA ASP A 78 -13.34 17.32 18.82
C ASP A 78 -13.51 15.90 19.34
N PHE A 79 -13.14 15.66 20.59
CA PHE A 79 -13.21 14.30 21.14
C PHE A 79 -14.65 13.88 21.38
N LYS A 80 -15.48 14.79 21.89
CA LYS A 80 -16.90 14.55 22.07
C LYS A 80 -17.63 15.85 22.29
N THR A 81 -18.72 16.07 21.57
CA THR A 81 -19.46 17.32 21.62
C THR A 81 -20.47 17.30 22.76
N ASP A 82 -20.89 18.50 23.16
CA ASP A 82 -21.91 18.70 24.19
C ASP A 82 -21.52 18.06 25.52
N LEU A 83 -20.45 18.61 26.10
CA LEU A 83 -20.01 18.26 27.44
C LEU A 83 -20.17 19.47 28.36
N ARG A 84 -20.35 19.19 29.64
CA ARG A 84 -20.46 20.23 30.65
C ARG A 84 -19.28 20.15 31.62
N PHE A 85 -18.71 21.31 31.92
CA PHE A 85 -17.54 21.40 32.79
C PHE A 85 -17.97 21.84 34.18
N GLN A 86 -17.10 21.57 35.15
CA GLN A 86 -17.27 22.00 36.52
C GLN A 86 -16.26 23.10 36.81
N SER A 87 -16.71 24.15 37.51
CA SER A 87 -15.83 25.28 37.79
C SER A 87 -14.60 24.86 38.55
N SER A 88 -14.76 23.95 39.51
CA SER A 88 -13.61 23.43 40.25
C SER A 88 -12.67 22.68 39.32
N ALA A 89 -13.23 21.94 38.36
CA ALA A 89 -12.41 21.12 37.48
C ALA A 89 -11.46 21.97 36.65
N VAL A 90 -12.01 22.79 35.77
CA VAL A 90 -11.22 23.57 34.82
C VAL A 90 -10.13 24.37 35.52
N NLE A 91 -10.48 24.97 36.65
CA NLE A 91 -9.53 25.70 37.48
C NLE A 91 -8.30 24.84 37.69
O NLE A 91 -7.21 25.20 37.24
CB NLE A 91 -10.16 26.08 38.83
CG NLE A 91 -9.22 26.84 39.75
CD NLE A 91 -9.90 27.18 41.07
CE NLE A 91 -11.12 28.06 40.84
N ALA A 92 -8.49 23.70 38.34
CA ALA A 92 -7.41 22.74 38.57
C ALA A 92 -6.54 22.64 37.35
N LEU A 93 -7.19 22.37 36.21
CA LEU A 93 -6.46 22.09 34.98
C LEU A 93 -5.43 23.16 34.70
N GLN A 94 -5.84 24.43 34.72
CA GLN A 94 -4.93 25.49 34.29
C GLN A 94 -3.67 25.45 35.13
N GLU A 95 -3.83 25.28 36.45
CA GLU A 95 -2.68 25.29 37.32
C GLU A 95 -1.69 24.21 36.90
N ALA A 96 -2.19 22.98 36.71
CA ALA A 96 -1.33 21.90 36.27
C ALA A 96 -0.58 22.30 35.01
N SER A 97 -1.32 22.79 34.00
CA SER A 97 -0.67 23.24 32.78
C SER A 97 0.40 24.25 33.09
N GLU A 98 0.05 25.30 33.85
CA GLU A 98 1.02 26.32 34.20
C GLU A 98 2.24 25.68 34.82
N ALA A 99 2.01 24.77 35.78
CA ALA A 99 3.12 24.05 36.40
C ALA A 99 4.05 23.50 35.33
N TYR A 100 3.51 22.63 34.47
CA TYR A 100 4.32 22.05 33.41
C TYR A 100 5.03 23.14 32.63
N LEU A 101 4.26 24.13 32.17
CA LEU A 101 4.85 25.17 31.34
C LEU A 101 5.96 25.89 32.08
N VAL A 102 5.72 26.23 33.36
CA VAL A 102 6.76 26.91 34.13
C VAL A 102 8.03 26.08 34.13
N ALA A 103 7.89 24.77 34.40
CA ALA A 103 9.06 23.90 34.43
C ALA A 103 9.87 24.04 33.15
N LEU A 104 9.16 24.05 32.01
CA LEU A 104 9.86 24.13 30.74
C LEU A 104 10.81 25.32 30.71
N PHE A 105 10.29 26.50 31.05
CA PHE A 105 11.14 27.70 31.03
C PHE A 105 12.39 27.49 31.87
N GLU A 106 12.21 26.99 33.10
CA GLU A 106 13.36 26.67 33.94
C GLU A 106 14.42 25.94 33.14
N ASP A 107 14.05 24.78 32.60
CA ASP A 107 15.02 23.97 31.87
C ASP A 107 15.63 24.79 30.74
N THR A 108 14.80 25.46 29.96
CA THR A 108 15.31 26.22 28.82
C THR A 108 16.34 27.24 29.29
N ASN A 109 16.00 27.96 30.37
CA ASN A 109 16.92 28.98 30.87
C ASN A 109 18.30 28.40 31.05
N LEU A 110 18.39 27.24 31.70
CA LEU A 110 19.69 26.68 32.00
C LEU A 110 20.43 26.38 30.70
N CYS A 111 19.77 25.72 29.75
CA CYS A 111 20.46 25.40 28.52
C CYS A 111 20.81 26.67 27.76
N ALA A 112 20.00 27.71 27.92
CA ALA A 112 20.33 28.99 27.30
C ALA A 112 21.66 29.50 27.82
N ILE A 113 21.89 29.37 29.13
CA ILE A 113 23.18 29.77 29.69
C ILE A 113 24.28 28.90 29.13
N HIS A 114 23.98 27.63 28.85
CA HIS A 114 24.97 26.77 28.23
C HIS A 114 25.26 27.17 26.79
N ALA A 115 24.44 28.02 26.20
CA ALA A 115 24.66 28.47 24.82
C ALA A 115 25.52 29.71 24.74
N LYS A 116 26.06 30.19 25.85
CA LYS A 116 26.90 31.39 25.89
C LYS A 116 26.14 32.60 25.37
N ARG A 117 24.85 32.68 25.68
CA ARG A 117 24.04 33.83 25.33
C ARG A 117 22.93 33.96 26.34
N VAL A 118 22.38 35.17 26.44
CA VAL A 118 21.29 35.44 27.37
C VAL A 118 19.92 35.31 26.71
N THR A 119 19.83 35.57 25.41
CA THR A 119 18.55 35.46 24.71
C THR A 119 18.07 34.02 24.68
N ILE A 120 16.76 33.84 24.67
CA ILE A 120 16.16 32.52 24.50
C ILE A 120 15.76 32.33 23.04
N NLE A 121 16.10 31.18 22.48
CA NLE A 121 15.79 30.91 21.08
C NLE A 121 14.99 29.63 20.94
O NLE A 121 15.09 28.72 21.77
CB NLE A 121 17.08 30.81 20.27
CG NLE A 121 17.89 32.10 20.23
CD NLE A 121 18.74 32.18 18.97
CE NLE A 121 19.63 30.96 18.80
N PRO A 122 14.15 29.54 19.88
CA PRO A 122 13.31 28.38 19.61
C PRO A 122 14.05 27.04 19.68
N LYS A 123 15.25 26.98 19.10
CA LYS A 123 15.98 25.73 19.06
C LYS A 123 16.23 25.17 20.46
N ASP A 124 16.33 26.06 21.45
CA ASP A 124 16.50 25.60 22.82
C ASP A 124 15.23 24.95 23.37
N ILE A 125 14.06 25.45 22.98
CA ILE A 125 12.82 24.80 23.40
C ILE A 125 12.74 23.39 22.84
N GLN A 126 13.06 23.21 21.55
CA GLN A 126 13.08 21.88 20.97
C GLN A 126 14.12 21.01 21.65
N LEU A 127 15.28 21.58 21.97
CA LEU A 127 16.31 20.83 22.68
C LEU A 127 15.79 20.30 24.00
N ALA A 128 15.12 21.18 24.77
CA ALA A 128 14.60 20.78 26.07
C ALA A 128 13.51 19.72 25.93
N ARG A 129 12.60 19.91 24.97
CA ARG A 129 11.53 18.95 24.75
C ARG A 129 12.08 17.58 24.38
N ARG A 130 13.08 17.55 23.50
CA ARG A 130 13.64 16.28 23.09
C ARG A 130 14.45 15.63 24.21
N ILE A 131 15.19 16.43 24.99
CA ILE A 131 16.06 15.85 26.00
C ILE A 131 15.26 15.40 27.21
N ARG A 132 14.07 15.97 27.42
CA ARG A 132 13.26 15.57 28.55
C ARG A 132 12.77 14.13 28.40
N GLY A 133 12.52 13.70 27.17
CA GLY A 133 12.12 12.34 26.89
C GLY A 133 10.76 12.16 26.22
N GLU A 134 10.19 13.22 25.65
CA GLU A 134 8.88 13.16 25.01
C GLU A 134 8.94 13.72 23.59
N ARG A 135 9.92 13.27 22.81
CA ARG A 135 10.07 13.73 21.44
C ARG A 135 8.83 13.38 20.61
N LYS B 21 -17.64 23.41 18.27
CA LYS B 21 -17.15 24.09 17.07
C LYS B 21 -15.62 24.04 17.01
N VAL B 22 -15.08 24.29 15.82
CA VAL B 22 -13.64 24.40 15.63
C VAL B 22 -13.37 25.80 15.08
N LEU B 23 -12.66 26.60 15.85
CA LEU B 23 -12.37 27.98 15.47
C LEU B 23 -10.90 28.28 15.67
N ARG B 24 -10.29 28.93 14.68
CA ARG B 24 -8.89 29.31 14.79
C ARG B 24 -8.67 30.37 15.86
N ASP B 25 -9.72 31.08 16.26
CA ASP B 25 -9.61 32.06 17.32
C ASP B 25 -9.52 31.36 18.67
N ASN B 26 -9.19 32.15 19.70
CA ASN B 26 -9.09 31.74 21.10
C ASN B 26 -7.83 30.90 21.30
N ILE B 27 -7.17 30.53 20.19
CA ILE B 27 -5.85 29.93 20.31
C ILE B 27 -4.83 30.99 20.72
N GLN B 28 -4.96 32.19 20.19
CA GLN B 28 -4.23 33.36 20.65
C GLN B 28 -4.84 33.96 21.90
N GLY B 29 -5.71 33.20 22.59
CA GLY B 29 -6.27 33.66 23.85
C GLY B 29 -5.23 33.92 24.92
N ILE B 30 -4.08 33.25 24.86
CA ILE B 30 -2.96 33.59 25.72
C ILE B 30 -2.13 34.67 25.02
N THR B 31 -2.52 35.93 25.22
CA THR B 31 -1.83 37.05 24.60
C THR B 31 -0.44 37.21 25.19
N LYS B 32 0.36 38.07 24.58
CA LYS B 32 1.78 38.17 24.90
C LYS B 32 2.08 38.48 26.36
N PRO B 33 1.37 39.37 27.06
CA PRO B 33 1.77 39.65 28.46
C PRO B 33 1.65 38.45 29.39
N ALA B 34 0.73 37.52 29.11
CA ALA B 34 0.62 36.32 29.94
C ALA B 34 1.90 35.49 29.83
N ILE B 35 2.39 35.27 28.61
CA ILE B 35 3.63 34.54 28.44
C ILE B 35 4.80 35.34 29.01
N ARG B 36 4.74 36.66 28.90
CA ARG B 36 5.76 37.50 29.53
C ARG B 36 5.85 37.23 31.02
N ARG B 37 4.69 37.26 31.69
CA ARG B 37 4.66 37.05 33.13
C ARG B 37 5.09 35.63 33.50
N LEU B 38 4.70 34.65 32.68
CA LEU B 38 5.10 33.27 32.93
C LEU B 38 6.62 33.13 32.81
N ALA B 39 7.21 33.77 31.80
CA ALA B 39 8.65 33.77 31.65
C ALA B 39 9.32 34.44 32.84
N ARG B 40 8.72 35.53 33.34
CA ARG B 40 9.27 36.21 34.51
C ARG B 40 9.26 35.28 35.72
N ARG B 41 8.14 34.59 35.96
CA ARG B 41 8.10 33.64 37.07
C ARG B 41 9.10 32.52 36.85
N GLY B 42 9.37 32.18 35.60
CA GLY B 42 10.46 31.26 35.31
C GLY B 42 11.82 31.84 35.67
N GLY B 43 11.99 33.15 35.48
CA GLY B 43 13.27 33.76 35.76
C GLY B 43 14.14 33.92 34.53
N VAL B 44 13.58 34.51 33.48
CA VAL B 44 14.32 34.84 32.27
C VAL B 44 14.06 36.31 31.94
N LYS B 45 15.00 36.92 31.21
CA LYS B 45 14.83 38.30 30.78
C LYS B 45 14.70 38.44 29.28
N ARG B 46 15.66 37.94 28.51
CA ARG B 46 15.72 38.20 27.07
C ARG B 46 15.09 37.04 26.34
N ILE B 47 13.87 37.26 25.84
CA ILE B 47 13.14 36.26 25.05
C ILE B 47 12.90 36.84 23.66
N SER B 48 13.23 36.06 22.65
CA SER B 48 13.05 36.50 21.27
C SER B 48 11.56 36.52 20.93
N GLY B 49 11.22 37.29 19.90
CA GLY B 49 9.83 37.50 19.57
C GLY B 49 9.17 36.33 18.87
N LEU B 50 9.94 35.31 18.50
CA LEU B 50 9.42 34.14 17.81
C LEU B 50 9.30 32.92 18.72
N ILE B 51 9.05 33.12 20.02
CA ILE B 51 8.91 32.02 20.96
C ILE B 51 7.42 31.70 21.15
N TYR B 52 6.59 32.72 20.95
CA TYR B 52 5.17 32.61 21.32
C TYR B 52 4.49 31.48 20.59
N GLU B 53 4.76 31.31 19.29
CA GLU B 53 4.05 30.31 18.51
C GLU B 53 4.38 28.91 18.98
N GLU B 54 5.65 28.60 19.21
CA GLU B 54 5.98 27.26 19.68
C GLU B 54 5.55 27.04 21.11
N THR B 55 5.46 28.10 21.93
CA THR B 55 4.85 27.93 23.25
C THR B 55 3.39 27.52 23.11
N ARG B 56 2.66 28.17 22.20
CA ARG B 56 1.28 27.76 21.94
C ARG B 56 1.24 26.31 21.50
N GLY B 57 2.15 25.93 20.61
CA GLY B 57 2.15 24.57 20.10
C GLY B 57 2.40 23.53 21.18
N VAL B 58 3.40 23.76 22.03
CA VAL B 58 3.72 22.80 23.07
C VAL B 58 2.60 22.75 24.11
N LEU B 59 1.99 23.89 24.42
CA LEU B 59 0.88 23.89 25.34
C LEU B 59 -0.29 23.07 24.78
N LYS B 60 -0.59 23.24 23.49
CA LYS B 60 -1.67 22.48 22.90
C LYS B 60 -1.38 20.99 22.87
N VAL B 61 -0.16 20.60 22.48
CA VAL B 61 0.13 19.18 22.41
C VAL B 61 0.13 18.55 23.79
N PHE B 62 0.53 19.31 24.82
CA PHE B 62 0.44 18.79 26.18
C PHE B 62 -1.01 18.63 26.60
N LEU B 63 -1.82 19.68 26.41
CA LEU B 63 -3.21 19.65 26.87
C LEU B 63 -4.03 18.61 26.15
N GLU B 64 -3.65 18.24 24.93
CA GLU B 64 -4.40 17.22 24.18
C GLU B 64 -4.53 15.94 24.98
N ASN B 65 -3.41 15.40 25.46
CA ASN B 65 -3.43 14.09 26.09
C ASN B 65 -4.26 14.10 27.37
N VAL B 66 -4.09 15.14 28.20
CA VAL B 66 -4.82 15.18 29.46
C VAL B 66 -6.31 15.34 29.20
N ILE B 67 -6.70 16.21 28.28
CA ILE B 67 -8.13 16.39 28.04
C ILE B 67 -8.72 15.12 27.42
N ARG B 68 -7.96 14.42 26.58
CA ARG B 68 -8.45 13.18 25.99
C ARG B 68 -8.67 12.11 27.04
N ASP B 69 -7.70 11.93 27.94
CA ASP B 69 -7.88 10.94 29.00
C ASP B 69 -9.04 11.33 29.92
N ALA B 70 -9.19 12.62 30.19
CA ALA B 70 -10.30 13.06 31.03
C ALA B 70 -11.65 12.74 30.39
N VAL B 71 -11.79 13.01 29.09
CA VAL B 71 -13.07 12.76 28.45
C VAL B 71 -13.33 11.26 28.34
N THR B 72 -12.29 10.45 28.10
CA THR B 72 -12.50 9.01 28.10
C THR B 72 -12.96 8.53 29.47
N TYR B 73 -12.34 9.04 30.54
CA TYR B 73 -12.74 8.64 31.88
C TYR B 73 -14.18 9.01 32.16
N THR B 74 -14.58 10.25 31.82
CA THR B 74 -15.95 10.66 32.11
C THR B 74 -16.94 9.91 31.24
N GLU B 75 -16.54 9.52 30.03
CA GLU B 75 -17.43 8.77 29.16
C GLU B 75 -17.65 7.36 29.70
N HIS B 76 -16.59 6.72 30.17
CA HIS B 76 -16.73 5.38 30.72
C HIS B 76 -17.67 5.34 31.92
N ALA B 77 -17.78 6.43 32.66
CA ALA B 77 -18.63 6.48 33.84
C ALA B 77 -20.07 6.80 33.51
N LYS B 78 -20.43 6.88 32.23
CA LYS B 78 -21.79 7.07 31.74
C LYS B 78 -22.38 8.43 32.10
N ARG B 79 -21.54 9.43 32.37
CA ARG B 79 -21.99 10.79 32.57
C ARG B 79 -21.25 11.71 31.62
N LYS B 80 -21.89 12.81 31.23
CA LYS B 80 -21.32 13.73 30.26
C LYS B 80 -20.79 15.01 30.88
N THR B 81 -20.54 15.02 32.18
CA THR B 81 -19.84 16.12 32.83
C THR B 81 -18.51 15.59 33.38
N VAL B 82 -17.52 16.48 33.49
CA VAL B 82 -16.22 16.13 34.02
C VAL B 82 -16.03 16.81 35.35
N THR B 83 -15.52 16.08 36.34
CA THR B 83 -15.22 16.62 37.65
C THR B 83 -13.76 17.05 37.68
N ALA B 84 -13.24 17.37 38.86
CA ALA B 84 -11.81 17.61 39.04
C ALA B 84 -11.06 16.38 39.51
N MET B 85 -11.72 15.50 40.27
CA MET B 85 -11.06 14.32 40.80
C MET B 85 -10.69 13.36 39.68
N ASP B 86 -11.54 13.19 38.67
CA ASP B 86 -11.15 12.40 37.52
C ASP B 86 -10.02 13.06 36.74
N VAL B 87 -9.98 14.39 36.74
CA VAL B 87 -8.89 15.10 36.06
C VAL B 87 -7.56 14.80 36.74
N VAL B 88 -7.52 14.90 38.08
CA VAL B 88 -6.28 14.59 38.78
C VAL B 88 -5.97 13.10 38.64
N TYR B 89 -6.99 12.26 38.50
CA TYR B 89 -6.76 10.84 38.26
C TYR B 89 -6.04 10.63 36.94
N ALA B 90 -6.48 11.30 35.88
CA ALA B 90 -5.80 11.19 34.59
C ALA B 90 -4.39 11.76 34.67
N LEU B 91 -4.25 12.88 35.37
CA LEU B 91 -2.92 13.49 35.54
C LEU B 91 -1.97 12.54 36.23
N LYS B 92 -2.44 11.85 37.27
CA LYS B 92 -1.62 10.84 37.92
C LYS B 92 -1.36 9.65 37.02
N ARG B 93 -2.29 9.34 36.11
CA ARG B 93 -2.04 8.29 35.14
C ARG B 93 -0.86 8.64 34.25
N GLN B 94 -0.79 9.90 33.80
CA GLN B 94 0.39 10.30 33.04
C GLN B 94 1.65 10.30 33.89
N GLY B 95 1.57 10.82 35.13
CA GLY B 95 2.73 10.83 35.99
C GLY B 95 2.88 12.11 36.79
N ARG B 96 2.22 13.18 36.36
CA ARG B 96 2.26 14.45 37.07
C ARG B 96 1.08 14.52 38.04
N THR B 97 1.39 14.55 39.33
CA THR B 97 0.36 14.44 40.36
C THR B 97 -0.06 15.82 40.85
N LEU B 98 -1.34 15.98 41.18
CA LEU B 98 -1.87 17.16 41.81
C LEU B 98 -2.31 16.85 43.23
N TYR B 99 -2.08 17.79 44.13
CA TYR B 99 -2.53 17.70 45.51
C TYR B 99 -3.48 18.85 45.78
N GLY B 100 -4.60 18.55 46.42
CA GLY B 100 -5.56 19.55 46.80
C GLY B 100 -6.93 19.47 46.16
N PHE B 101 -7.35 18.30 45.70
CA PHE B 101 -8.71 18.11 45.23
C PHE B 101 -9.34 16.79 45.66
N GLY B 102 -8.61 15.92 46.35
CA GLY B 102 -9.15 14.66 46.80
C GLY B 102 -8.57 13.47 46.06
N LYS C 16 -13.51 -31.10 26.73
CA LYS C 16 -13.62 -30.30 25.52
C LYS C 16 -12.87 -28.98 25.68
N THR C 17 -12.27 -28.49 24.60
CA THR C 17 -11.44 -27.31 24.66
C THR C 17 -12.28 -26.03 24.68
N ARG C 18 -11.60 -24.91 24.91
CA ARG C 18 -12.25 -23.60 24.92
C ARG C 18 -11.60 -22.58 24.01
N SER C 19 -10.34 -22.76 23.61
CA SER C 19 -9.69 -21.79 22.73
C SER C 19 -10.32 -21.79 21.33
N SER C 20 -10.76 -22.96 20.86
CA SER C 20 -11.32 -23.05 19.52
C SER C 20 -12.70 -22.44 19.41
N ARG C 21 -13.34 -22.11 20.54
CA ARG C 21 -14.68 -21.52 20.49
C ARG C 21 -14.66 -20.17 19.78
N ALA C 22 -13.56 -19.43 19.89
CA ALA C 22 -13.41 -18.17 19.17
C ALA C 22 -12.43 -18.27 18.02
N GLY C 23 -11.69 -19.36 17.91
CA GLY C 23 -10.72 -19.51 16.84
C GLY C 23 -9.38 -18.86 17.10
N LEU C 24 -9.12 -18.39 18.31
CA LEU C 24 -7.84 -17.77 18.65
C LEU C 24 -6.80 -18.87 18.84
N GLN C 25 -5.58 -18.46 19.18
CA GLN C 25 -4.48 -19.41 19.41
C GLN C 25 -3.95 -19.36 20.82
N PHE C 26 -3.89 -18.18 21.44
CA PHE C 26 -3.44 -18.09 22.81
C PHE C 26 -4.46 -18.76 23.74
N PRO C 27 -3.98 -19.43 24.78
CA PRO C 27 -4.92 -20.11 25.69
C PRO C 27 -5.81 -19.12 26.40
N VAL C 28 -7.01 -19.58 26.74
CA VAL C 28 -8.00 -18.76 27.44
C VAL C 28 -8.23 -19.27 28.85
N GLY C 29 -8.26 -20.60 29.02
CA GLY C 29 -8.37 -21.13 30.37
C GLY C 29 -7.19 -20.75 31.24
N ARG C 30 -5.99 -20.77 30.66
CA ARG C 30 -4.79 -20.37 31.41
C ARG C 30 -4.88 -18.91 31.84
N VAL C 31 -5.32 -18.05 30.92
CA VAL C 31 -5.46 -16.63 31.25
C VAL C 31 -6.48 -16.44 32.36
N HIS C 32 -7.61 -17.14 32.28
CA HIS C 32 -8.63 -16.97 33.30
C HIS C 32 -8.15 -17.46 34.66
N ARG C 33 -7.47 -18.61 34.71
CA ARG C 33 -6.96 -19.11 35.98
C ARG C 33 -5.94 -18.15 36.56
N LEU C 34 -5.03 -17.67 35.72
CA LEU C 34 -3.93 -16.82 36.20
C LEU C 34 -4.46 -15.46 36.64
N LEU C 35 -5.51 -14.96 36.00
CA LEU C 35 -6.12 -13.71 36.43
C LEU C 35 -6.96 -13.92 37.68
N ARG C 36 -7.56 -15.09 37.85
CA ARG C 36 -8.32 -15.37 39.07
C ARG C 36 -7.40 -15.45 40.28
N LYS C 37 -6.28 -16.15 40.15
CA LYS C 37 -5.31 -16.23 41.25
C LYS C 37 -4.41 -15.02 41.34
N GLY C 38 -4.50 -14.09 40.40
CA GLY C 38 -3.71 -12.87 40.47
C GLY C 38 -4.31 -11.79 41.35
N ASN C 39 -5.46 -12.06 41.98
CA ASN C 39 -6.13 -11.15 42.92
C ASN C 39 -6.26 -9.73 42.38
N TYR C 40 -6.40 -9.57 41.06
CA TYR C 40 -6.64 -8.24 40.50
C TYR C 40 -8.00 -7.72 40.92
N ALA C 41 -8.95 -8.60 41.15
CA ALA C 41 -10.25 -8.26 41.70
C ALA C 41 -10.81 -9.52 42.36
N GLU C 42 -12.08 -9.49 42.72
CA GLU C 42 -12.72 -10.62 43.37
C GLU C 42 -13.65 -11.40 42.45
N ARG C 43 -14.18 -10.75 41.42
CA ARG C 43 -15.19 -11.34 40.55
C ARG C 43 -15.04 -10.76 39.16
N VAL C 44 -14.97 -11.64 38.15
CA VAL C 44 -14.72 -11.23 36.77
C VAL C 44 -15.80 -11.83 35.89
N GLY C 45 -16.03 -11.20 34.74
CA GLY C 45 -17.00 -11.68 33.79
C GLY C 45 -16.44 -12.79 32.90
N ALA C 46 -17.20 -13.14 31.88
CA ALA C 46 -16.82 -14.22 30.99
C ALA C 46 -16.01 -13.75 29.79
N GLY C 47 -16.24 -12.53 29.30
CA GLY C 47 -15.54 -12.06 28.11
C GLY C 47 -14.14 -11.57 28.38
N ALA C 48 -13.77 -11.38 29.64
CA ALA C 48 -12.43 -10.88 29.96
C ALA C 48 -11.32 -11.80 29.47
N PRO C 49 -11.33 -13.10 29.77
CA PRO C 49 -10.19 -13.93 29.32
C PRO C 49 -10.08 -14.04 27.82
N VAL C 50 -11.19 -14.21 27.11
CA VAL C 50 -11.12 -14.29 25.65
C VAL C 50 -10.64 -12.97 25.07
N TYR C 51 -11.10 -11.84 25.62
CA TYR C 51 -10.68 -10.55 25.11
C TYR C 51 -9.17 -10.35 25.30
N LEU C 52 -8.66 -10.72 26.47
CA LEU C 52 -7.22 -10.60 26.71
C LEU C 52 -6.44 -11.52 25.79
N ALA C 53 -6.89 -12.76 25.61
CA ALA C 53 -6.21 -13.66 24.69
C ALA C 53 -6.16 -13.05 23.31
N ALA C 54 -7.25 -12.41 22.88
CA ALA C 54 -7.29 -11.80 21.55
C ALA C 54 -6.31 -10.65 21.41
N VAL C 55 -6.26 -9.75 22.40
CA VAL C 55 -5.38 -8.60 22.26
C VAL C 55 -3.91 -9.04 22.33
N LEU C 56 -3.60 -10.00 23.19
CA LEU C 56 -2.23 -10.54 23.20
C LEU C 56 -1.89 -11.19 21.87
N GLU C 57 -2.84 -11.92 21.28
CA GLU C 57 -2.66 -12.47 19.94
C GLU C 57 -2.30 -11.38 18.94
N TYR C 58 -3.06 -10.29 18.94
CA TYR C 58 -2.84 -9.25 17.94
C TYR C 58 -1.47 -8.62 18.12
N LEU C 59 -1.08 -8.32 19.36
CA LEU C 59 0.22 -7.69 19.60
C LEU C 59 1.36 -8.64 19.23
N THR C 60 1.25 -9.91 19.59
CA THR C 60 2.29 -10.87 19.24
C THR C 60 2.42 -11.03 17.73
N ALA C 61 1.31 -11.07 17.02
CA ALA C 61 1.38 -11.14 15.56
C ALA C 61 2.03 -9.89 14.99
N GLU C 62 1.66 -8.72 15.51
CA GLU C 62 2.25 -7.47 15.04
C GLU C 62 3.77 -7.49 15.18
N ILE C 63 4.27 -7.99 16.31
CA ILE C 63 5.72 -7.99 16.50
C ILE C 63 6.39 -9.06 15.64
N LEU C 64 5.81 -10.27 15.61
CA LEU C 64 6.48 -11.38 14.95
C LEU C 64 6.49 -11.23 13.43
N GLU C 65 5.52 -10.52 12.85
CA GLU C 65 5.59 -10.32 11.39
C GLU C 65 6.82 -9.51 11.02
N LEU C 66 7.08 -8.43 11.77
CA LEU C 66 8.28 -7.64 11.52
C LEU C 66 9.53 -8.44 11.89
N ALA C 67 9.44 -9.31 12.89
CA ALA C 67 10.57 -10.18 13.21
C ALA C 67 10.92 -11.06 12.03
N GLY C 68 9.91 -11.66 11.39
CA GLY C 68 10.17 -12.48 10.22
C GLY C 68 10.69 -11.68 9.05
N ASN C 69 10.17 -10.47 8.85
CA ASN C 69 10.67 -9.62 7.78
C ASN C 69 12.15 -9.33 7.98
N ALA C 70 12.55 -9.00 9.21
CA ALA C 70 13.96 -8.78 9.49
C ALA C 70 14.78 -10.06 9.36
N ALA C 71 14.19 -11.21 9.69
CA ALA C 71 14.90 -12.47 9.52
C ALA C 71 15.24 -12.71 8.05
N ARG C 72 14.26 -12.52 7.17
CA ARG C 72 14.50 -12.68 5.75
C ARG C 72 15.30 -11.54 5.14
N ASP C 73 15.46 -10.43 5.87
CA ASP C 73 16.32 -9.36 5.40
C ASP C 73 17.75 -9.84 5.21
N ASN C 74 18.32 -10.48 6.22
CA ASN C 74 19.70 -10.93 6.19
C ASN C 74 19.81 -12.34 5.63
N LYS C 75 18.69 -12.95 5.25
CA LYS C 75 18.66 -14.28 4.63
C LYS C 75 19.05 -15.36 5.63
N LYS C 76 18.68 -15.16 6.90
CA LYS C 76 18.94 -16.12 7.95
C LYS C 76 17.61 -16.65 8.47
N THR C 77 17.51 -17.99 8.59
CA THR C 77 16.27 -18.60 9.02
C THR C 77 15.97 -18.27 10.48
N ARG C 78 16.95 -18.47 11.36
CA ARG C 78 16.74 -18.20 12.77
C ARG C 78 16.64 -16.71 13.03
N ILE C 79 15.75 -16.32 13.93
CA ILE C 79 15.57 -14.92 14.31
C ILE C 79 16.43 -14.64 15.53
N ILE C 80 17.49 -13.85 15.36
CA ILE C 80 18.33 -13.43 16.47
C ILE C 80 17.67 -12.22 17.13
N PRO C 81 17.95 -11.93 18.41
CA PRO C 81 17.31 -10.78 19.05
C PRO C 81 17.66 -9.45 18.40
N ARG C 82 18.76 -9.37 17.67
CA ARG C 82 19.07 -8.14 16.94
C ARG C 82 17.95 -7.77 15.98
N HIS C 83 17.38 -8.78 15.31
CA HIS C 83 16.27 -8.53 14.40
C HIS C 83 15.08 -7.95 15.13
N LEU C 84 14.76 -8.50 16.30
CA LEU C 84 13.66 -7.96 17.10
C LEU C 84 13.95 -6.52 17.53
N GLN C 85 15.19 -6.24 17.93
CA GLN C 85 15.54 -4.88 18.32
C GLN C 85 15.32 -3.91 17.17
N LEU C 86 15.80 -4.28 15.97
CA LEU C 86 15.64 -3.41 14.81
C LEU C 86 14.16 -3.23 14.47
N ALA C 87 13.38 -4.30 14.51
CA ALA C 87 11.97 -4.21 14.15
C ALA C 87 11.19 -3.36 15.14
N VAL C 88 11.51 -3.47 16.43
CA VAL C 88 10.80 -2.66 17.41
C VAL C 88 11.22 -1.20 17.32
N ARG C 89 12.52 -0.94 17.12
CA ARG C 89 13.00 0.43 17.16
C ARG C 89 12.62 1.21 15.92
N ASN C 90 12.73 0.60 14.73
CA ASN C 90 12.48 1.35 13.50
C ASN C 90 11.04 1.81 13.38
N ASP C 91 10.08 1.03 13.86
CA ASP C 91 8.70 1.47 13.92
C ASP C 91 8.57 2.61 14.92
N GLU C 92 7.56 3.46 14.73
CA GLU C 92 7.38 4.61 15.61
C GLU C 92 6.34 4.36 16.69
N GLU C 93 5.25 3.66 16.39
CA GLU C 93 4.24 3.40 17.40
C GLU C 93 4.77 2.49 18.49
N LEU C 94 5.58 1.50 18.12
CA LEU C 94 6.23 0.65 19.11
C LEU C 94 7.16 1.48 20.00
N ASN C 95 7.96 2.36 19.39
CA ASN C 95 8.85 3.19 20.19
C ASN C 95 8.06 4.11 21.11
N LYS C 96 6.85 4.50 20.71
CA LYS C 96 5.99 5.24 21.62
C LYS C 96 5.52 4.35 22.76
N LEU C 97 5.19 3.09 22.47
CA LEU C 97 4.65 2.20 23.49
C LEU C 97 5.76 1.50 24.27
N LEU C 98 6.84 1.12 23.62
CA LEU C 98 8.01 0.58 24.32
C LEU C 98 9.05 1.68 24.53
N GLY C 99 8.65 2.68 25.33
CA GLY C 99 9.52 3.82 25.58
C GLY C 99 10.73 3.51 26.43
N ARG C 100 10.50 3.18 27.70
CA ARG C 100 11.58 2.90 28.64
C ARG C 100 11.76 1.39 28.82
N VAL C 101 12.22 0.75 27.75
CA VAL C 101 12.49 -0.68 27.76
C VAL C 101 13.72 -0.96 26.91
N THR C 102 14.59 -1.83 27.40
CA THR C 102 15.75 -2.28 26.65
C THR C 102 15.58 -3.75 26.28
N ILE C 103 16.57 -4.28 25.57
CA ILE C 103 16.57 -5.66 25.12
C ILE C 103 17.95 -6.25 25.39
N ALA C 104 17.98 -7.45 25.96
CA ALA C 104 19.26 -8.13 26.17
C ALA C 104 19.89 -8.48 24.82
N GLN C 105 21.19 -8.24 24.72
CA GLN C 105 21.95 -8.49 23.49
C GLN C 105 21.40 -7.70 22.30
N GLY C 106 20.54 -6.71 22.57
CA GLY C 106 19.78 -6.08 21.49
C GLY C 106 20.64 -5.26 20.55
N GLY C 107 21.58 -4.50 21.09
CA GLY C 107 22.32 -3.56 20.27
C GLY C 107 21.51 -2.32 19.98
N VAL C 108 22.04 -1.48 19.10
CA VAL C 108 21.41 -0.21 18.77
C VAL C 108 21.39 -0.06 17.25
N LEU C 109 20.38 0.63 16.75
CA LEU C 109 20.26 0.87 15.31
C LEU C 109 21.33 1.88 14.88
N PRO C 110 21.87 1.75 13.67
CA PRO C 110 22.90 2.70 13.21
C PRO C 110 22.35 4.11 13.12
N ASN C 111 23.19 5.08 13.51
CA ASN C 111 22.84 6.48 13.45
C ASN C 111 24.10 7.32 13.58
N ILE C 112 24.25 8.30 12.68
CA ILE C 112 25.34 9.26 12.72
C ILE C 112 24.75 10.65 12.55
N GLN C 113 25.24 11.60 13.34
CA GLN C 113 24.69 12.95 13.29
C GLN C 113 25.03 13.61 11.96
N SER C 114 24.09 14.43 11.46
CA SER C 114 24.21 14.96 10.10
C SER C 114 25.40 15.90 9.97
N VAL C 115 25.57 16.83 10.92
CA VAL C 115 26.60 17.84 10.77
C VAL C 115 27.99 17.25 10.93
N LEU C 116 28.08 16.03 11.44
CA LEU C 116 29.38 15.36 11.58
C LEU C 116 29.57 14.38 10.43
N LEU C 117 29.75 14.95 9.24
CA LEU C 117 29.96 14.17 8.01
C LEU C 117 30.97 14.89 7.14
N PRO C 118 32.24 14.54 7.25
CA PRO C 118 33.28 15.23 6.47
C PRO C 118 33.14 14.99 4.98
N LYS C 119 33.60 15.96 4.18
CA LYS C 119 33.57 15.84 2.73
C LYS C 119 34.65 16.74 2.14
N LYS C 120 35.00 16.47 0.88
CA LYS C 120 35.97 17.26 0.16
C LYS C 120 35.72 17.07 -1.34
N THR C 121 36.40 17.86 -2.15
CA THR C 121 36.25 17.79 -3.60
C THR C 121 36.89 16.53 -4.18
N ARG D 27 18.11 -32.86 41.30
CA ARG D 27 17.35 -33.65 42.25
C ARG D 27 15.93 -33.93 41.77
N ARG D 28 15.00 -33.11 42.23
CA ARG D 28 13.57 -33.28 41.98
C ARG D 28 13.16 -32.33 40.86
N LYS D 29 12.80 -32.90 39.71
CA LYS D 29 12.41 -32.11 38.56
C LYS D 29 11.12 -31.36 38.82
N THR D 30 11.01 -30.17 38.24
CA THR D 30 9.84 -29.32 38.40
C THR D 30 9.27 -28.97 37.04
N ARG D 31 7.99 -28.65 37.02
CA ARG D 31 7.27 -28.28 35.81
C ARG D 31 6.96 -26.78 35.85
N LYS D 32 7.33 -26.09 34.77
CA LYS D 32 7.20 -24.65 34.68
C LYS D 32 6.32 -24.30 33.47
N GLU D 33 5.61 -23.18 33.58
CA GLU D 33 4.76 -22.70 32.50
C GLU D 33 5.42 -21.51 31.82
N SER D 34 5.48 -21.56 30.49
CA SER D 34 5.96 -20.45 29.68
C SER D 34 5.08 -20.35 28.44
N TYR D 35 4.97 -19.14 27.91
CA TYR D 35 4.21 -18.92 26.68
C TYR D 35 5.04 -19.32 25.46
N ALA D 36 5.52 -20.56 25.44
CA ALA D 36 6.46 -21.01 24.41
C ALA D 36 5.77 -21.61 23.20
N ILE D 37 4.81 -22.51 23.43
CA ILE D 37 4.18 -23.22 22.32
C ILE D 37 3.30 -22.29 21.50
N TYR D 38 2.58 -21.39 22.15
CA TYR D 38 1.56 -20.61 21.46
C TYR D 38 2.18 -19.60 20.49
N VAL D 39 3.18 -18.86 20.96
CA VAL D 39 3.84 -17.90 20.07
C VAL D 39 4.55 -18.62 18.93
N TYR D 40 5.09 -19.81 19.20
CA TYR D 40 5.70 -20.60 18.13
C TYR D 40 4.67 -20.98 17.08
N LYS D 41 3.47 -21.37 17.53
CA LYS D 41 2.40 -21.68 16.58
C LYS D 41 2.01 -20.46 15.79
N VAL D 42 1.99 -19.28 16.44
CA VAL D 42 1.69 -18.04 15.74
C VAL D 42 2.73 -17.77 14.65
N LEU D 43 4.01 -17.94 14.99
CA LEU D 43 5.07 -17.70 14.02
C LEU D 43 4.95 -18.65 12.84
N LYS D 44 4.67 -19.93 13.10
CA LYS D 44 4.46 -20.86 12.00
C LYS D 44 3.24 -20.49 11.17
N GLN D 45 2.17 -20.02 11.81
CA GLN D 45 0.98 -19.61 11.08
C GLN D 45 1.27 -18.43 10.16
N VAL D 46 2.16 -17.54 10.58
CA VAL D 46 2.50 -16.35 9.80
C VAL D 46 3.59 -16.65 8.76
N HIS D 47 4.74 -17.13 9.21
CA HIS D 47 5.88 -17.41 8.34
C HIS D 47 6.35 -18.85 8.58
N PRO D 48 5.74 -19.81 7.91
CA PRO D 48 6.12 -21.22 8.10
C PRO D 48 7.42 -21.61 7.39
N ASP D 49 8.41 -20.71 7.46
CA ASP D 49 9.70 -20.98 6.87
C ASP D 49 10.88 -20.45 7.67
N THR D 50 10.65 -19.85 8.84
CA THR D 50 11.71 -19.20 9.59
C THR D 50 11.80 -19.77 11.00
N GLY D 51 13.03 -20.08 11.41
CA GLY D 51 13.26 -20.60 12.74
C GLY D 51 13.37 -19.50 13.78
N ILE D 52 13.31 -19.92 15.05
CA ILE D 52 13.35 -19.00 16.18
C ILE D 52 14.40 -19.52 17.16
N SER D 53 14.96 -18.60 17.94
CA SER D 53 15.97 -18.95 18.93
C SER D 53 15.35 -19.02 20.32
N SER D 54 16.04 -19.71 21.22
CA SER D 54 15.58 -19.81 22.60
C SER D 54 15.59 -18.45 23.28
N LYS D 55 16.61 -17.64 23.02
CA LYS D 55 16.66 -16.30 23.62
C LYS D 55 15.48 -15.46 23.16
N ALA D 56 15.14 -15.52 21.87
CA ALA D 56 13.96 -14.82 21.38
C ALA D 56 12.70 -15.37 22.04
N MET D 57 12.68 -16.68 22.29
CA MET D 57 11.54 -17.28 22.97
C MET D 57 11.35 -16.66 24.34
N SER D 58 12.44 -16.56 25.10
CA SER D 58 12.35 -16.01 26.45
C SER D 58 11.97 -14.53 26.43
N ILE D 59 12.52 -13.78 25.47
CA ILE D 59 12.20 -12.36 25.43
C ILE D 59 10.73 -12.15 25.07
N MET D 60 10.18 -12.98 24.17
CA MET D 60 8.77 -12.87 23.84
C MET D 60 7.91 -13.25 25.04
N ASN D 61 8.33 -14.28 25.77
CA ASN D 61 7.61 -14.64 26.99
C ASN D 61 7.58 -13.48 27.98
N SER D 62 8.72 -12.82 28.18
CA SER D 62 8.76 -11.68 29.09
C SER D 62 7.87 -10.55 28.59
N PHE D 63 7.88 -10.29 27.28
CA PHE D 63 7.06 -9.21 26.74
C PHE D 63 5.58 -9.48 26.96
N VAL D 64 5.14 -10.71 26.69
CA VAL D 64 3.71 -10.99 26.83
C VAL D 64 3.30 -10.94 28.31
N ASN D 65 4.16 -11.45 29.20
CA ASN D 65 3.85 -11.35 30.62
C ASN D 65 3.75 -9.88 31.05
N ASP D 66 4.67 -9.05 30.54
CA ASP D 66 4.69 -7.63 30.87
C ASP D 66 3.39 -6.94 30.45
N VAL D 67 3.00 -7.11 29.19
CA VAL D 67 1.81 -6.42 28.72
C VAL D 67 0.56 -6.95 29.41
N PHE D 68 0.51 -8.27 29.65
CA PHE D 68 -0.62 -8.84 30.35
C PHE D 68 -0.77 -8.20 31.72
N GLU D 69 0.32 -8.16 32.50
CA GLU D 69 0.23 -7.60 33.84
C GLU D 69 -0.13 -6.13 33.79
N ARG D 70 0.46 -5.37 32.87
CA ARG D 70 0.17 -3.95 32.76
C ARG D 70 -1.32 -3.71 32.55
N ILE D 71 -1.88 -4.35 31.53
CA ILE D 71 -3.28 -4.12 31.20
C ILE D 71 -4.18 -4.60 32.34
N ALA D 72 -3.90 -5.78 32.89
CA ALA D 72 -4.76 -6.32 33.93
C ALA D 72 -4.76 -5.42 35.17
N GLY D 73 -3.58 -4.97 35.59
CA GLY D 73 -3.51 -4.12 36.77
C GLY D 73 -4.19 -2.79 36.56
N GLU D 74 -3.98 -2.17 35.39
CA GLU D 74 -4.62 -0.90 35.12
C GLU D 74 -6.15 -1.05 35.10
N ALA D 75 -6.63 -2.12 34.47
CA ALA D 75 -8.08 -2.36 34.44
C ALA D 75 -8.63 -2.58 35.83
N SER D 76 -7.89 -3.34 36.66
CA SER D 76 -8.37 -3.61 38.02
C SER D 76 -8.45 -2.33 38.84
N ARG D 77 -7.44 -1.48 38.75
CA ARG D 77 -7.46 -0.26 39.55
C ARG D 77 -8.52 0.72 39.03
N LEU D 78 -8.80 0.68 37.72
CA LEU D 78 -9.94 1.43 37.20
C LEU D 78 -11.25 0.89 37.74
N ALA D 79 -11.39 -0.44 37.82
CA ALA D 79 -12.62 -1.02 38.33
C ALA D 79 -12.84 -0.65 39.79
N HIS D 80 -11.78 -0.65 40.58
CA HIS D 80 -11.88 -0.17 41.95
C HIS D 80 -12.27 1.31 41.97
N TYR D 81 -11.73 2.09 41.04
CA TYR D 81 -12.03 3.51 40.99
C TYR D 81 -13.52 3.80 40.80
N ASN D 82 -14.25 2.90 40.16
CA ASN D 82 -15.65 3.15 39.82
C ASN D 82 -16.64 2.52 40.80
N LYS D 83 -16.18 2.10 41.98
CA LYS D 83 -17.03 1.46 42.99
C LYS D 83 -17.66 0.18 42.45
N ARG D 84 -17.05 -0.43 41.44
CA ARG D 84 -17.53 -1.67 40.87
C ARG D 84 -16.72 -2.82 41.45
N SER D 85 -17.43 -3.85 41.92
CA SER D 85 -16.75 -5.02 42.49
C SER D 85 -16.41 -6.05 41.43
N THR D 86 -16.72 -5.81 40.17
CA THR D 86 -16.54 -6.78 39.10
C THR D 86 -15.55 -6.25 38.08
N ILE D 87 -15.10 -7.13 37.20
CA ILE D 87 -14.34 -6.76 36.01
C ILE D 87 -15.11 -7.25 34.78
N THR D 88 -15.79 -6.34 34.11
CA THR D 88 -16.55 -6.66 32.92
C THR D 88 -15.58 -6.70 31.73
N SER D 89 -16.13 -6.85 30.52
CA SER D 89 -15.29 -6.77 29.33
C SER D 89 -15.12 -5.33 28.87
N ARG D 90 -16.10 -4.48 29.17
CA ARG D 90 -16.09 -3.08 28.78
C ARG D 90 -14.90 -2.35 29.40
N GLU D 91 -14.64 -2.62 30.68
CA GLU D 91 -13.55 -1.95 31.37
C GLU D 91 -12.21 -2.25 30.72
N ILE D 92 -12.03 -3.47 30.22
CA ILE D 92 -10.78 -3.82 29.57
C ILE D 92 -10.62 -3.04 28.27
N GLN D 93 -11.70 -2.83 27.53
CA GLN D 93 -11.57 -2.05 26.29
C GLN D 93 -11.33 -0.58 26.61
N THR D 94 -11.88 -0.09 27.72
CA THR D 94 -11.51 1.25 28.16
C THR D 94 -10.02 1.33 28.48
N ALA D 95 -9.51 0.29 29.14
CA ALA D 95 -8.08 0.25 29.47
C ALA D 95 -7.22 0.24 28.22
N VAL D 96 -7.63 -0.51 27.20
CA VAL D 96 -6.81 -0.59 25.99
C VAL D 96 -7.01 0.65 25.12
N ARG D 97 -8.10 1.38 25.31
CA ARG D 97 -8.22 2.69 24.68
C ARG D 97 -7.25 3.69 25.32
N LEU D 98 -7.15 3.66 26.65
CA LEU D 98 -6.21 4.56 27.33
C LEU D 98 -4.77 4.21 27.02
N LEU D 99 -4.39 2.95 27.20
CA LEU D 99 -3.00 2.54 27.15
C LEU D 99 -2.44 2.51 25.73
N LEU D 100 -3.17 1.94 24.79
CA LEU D 100 -2.66 1.77 23.43
C LEU D 100 -2.81 3.05 22.63
N PRO D 101 -1.75 3.56 22.02
CA PRO D 101 -1.83 4.80 21.26
C PRO D 101 -2.09 4.56 19.77
N GLY D 102 -2.60 5.60 19.12
CA GLY D 102 -2.75 5.60 17.68
C GLY D 102 -3.80 4.62 17.17
N GLU D 103 -3.77 4.40 15.86
CA GLU D 103 -4.72 3.51 15.21
C GLU D 103 -4.52 2.05 15.60
N LEU D 104 -3.37 1.72 16.21
CA LEU D 104 -3.18 0.39 16.75
C LEU D 104 -4.25 0.08 17.79
N ALA D 105 -4.67 1.10 18.55
CA ALA D 105 -5.75 0.91 19.52
C ALA D 105 -7.04 0.51 18.83
N LYS D 106 -7.38 1.20 17.73
CA LYS D 106 -8.59 0.86 17.00
C LYS D 106 -8.53 -0.57 16.46
N HIS D 107 -7.38 -0.93 15.87
CA HIS D 107 -7.24 -2.29 15.35
C HIS D 107 -7.39 -3.33 16.45
N ALA D 108 -6.73 -3.11 17.60
CA ALA D 108 -6.79 -4.08 18.68
C ALA D 108 -8.20 -4.21 19.24
N VAL D 109 -8.89 -3.09 19.45
CA VAL D 109 -10.22 -3.17 20.03
C VAL D 109 -11.20 -3.81 19.06
N SER D 110 -11.08 -3.51 17.76
CA SER D 110 -11.94 -4.17 16.79
C SER D 110 -11.68 -5.67 16.75
N GLU D 111 -10.41 -6.07 16.81
CA GLU D 111 -10.09 -7.50 16.84
C GLU D 111 -10.65 -8.17 18.09
N GLY D 112 -10.57 -7.51 19.24
CA GLY D 112 -11.14 -8.08 20.45
C GLY D 112 -12.64 -8.26 20.37
N THR D 113 -13.34 -7.25 19.84
CA THR D 113 -14.78 -7.37 19.66
C THR D 113 -15.11 -8.52 18.71
N LYS D 114 -14.35 -8.65 17.63
CA LYS D 114 -14.55 -9.78 16.71
C LYS D 114 -14.41 -11.10 17.45
N ALA D 115 -13.35 -11.25 18.25
CA ALA D 115 -13.11 -12.50 18.94
C ALA D 115 -14.24 -12.83 19.91
N VAL D 116 -14.68 -11.84 20.69
CA VAL D 116 -15.73 -12.14 21.67
C VAL D 116 -17.04 -12.47 20.96
N THR D 117 -17.38 -11.74 19.89
CA THR D 117 -18.62 -12.01 19.19
C THR D 117 -18.61 -13.39 18.55
N CYS D 118 -17.48 -13.80 17.99
CA CYS D 118 -17.36 -15.13 17.42
C CYS D 118 -17.29 -16.21 18.49
N TYR D 119 -16.96 -15.86 19.73
CA TYR D 119 -16.92 -16.84 20.82
C TYR D 119 -18.29 -17.09 21.44
N THR D 120 -19.08 -16.03 21.63
CA THR D 120 -20.29 -16.16 22.46
C THR D 120 -21.26 -17.20 21.90
N SER D 121 -21.58 -17.12 20.61
CA SER D 121 -22.56 -18.03 20.01
C SER D 121 -21.90 -19.37 19.65
N ALA D 122 -21.37 -20.02 20.67
CA ALA D 122 -20.71 -21.31 20.52
C ALA D 122 -20.62 -22.03 21.86
N ARG E 41 44.68 4.97 8.19
CA ARG E 41 46.02 5.41 8.49
C ARG E 41 46.04 6.87 8.91
N TYR E 42 46.55 7.73 8.05
CA TYR E 42 46.62 9.16 8.31
C TYR E 42 45.24 9.78 8.09
N ARG E 43 45.19 11.12 8.02
CA ARG E 43 43.95 11.88 7.97
C ARG E 43 43.09 11.55 9.18
N PRO E 44 43.46 12.04 10.36
CA PRO E 44 42.66 11.77 11.56
C PRO E 44 41.23 12.28 11.40
N GLY E 45 40.29 11.51 11.93
CA GLY E 45 38.88 11.73 11.72
C GLY E 45 38.25 10.81 10.70
N THR E 46 39.04 10.29 9.75
CA THR E 46 38.53 9.30 8.82
C THR E 46 38.38 7.94 9.47
N VAL E 47 39.39 7.52 10.24
CA VAL E 47 39.35 6.20 10.86
C VAL E 47 38.24 6.14 11.91
N ALA E 48 37.93 7.28 12.53
CA ALA E 48 36.88 7.30 13.55
C ALA E 48 35.54 6.90 12.96
N LEU E 49 35.22 7.40 11.77
CA LEU E 49 33.95 7.05 11.14
C LEU E 49 33.88 5.56 10.82
N ARG E 50 34.97 5.01 10.28
CA ARG E 50 34.99 3.59 9.98
C ARG E 50 34.82 2.75 11.24
N GLU E 51 35.53 3.11 12.31
CA GLU E 51 35.40 2.37 13.56
C GLU E 51 33.98 2.46 14.11
N ILE E 52 33.39 3.66 14.10
CA ILE E 52 32.08 3.84 14.71
C ILE E 52 31.01 3.09 13.91
N ARG E 53 31.13 3.06 12.59
CA ARG E 53 30.16 2.32 11.79
C ARG E 53 30.33 0.82 11.99
N ARG E 54 31.58 0.32 11.97
CA ARG E 54 31.84 -1.09 12.20
C ARG E 54 31.24 -1.53 13.53
N TYR E 55 31.42 -0.73 14.56
CA TYR E 55 30.91 -1.10 15.87
C TYR E 55 29.41 -0.94 15.95
N GLN E 56 28.84 0.01 15.19
CA GLN E 56 27.39 0.16 15.17
C GLN E 56 26.72 -1.07 14.59
N LYS E 57 27.33 -1.66 13.56
CA LYS E 57 26.79 -2.92 13.05
C LYS E 57 26.87 -4.03 14.08
N SER E 58 27.98 -4.10 14.83
CA SER E 58 28.15 -5.17 15.80
C SER E 58 27.25 -4.96 17.01
N THR E 59 26.98 -6.05 17.73
CA THR E 59 26.06 -6.04 18.87
C THR E 59 26.59 -6.88 20.03
N GLU E 60 27.88 -6.81 20.32
CA GLU E 60 28.46 -7.52 21.44
C GLU E 60 28.62 -6.58 22.63
N LEU E 61 28.93 -7.17 23.79
CA LEU E 61 29.21 -6.39 24.97
C LEU E 61 30.58 -5.70 24.83
N LEU E 62 30.89 -4.83 25.78
CA LEU E 62 32.08 -4.00 25.65
C LEU E 62 32.98 -3.98 26.89
N ILE E 63 32.65 -4.74 27.93
CA ILE E 63 33.41 -4.73 29.17
C ILE E 63 33.90 -6.14 29.46
N ARG E 64 35.20 -6.25 29.76
CA ARG E 64 35.78 -7.54 30.08
C ARG E 64 35.07 -8.17 31.28
N LYS E 65 34.90 -9.49 31.23
CA LYS E 65 34.05 -10.16 32.21
C LYS E 65 34.64 -10.06 33.62
N LEU E 66 35.91 -10.45 33.78
CA LEU E 66 36.50 -10.55 35.11
C LEU E 66 36.61 -9.22 35.84
N PRO E 67 37.11 -8.14 35.23
CA PRO E 67 37.16 -6.87 35.97
C PRO E 67 35.80 -6.38 36.43
N PHE E 68 34.78 -6.49 35.58
CA PHE E 68 33.45 -6.04 35.96
C PHE E 68 32.88 -6.92 37.06
N GLN E 69 33.11 -8.23 36.96
CA GLN E 69 32.66 -9.12 38.02
C GLN E 69 33.30 -8.80 39.35
N ARG E 70 34.61 -8.53 39.34
CA ARG E 70 35.30 -8.19 40.58
C ARG E 70 34.80 -6.87 41.15
N LEU E 71 34.52 -5.90 40.28
CA LEU E 71 33.98 -4.64 40.76
C LEU E 71 32.62 -4.82 41.40
N VAL E 72 31.75 -5.62 40.79
CA VAL E 72 30.45 -5.89 41.40
C VAL E 72 30.62 -6.60 42.72
N ARG E 73 31.60 -7.51 42.80
CA ARG E 73 31.88 -8.18 44.07
C ARG E 73 32.28 -7.18 45.14
N GLU E 74 33.14 -6.23 44.78
CA GLU E 74 33.58 -5.23 45.75
C GLU E 74 32.43 -4.36 46.23
N ILE E 75 31.59 -3.89 45.30
CA ILE E 75 30.51 -3.00 45.69
C ILE E 75 29.44 -3.76 46.48
N ALA E 76 29.34 -5.08 46.25
CA ALA E 76 28.45 -5.88 47.09
C ALA E 76 29.03 -6.06 48.49
N GLN E 77 30.33 -6.36 48.58
CA GLN E 77 31.00 -6.47 49.86
C GLN E 77 30.87 -5.19 50.66
N ASP E 78 30.77 -4.05 49.98
CA ASP E 78 30.50 -2.80 50.67
C ASP E 78 29.16 -2.85 51.40
N PHE E 79 28.15 -3.47 50.80
CA PHE E 79 26.84 -3.54 51.43
C PHE E 79 26.77 -4.68 52.44
N LYS E 80 27.08 -5.90 52.01
CA LYS E 80 27.01 -7.06 52.88
C LYS E 80 28.13 -8.03 52.48
N THR E 81 28.57 -8.83 53.44
CA THR E 81 29.69 -9.72 53.22
C THR E 81 29.22 -11.13 52.86
N ASP E 82 30.05 -11.81 52.07
CA ASP E 82 29.85 -13.21 51.70
C ASP E 82 28.50 -13.40 50.99
N LEU E 83 28.38 -12.77 49.83
CA LEU E 83 27.20 -12.90 48.96
C LEU E 83 27.60 -13.72 47.75
N ARG E 84 26.88 -14.82 47.51
CA ARG E 84 27.16 -15.67 46.37
C ARG E 84 26.32 -15.20 45.18
N PHE E 85 27.00 -14.88 44.08
CA PHE E 85 26.37 -14.32 42.90
C PHE E 85 26.07 -15.42 41.89
N GLN E 86 24.97 -15.25 41.17
CA GLN E 86 24.61 -16.12 40.06
C GLN E 86 25.29 -15.58 38.81
N SER E 87 25.98 -16.46 38.08
CA SER E 87 26.70 -16.04 36.89
C SER E 87 25.76 -15.38 35.88
N SER E 88 24.51 -15.83 35.82
CA SER E 88 23.52 -15.16 35.00
C SER E 88 23.22 -13.76 35.52
N ALA E 89 23.17 -13.61 36.85
CA ALA E 89 22.77 -12.33 37.44
C ALA E 89 23.73 -11.23 37.06
N VAL E 90 25.03 -11.44 37.26
CA VAL E 90 26.04 -10.44 36.98
C VAL E 90 25.88 -9.92 35.56
N NLE E 91 25.94 -10.85 34.60
CA NLE E 91 25.71 -10.56 33.19
C NLE E 91 24.58 -9.57 33.03
O NLE E 91 24.73 -8.53 32.38
CB NLE E 91 25.41 -11.84 32.41
CG NLE E 91 26.56 -12.84 32.40
CD NLE E 91 27.81 -12.24 31.78
CE NLE E 91 28.96 -13.26 31.78
N ALA E 92 23.46 -9.88 33.68
CA ALA E 92 22.27 -9.03 33.68
C ALA E 92 22.66 -7.58 33.91
N LEU E 93 23.12 -7.30 35.14
CA LEU E 93 23.55 -5.95 35.48
C LEU E 93 24.40 -5.37 34.39
N GLN E 94 25.40 -6.14 33.94
CA GLN E 94 26.33 -5.68 32.91
C GLN E 94 25.56 -5.00 31.81
N GLU E 95 24.69 -5.74 31.13
CA GLU E 95 24.01 -5.18 29.96
C GLU E 95 23.30 -3.89 30.31
N ALA E 96 22.53 -3.88 31.41
CA ALA E 96 21.77 -2.69 31.76
C ALA E 96 22.69 -1.48 31.81
N SER E 97 23.85 -1.63 32.44
CA SER E 97 24.81 -0.53 32.51
C SER E 97 25.02 0.11 31.14
N GLU E 98 25.51 -0.68 30.17
CA GLU E 98 25.81 -0.07 28.88
C GLU E 98 24.60 0.66 28.35
N ALA E 99 23.43 0.03 28.44
CA ALA E 99 22.20 0.68 27.98
C ALA E 99 22.12 2.09 28.54
N TYR E 100 22.01 2.18 29.87
CA TYR E 100 21.98 3.48 30.52
C TYR E 100 23.10 4.34 29.98
N LEU E 101 24.32 3.83 30.07
CA LEU E 101 25.48 4.67 29.77
C LEU E 101 25.41 5.17 28.34
N VAL E 102 25.08 4.28 27.39
CA VAL E 102 25.14 4.74 26.00
C VAL E 102 24.12 5.85 25.79
N ALA E 103 22.93 5.71 26.38
CA ALA E 103 21.93 6.76 26.23
C ALA E 103 22.50 8.09 26.66
N LEU E 104 23.14 8.12 27.84
CA LEU E 104 23.73 9.35 28.33
C LEU E 104 24.64 9.97 27.28
N PHE E 105 25.55 9.15 26.74
CA PHE E 105 26.50 9.66 25.75
C PHE E 105 25.76 10.35 24.62
N GLU E 106 24.76 9.68 24.05
CA GLU E 106 24.05 10.24 22.90
C GLU E 106 23.53 11.62 23.24
N ASP E 107 22.93 11.76 24.43
CA ASP E 107 22.39 13.06 24.82
C ASP E 107 23.50 14.11 24.85
N THR E 108 24.59 13.80 25.53
CA THR E 108 25.72 14.74 25.56
C THR E 108 26.12 15.12 24.14
N ASN E 109 26.11 14.14 23.24
CA ASN E 109 26.43 14.40 21.84
C ASN E 109 25.65 15.58 21.30
N LEU E 110 24.31 15.49 21.34
CA LEU E 110 23.52 16.57 20.76
C LEU E 110 23.75 17.88 21.52
N CYS E 111 24.03 17.78 22.83
CA CYS E 111 24.34 18.99 23.58
C CYS E 111 25.58 19.67 23.01
N ALA E 112 26.62 18.90 22.67
CA ALA E 112 27.79 19.50 22.05
C ALA E 112 27.42 20.17 20.73
N ILE E 113 26.49 19.57 19.99
CA ILE E 113 26.05 20.16 18.73
C ILE E 113 25.35 21.48 18.99
N HIS E 114 24.69 21.60 20.14
CA HIS E 114 24.05 22.86 20.48
C HIS E 114 25.06 23.94 20.83
N ALA E 115 26.32 23.56 21.06
CA ALA E 115 27.35 24.52 21.45
C ALA E 115 28.32 24.84 20.32
N LYS E 116 27.98 24.53 19.08
CA LYS E 116 28.79 24.85 17.91
C LYS E 116 30.18 24.22 18.00
N ARG E 117 30.21 22.93 18.33
CA ARG E 117 31.47 22.20 18.40
C ARG E 117 31.19 20.71 18.25
N VAL E 118 32.26 19.96 17.98
CA VAL E 118 32.16 18.52 17.82
C VAL E 118 32.57 17.74 19.07
N THR E 119 33.66 18.13 19.72
CA THR E 119 34.16 17.43 20.89
C THR E 119 33.19 17.59 22.06
N ILE E 120 32.97 16.50 22.79
CA ILE E 120 32.13 16.56 23.97
C ILE E 120 33.00 16.87 25.19
N NLE E 121 32.37 17.43 26.21
CA NLE E 121 33.10 17.90 27.39
C NLE E 121 32.39 17.46 28.66
O NLE E 121 31.18 17.20 28.62
CB NLE E 121 33.24 19.43 27.35
CG NLE E 121 34.05 19.96 26.18
CD NLE E 121 34.16 21.48 26.23
CE NLE E 121 32.77 22.12 26.23
N PRO E 122 33.12 17.37 29.78
CA PRO E 122 32.52 17.00 31.07
C PRO E 122 31.31 17.82 31.40
N LYS E 123 31.43 19.15 31.21
CA LYS E 123 30.34 20.06 31.52
C LYS E 123 29.04 19.64 30.83
N ASP E 124 29.14 19.09 29.62
CA ASP E 124 27.95 18.62 28.92
C ASP E 124 27.34 17.41 29.62
N ILE E 125 28.16 16.60 30.28
CA ILE E 125 27.62 15.45 30.99
C ILE E 125 26.77 15.90 32.18
N GLN E 126 27.27 16.87 32.94
CA GLN E 126 26.44 17.44 34.00
C GLN E 126 25.22 18.13 33.42
N LEU E 127 25.35 18.76 32.25
CA LEU E 127 24.20 19.31 31.57
C LEU E 127 23.12 18.25 31.38
N ALA E 128 23.50 17.13 30.78
CA ALA E 128 22.52 16.08 30.50
C ALA E 128 21.95 15.50 31.79
N ARG E 129 22.82 15.24 32.77
CA ARG E 129 22.36 14.63 34.02
C ARG E 129 21.38 15.53 34.75
N ARG E 130 21.62 16.84 34.73
CA ARG E 130 20.70 17.75 35.41
C ARG E 130 19.42 17.94 34.62
N ILE E 131 19.52 18.06 33.29
CA ILE E 131 18.34 18.40 32.51
C ILE E 131 17.42 17.20 32.38
N ARG E 132 17.97 15.98 32.48
CA ARG E 132 17.16 14.79 32.34
C ARG E 132 16.14 14.69 33.47
N GLY E 133 16.43 15.27 34.63
CA GLY E 133 15.54 15.17 35.77
C GLY E 133 15.86 13.96 36.62
N GLU E 134 17.15 13.73 36.86
CA GLU E 134 17.59 12.56 37.60
C GLU E 134 18.72 12.87 38.58
N ARG E 135 18.98 14.15 38.86
CA ARG E 135 20.07 14.52 39.75
C ARG E 135 19.85 13.99 41.16
N ARG F 24 39.81 -1.87 48.69
CA ARG F 24 40.17 -2.29 47.34
C ARG F 24 40.10 -1.12 46.37
N ASP F 25 40.59 -1.33 45.15
CA ASP F 25 40.58 -0.28 44.13
C ASP F 25 40.42 -0.97 42.77
N ASN F 26 39.18 -1.03 42.28
CA ASN F 26 38.87 -1.67 41.01
C ASN F 26 38.16 -0.76 40.02
N ILE F 27 37.83 0.48 40.42
CA ILE F 27 37.17 1.40 39.51
C ILE F 27 38.06 1.67 38.30
N GLN F 28 39.38 1.54 38.48
CA GLN F 28 40.29 1.64 37.35
C GLN F 28 40.20 0.44 36.43
N GLY F 29 39.47 -0.61 36.84
CA GLY F 29 39.27 -1.76 35.98
C GLY F 29 38.62 -1.43 34.65
N ILE F 30 37.63 -0.54 34.65
CA ILE F 30 37.04 -0.05 33.40
C ILE F 30 38.04 0.89 32.76
N THR F 31 38.78 0.38 31.78
CA THR F 31 39.94 1.08 31.25
C THR F 31 39.57 1.94 30.04
N LYS F 32 40.59 2.60 29.48
CA LYS F 32 40.37 3.55 28.41
C LYS F 32 39.75 2.95 27.16
N PRO F 33 40.27 1.86 26.58
CA PRO F 33 39.66 1.36 25.33
C PRO F 33 38.20 0.98 25.45
N ALA F 34 37.79 0.44 26.60
CA ALA F 34 36.39 0.02 26.75
C ALA F 34 35.46 1.22 26.73
N ILE F 35 35.76 2.25 27.52
CA ILE F 35 34.93 3.44 27.52
C ILE F 35 35.02 4.15 26.18
N ARG F 36 36.16 4.03 25.50
CA ARG F 36 36.29 4.58 24.15
C ARG F 36 35.32 3.90 23.19
N ARG F 37 35.24 2.57 23.27
CA ARG F 37 34.34 1.82 22.41
C ARG F 37 32.89 2.14 22.74
N LEU F 38 32.56 2.34 24.01
CA LEU F 38 31.19 2.68 24.34
C LEU F 38 30.86 4.11 23.92
N ALA F 39 31.84 5.01 23.96
CA ALA F 39 31.65 6.32 23.36
C ALA F 39 31.36 6.18 21.87
N ARG F 40 32.05 5.26 21.20
CA ARG F 40 31.75 4.96 19.81
C ARG F 40 30.30 4.48 19.67
N ARG F 41 29.83 3.70 20.63
CA ARG F 41 28.41 3.37 20.66
C ARG F 41 27.57 4.64 20.68
N GLY F 42 27.99 5.62 21.49
CA GLY F 42 27.19 6.82 21.66
C GLY F 42 26.98 7.60 20.37
N GLY F 43 28.02 7.70 19.54
CA GLY F 43 27.93 8.51 18.35
C GLY F 43 28.85 9.72 18.38
N VAL F 44 30.04 9.57 18.96
CA VAL F 44 31.02 10.64 19.04
C VAL F 44 32.36 10.14 18.51
N LYS F 45 33.18 11.08 18.05
CA LYS F 45 34.54 10.76 17.65
C LYS F 45 35.56 11.61 18.41
N ARG F 46 35.18 12.84 18.74
CA ARG F 46 36.06 13.77 19.43
C ARG F 46 35.65 13.80 20.90
N ILE F 47 36.48 13.23 21.76
CA ILE F 47 36.23 13.25 23.19
C ILE F 47 37.48 13.73 23.90
N SER F 48 37.28 14.45 25.00
CA SER F 48 38.38 15.05 25.76
C SER F 48 39.02 14.00 26.66
N GLY F 49 40.29 14.23 26.98
CA GLY F 49 41.03 13.33 27.83
C GLY F 49 40.70 13.43 29.31
N LEU F 50 39.88 14.40 29.70
CA LEU F 50 39.52 14.61 31.10
C LEU F 50 38.05 14.32 31.36
N ILE F 51 37.49 13.33 30.68
CA ILE F 51 36.08 12.96 30.86
C ILE F 51 35.92 11.64 31.59
N TYR F 52 36.98 10.87 31.79
CA TYR F 52 36.83 9.50 32.26
C TYR F 52 36.41 9.44 33.73
N GLU F 53 36.92 10.37 34.55
CA GLU F 53 36.70 10.30 35.99
C GLU F 53 35.21 10.46 36.34
N GLU F 54 34.52 11.42 35.72
CA GLU F 54 33.12 11.61 36.07
C GLU F 54 32.25 10.52 35.46
N THR F 55 32.67 9.94 34.33
CA THR F 55 31.96 8.77 33.82
C THR F 55 32.06 7.61 34.80
N ARG F 56 33.25 7.36 35.34
CA ARG F 56 33.39 6.32 36.35
C ARG F 56 32.53 6.62 37.56
N GLY F 57 32.48 7.89 37.96
CA GLY F 57 31.63 8.26 39.09
C GLY F 57 30.16 7.98 38.84
N VAL F 58 29.67 8.36 37.64
CA VAL F 58 28.26 8.13 37.30
C VAL F 58 27.96 6.64 37.27
N LEU F 59 28.86 5.86 36.66
CA LEU F 59 28.69 4.42 36.63
C LEU F 59 28.63 3.83 38.03
N LYS F 60 29.52 4.28 38.92
CA LYS F 60 29.53 3.77 40.28
C LYS F 60 28.22 4.11 40.99
N VAL F 61 27.72 5.33 40.78
CA VAL F 61 26.46 5.72 41.40
C VAL F 61 25.33 4.81 40.93
N PHE F 62 25.26 4.56 39.62
CA PHE F 62 24.21 3.69 39.11
C PHE F 62 24.29 2.29 39.69
N LEU F 63 25.50 1.72 39.71
CA LEU F 63 25.66 0.36 40.24
C LEU F 63 25.29 0.29 41.71
N GLU F 64 25.73 1.25 42.53
CA GLU F 64 25.37 1.17 43.94
C GLU F 64 23.88 1.34 44.13
N ASN F 65 23.26 2.24 43.35
CA ASN F 65 21.82 2.44 43.50
C ASN F 65 21.04 1.19 43.15
N VAL F 66 21.45 0.47 42.10
CA VAL F 66 20.76 -0.75 41.74
C VAL F 66 21.02 -1.85 42.77
N ILE F 67 22.28 -2.03 43.17
CA ILE F 67 22.61 -3.16 44.03
C ILE F 67 22.07 -2.97 45.45
N ARG F 68 21.77 -1.74 45.87
CA ARG F 68 21.07 -1.55 47.13
C ARG F 68 19.74 -2.31 47.13
N ASP F 69 18.91 -2.05 46.12
CA ASP F 69 17.65 -2.77 46.01
C ASP F 69 17.87 -4.25 45.78
N ALA F 70 18.92 -4.59 45.03
CA ALA F 70 19.22 -6.00 44.79
C ALA F 70 19.45 -6.75 46.09
N VAL F 71 20.31 -6.23 46.96
CA VAL F 71 20.62 -6.92 48.20
C VAL F 71 19.43 -6.88 49.15
N THR F 72 18.65 -5.79 49.12
CA THR F 72 17.42 -5.77 49.91
C THR F 72 16.51 -6.93 49.52
N TYR F 73 16.30 -7.11 48.22
CA TYR F 73 15.46 -8.20 47.75
C TYR F 73 16.04 -9.56 48.14
N THR F 74 17.35 -9.73 47.94
CA THR F 74 17.92 -11.07 48.13
C THR F 74 17.99 -11.43 49.61
N GLU F 75 18.07 -10.43 50.50
CA GLU F 75 18.12 -10.77 51.91
C GLU F 75 16.72 -10.87 52.52
N HIS F 76 15.73 -10.20 51.93
CA HIS F 76 14.37 -10.36 52.43
C HIS F 76 13.88 -11.79 52.29
N ALA F 77 14.30 -12.47 51.22
CA ALA F 77 13.88 -13.85 51.02
C ALA F 77 14.75 -14.85 51.78
N LYS F 78 15.63 -14.37 52.66
CA LYS F 78 16.46 -15.21 53.51
C LYS F 78 17.38 -16.13 52.72
N ARG F 79 17.78 -15.72 51.52
CA ARG F 79 18.73 -16.48 50.72
C ARG F 79 20.00 -15.67 50.58
N LYS F 80 21.13 -16.22 51.06
CA LYS F 80 22.37 -15.45 51.01
C LYS F 80 22.95 -15.39 49.61
N THR F 81 22.38 -16.12 48.65
CA THR F 81 22.79 -15.96 47.28
C THR F 81 22.04 -14.81 46.62
N VAL F 82 22.48 -14.44 45.42
CA VAL F 82 21.82 -13.41 44.62
C VAL F 82 21.51 -14.01 43.26
N THR F 83 20.23 -14.02 42.90
CA THR F 83 19.77 -14.58 41.65
C THR F 83 19.72 -13.46 40.60
N ALA F 84 19.20 -13.80 39.41
CA ALA F 84 19.06 -12.85 38.34
C ALA F 84 17.67 -12.22 38.26
N MET F 85 16.65 -12.94 38.72
CA MET F 85 15.28 -12.46 38.53
C MET F 85 15.00 -11.28 39.46
N ASP F 86 15.57 -11.27 40.66
CA ASP F 86 15.45 -10.13 41.55
C ASP F 86 16.16 -8.90 41.00
N VAL F 87 17.27 -9.10 40.30
CA VAL F 87 17.94 -7.96 39.66
C VAL F 87 17.00 -7.29 38.68
N VAL F 88 16.33 -8.08 37.85
CA VAL F 88 15.35 -7.54 36.92
C VAL F 88 14.22 -6.87 37.70
N TYR F 89 13.86 -7.45 38.84
CA TYR F 89 12.76 -6.89 39.62
C TYR F 89 13.12 -5.49 40.10
N ALA F 90 14.34 -5.33 40.62
CA ALA F 90 14.79 -4.03 41.09
C ALA F 90 14.90 -3.05 39.94
N LEU F 91 15.38 -3.52 38.79
CA LEU F 91 15.46 -2.66 37.61
C LEU F 91 14.08 -2.16 37.21
N LYS F 92 13.07 -3.03 37.24
CA LYS F 92 11.69 -2.63 36.97
C LYS F 92 11.17 -1.64 37.99
N ARG F 93 11.46 -1.85 39.27
CA ARG F 93 10.97 -0.95 40.30
C ARG F 93 11.60 0.43 40.16
N GLN F 94 12.87 0.48 39.76
CA GLN F 94 13.57 1.75 39.65
C GLN F 94 12.97 2.65 38.57
N GLY F 95 12.57 2.09 37.43
CA GLY F 95 12.08 2.85 36.30
C GLY F 95 12.51 2.32 34.96
N ARG F 96 13.67 1.67 34.88
CA ARG F 96 14.04 0.96 33.67
C ARG F 96 13.29 -0.37 33.61
N THR F 97 13.60 -1.16 32.58
CA THR F 97 13.04 -2.50 32.45
C THR F 97 13.99 -3.32 31.61
N LEU F 98 14.15 -4.60 31.95
CA LEU F 98 15.03 -5.49 31.23
C LEU F 98 14.23 -6.65 30.68
N TYR F 99 14.50 -7.00 29.42
CA TYR F 99 13.82 -8.06 28.71
C TYR F 99 14.80 -9.16 28.37
N GLY F 100 14.28 -10.39 28.27
CA GLY F 100 15.09 -11.52 27.88
C GLY F 100 15.78 -12.24 29.01
N PHE F 101 15.68 -11.75 30.24
CA PHE F 101 16.27 -12.39 31.41
C PHE F 101 15.15 -12.69 32.39
N GLY F 102 14.74 -13.96 32.44
CA GLY F 102 13.68 -14.38 33.34
C GLY F 102 12.31 -13.87 32.96
N LYS G 14 -15.54 -3.30 75.78
CA LYS G 14 -15.77 -2.58 74.54
C LYS G 14 -15.28 -1.13 74.65
N ALA G 15 -13.98 -0.97 74.87
CA ALA G 15 -13.36 0.34 74.94
C ALA G 15 -11.87 0.16 74.67
N LYS G 16 -11.09 1.22 74.92
CA LYS G 16 -9.62 1.17 74.79
C LYS G 16 -9.22 0.77 73.36
N THR G 17 -9.53 1.69 72.44
CA THR G 17 -9.26 1.46 71.03
C THR G 17 -7.79 1.12 70.80
N ARG G 18 -7.54 0.42 69.69
CA ARG G 18 -6.19 -0.07 69.42
C ARG G 18 -5.18 1.06 69.29
N SER G 19 -5.60 2.19 68.73
CA SER G 19 -4.71 3.34 68.67
C SER G 19 -4.34 3.80 70.08
N SER G 20 -5.31 3.84 70.98
CA SER G 20 -5.02 4.14 72.38
C SER G 20 -4.20 3.02 73.02
N ARG G 21 -4.47 1.77 72.64
CA ARG G 21 -3.75 0.64 73.22
C ARG G 21 -2.26 0.72 72.91
N ALA G 22 -1.91 1.08 71.68
CA ALA G 22 -0.52 1.29 71.31
C ALA G 22 -0.07 2.72 71.53
N GLY G 23 -0.95 3.59 72.02
CA GLY G 23 -0.60 4.97 72.28
C GLY G 23 -0.30 5.78 71.03
N LEU G 24 -1.12 5.61 70.01
CA LEU G 24 -0.99 6.34 68.75
C LEU G 24 -2.18 7.27 68.57
N GLN G 25 -2.22 7.96 67.44
CA GLN G 25 -3.29 8.89 67.13
C GLN G 25 -4.04 8.58 65.85
N PHE G 26 -3.34 8.18 64.80
CA PHE G 26 -4.02 7.82 63.56
C PHE G 26 -4.85 6.55 63.76
N PRO G 27 -6.05 6.51 63.20
CA PRO G 27 -6.96 5.40 63.49
C PRO G 27 -6.54 4.09 62.85
N VAL G 28 -6.08 3.15 63.69
CA VAL G 28 -5.64 1.86 63.18
C VAL G 28 -6.80 1.02 62.66
N GLY G 29 -7.97 1.15 63.27
CA GLY G 29 -9.10 0.34 62.83
C GLY G 29 -9.47 0.58 61.38
N ARG G 30 -9.58 1.85 61.00
CA ARG G 30 -9.95 2.15 59.62
C ARG G 30 -8.83 1.84 58.64
N VAL G 31 -7.57 1.96 59.06
CA VAL G 31 -6.47 1.52 58.21
C VAL G 31 -6.57 0.03 57.94
N HIS G 32 -6.83 -0.76 58.98
CA HIS G 32 -7.00 -2.20 58.79
C HIS G 32 -8.19 -2.50 57.88
N ARG G 33 -9.27 -1.72 58.05
CA ARG G 33 -10.43 -1.91 57.17
C ARG G 33 -10.05 -1.64 55.72
N LEU G 34 -9.28 -0.59 55.47
CA LEU G 34 -8.88 -0.26 54.10
C LEU G 34 -8.02 -1.36 53.51
N LEU G 35 -7.08 -1.90 54.29
CA LEU G 35 -6.30 -3.05 53.80
C LEU G 35 -7.19 -4.25 53.53
N ARG G 36 -8.24 -4.45 54.34
CA ARG G 36 -9.14 -5.57 54.08
C ARG G 36 -9.91 -5.38 52.77
N LYS G 37 -10.53 -4.22 52.59
CA LYS G 37 -11.42 -3.99 51.46
C LYS G 37 -10.73 -3.33 50.27
N GLY G 38 -9.44 -2.99 50.39
CA GLY G 38 -8.74 -2.43 49.25
C GLY G 38 -8.28 -3.46 48.25
N ASN G 39 -8.50 -4.74 48.55
CA ASN G 39 -8.07 -5.85 47.70
C ASN G 39 -6.57 -5.76 47.40
N TYR G 40 -5.79 -5.67 48.47
CA TYR G 40 -4.34 -5.72 48.37
C TYR G 40 -3.77 -7.10 48.64
N ALA G 41 -4.47 -7.94 49.38
CA ALA G 41 -4.08 -9.32 49.62
C ALA G 41 -5.32 -10.06 50.15
N GLU G 42 -5.12 -11.28 50.62
CA GLU G 42 -6.21 -12.09 51.16
C GLU G 42 -6.13 -12.28 52.66
N ARG G 43 -4.93 -12.34 53.24
CA ARG G 43 -4.76 -12.45 54.68
C ARG G 43 -3.82 -11.35 55.13
N VAL G 44 -4.29 -10.49 56.04
CA VAL G 44 -3.55 -9.32 56.49
C VAL G 44 -3.12 -9.55 57.92
N GLY G 45 -1.82 -9.34 58.19
CA GLY G 45 -1.32 -9.48 59.54
C GLY G 45 -1.88 -8.42 60.48
N ALA G 46 -1.91 -8.75 61.76
CA ALA G 46 -2.48 -7.84 62.75
C ALA G 46 -1.62 -6.60 62.92
N GLY G 47 -0.31 -6.74 62.89
CA GLY G 47 0.58 -5.61 63.12
C GLY G 47 0.74 -4.66 61.95
N ALA G 48 0.33 -5.07 60.76
CA ALA G 48 0.51 -4.22 59.58
C ALA G 48 -0.24 -2.90 59.67
N PRO G 49 -1.54 -2.87 59.98
CA PRO G 49 -2.20 -1.55 60.11
C PRO G 49 -1.61 -0.69 61.21
N VAL G 50 -1.19 -1.29 62.32
CA VAL G 50 -0.57 -0.52 63.39
C VAL G 50 0.70 0.14 62.89
N TYR G 51 1.54 -0.64 62.20
CA TYR G 51 2.80 -0.11 61.73
C TYR G 51 2.59 0.99 60.69
N LEU G 52 1.60 0.79 59.81
CA LEU G 52 1.29 1.82 58.83
C LEU G 52 0.80 3.10 59.49
N ALA G 53 -0.05 2.98 60.50
CA ALA G 53 -0.47 4.16 61.25
C ALA G 53 0.71 4.86 61.87
N ALA G 54 1.67 4.08 62.38
CA ALA G 54 2.86 4.68 62.98
C ALA G 54 3.66 5.49 61.96
N VAL G 55 3.94 4.90 60.81
CA VAL G 55 4.76 5.61 59.83
C VAL G 55 4.02 6.83 59.28
N LEU G 56 2.70 6.72 59.12
CA LEU G 56 1.92 7.86 58.67
C LEU G 56 1.97 8.99 59.69
N GLU G 57 1.85 8.66 60.98
CA GLU G 57 1.98 9.67 62.02
C GLU G 57 3.34 10.34 61.94
N TYR G 58 4.41 9.54 61.78
CA TYR G 58 5.75 10.11 61.75
C TYR G 58 5.90 11.09 60.58
N LEU G 59 5.46 10.69 59.40
CA LEU G 59 5.60 11.55 58.22
C LEU G 59 4.79 12.83 58.36
N THR G 60 3.52 12.70 58.79
CA THR G 60 2.69 13.88 58.96
C THR G 60 3.28 14.81 60.01
N ALA G 61 3.79 14.25 61.10
CA ALA G 61 4.37 15.08 62.15
C ALA G 61 5.57 15.84 61.64
N GLU G 62 6.45 15.17 60.90
CA GLU G 62 7.64 15.87 60.40
C GLU G 62 7.27 16.96 59.41
N ILE G 63 6.37 16.68 58.49
CA ILE G 63 6.01 17.70 57.50
C ILE G 63 5.30 18.88 58.17
N LEU G 64 4.46 18.60 59.17
CA LEU G 64 3.76 19.69 59.85
C LEU G 64 4.71 20.49 60.73
N GLU G 65 5.74 19.85 61.29
CA GLU G 65 6.73 20.60 62.05
C GLU G 65 7.53 21.53 61.15
N LEU G 66 7.90 21.06 59.96
CA LEU G 66 8.54 21.96 59.01
C LEU G 66 7.62 23.10 58.61
N ALA G 67 6.34 22.81 58.41
CA ALA G 67 5.38 23.86 58.10
C ALA G 67 5.29 24.89 59.22
N GLY G 68 5.27 24.41 60.47
CA GLY G 68 5.22 25.32 61.61
C GLY G 68 6.46 26.17 61.73
N ASN G 69 7.62 25.58 61.44
CA ASN G 69 8.86 26.36 61.42
C ASN G 69 8.80 27.46 60.37
N ALA G 70 8.30 27.12 59.18
CA ALA G 70 8.17 28.13 58.13
C ALA G 70 7.19 29.22 58.54
N ALA G 71 6.10 28.85 59.21
CA ALA G 71 5.15 29.84 59.70
C ALA G 71 5.79 30.76 60.73
N ARG G 72 6.62 30.20 61.61
CA ARG G 72 7.35 31.02 62.57
C ARG G 72 8.27 32.00 61.86
N ASP G 73 8.93 31.56 60.80
CA ASP G 73 9.81 32.46 60.06
C ASP G 73 9.01 33.63 59.47
N ASN G 74 7.84 33.35 58.90
CA ASN G 74 7.03 34.37 58.25
C ASN G 74 6.03 35.02 59.19
N LYS G 75 6.08 34.70 60.49
CA LYS G 75 5.22 35.30 61.53
C LYS G 75 3.76 35.39 61.09
N LYS G 76 3.24 34.28 60.56
CA LYS G 76 1.83 34.16 60.22
C LYS G 76 1.18 33.12 61.13
N THR G 77 0.05 33.49 61.72
CA THR G 77 -0.61 32.61 62.68
C THR G 77 -1.32 31.43 62.01
N ARG G 78 -1.59 31.52 60.70
CA ARG G 78 -2.21 30.44 59.96
C ARG G 78 -1.18 29.81 59.03
N ILE G 79 -1.61 28.77 58.31
CA ILE G 79 -0.78 28.11 57.32
C ILE G 79 -1.51 28.11 55.98
N ILE G 80 -0.84 28.58 54.94
CA ILE G 80 -1.37 28.53 53.58
C ILE G 80 -0.40 27.68 52.76
N PRO G 81 -0.80 27.15 51.61
CA PRO G 81 0.07 26.19 50.91
C PRO G 81 1.45 26.73 50.56
N ARG G 82 1.62 28.05 50.45
CA ARG G 82 2.93 28.59 50.15
C ARG G 82 3.95 28.22 51.23
N HIS G 83 3.55 28.33 52.50
CA HIS G 83 4.46 28.00 53.60
C HIS G 83 4.94 26.56 53.49
N LEU G 84 4.00 25.63 53.34
CA LEU G 84 4.38 24.21 53.32
C LEU G 84 5.14 23.86 52.06
N GLN G 85 4.85 24.53 50.94
CA GLN G 85 5.64 24.29 49.74
C GLN G 85 7.07 24.74 49.94
N LEU G 86 7.27 25.92 50.54
CA LEU G 86 8.63 26.37 50.84
C LEU G 86 9.31 25.41 51.79
N ALA G 87 8.56 24.85 52.74
CA ALA G 87 9.13 23.86 53.65
C ALA G 87 9.59 22.62 52.90
N VAL G 88 8.76 22.12 51.99
CA VAL G 88 9.09 20.88 51.28
C VAL G 88 10.28 21.10 50.35
N ARG G 89 10.23 22.16 49.55
CA ARG G 89 11.27 22.37 48.55
C ARG G 89 12.63 22.61 49.19
N ASN G 90 12.68 23.41 50.25
CA ASN G 90 13.97 23.76 50.86
C ASN G 90 14.61 22.56 51.53
N ASP G 91 13.86 21.52 51.84
CA ASP G 91 14.41 20.29 52.40
C ASP G 91 14.86 19.39 51.25
N GLU G 92 16.06 18.82 51.37
CA GLU G 92 16.58 18.00 50.30
C GLU G 92 15.89 16.63 50.25
N GLU G 93 15.66 16.03 51.42
CA GLU G 93 15.15 14.67 51.47
C GLU G 93 13.72 14.59 50.96
N LEU G 94 12.87 15.53 51.39
CA LEU G 94 11.50 15.55 50.91
C LEU G 94 11.45 15.88 49.42
N ASN G 95 12.37 16.72 48.96
CA ASN G 95 12.46 17.00 47.53
C ASN G 95 12.77 15.73 46.75
N LYS G 96 13.73 14.94 47.25
CA LYS G 96 14.07 13.69 46.56
C LYS G 96 12.92 12.71 46.60
N LEU G 97 12.22 12.63 47.73
CA LEU G 97 11.05 11.75 47.82
C LEU G 97 9.94 12.23 46.90
N LEU G 98 9.68 13.53 46.87
CA LEU G 98 8.63 14.10 46.04
C LEU G 98 9.21 14.60 44.72
N GLY G 99 9.71 13.64 43.93
CA GLY G 99 10.38 14.02 42.69
C GLY G 99 9.45 14.65 41.68
N ARG G 100 8.24 14.10 41.55
CA ARG G 100 7.27 14.53 40.55
C ARG G 100 5.98 14.91 41.30
N VAL G 101 5.87 16.19 41.63
CA VAL G 101 4.80 16.69 42.48
C VAL G 101 4.51 18.14 42.15
N THR G 102 3.25 18.53 42.26
CA THR G 102 2.82 19.92 42.15
C THR G 102 1.84 20.23 43.28
N ILE G 103 1.69 21.51 43.60
CA ILE G 103 0.82 21.96 44.67
C ILE G 103 -0.07 23.08 44.13
N ALA G 104 -1.38 22.98 44.40
CA ALA G 104 -2.32 24.02 44.00
C ALA G 104 -2.05 25.31 44.75
N GLN G 105 -2.25 26.44 44.07
CA GLN G 105 -1.92 27.76 44.59
C GLN G 105 -0.49 27.79 45.11
N GLY G 106 0.45 27.32 44.29
CA GLY G 106 1.80 27.09 44.75
C GLY G 106 2.75 28.25 44.61
N GLY G 107 3.84 28.05 43.89
CA GLY G 107 4.91 29.01 43.72
C GLY G 107 6.23 28.32 43.59
N VAL G 108 7.30 29.10 43.43
CA VAL G 108 8.64 28.58 43.29
C VAL G 108 9.57 29.32 44.24
N LEU G 109 10.51 28.60 44.82
CA LEU G 109 11.49 29.21 45.71
C LEU G 109 12.34 30.22 44.94
N PRO G 110 12.67 31.35 45.55
CA PRO G 110 13.40 32.39 44.83
C PRO G 110 14.82 31.96 44.51
N ASN G 111 15.22 32.12 43.25
CA ASN G 111 16.59 31.86 42.83
C ASN G 111 16.86 32.58 41.52
N ILE G 112 18.13 32.95 41.32
CA ILE G 112 18.60 33.57 40.09
C ILE G 112 19.96 32.98 39.75
N GLN G 113 20.18 32.71 38.47
CA GLN G 113 21.48 32.25 38.04
C GLN G 113 22.54 33.33 38.26
N SER G 114 23.76 32.88 38.59
CA SER G 114 24.83 33.81 38.89
C SER G 114 25.18 34.67 37.68
N VAL G 115 25.29 34.05 36.51
CA VAL G 115 25.65 34.78 35.30
C VAL G 115 24.55 35.77 34.91
N LEU G 116 23.30 35.43 35.21
CA LEU G 116 22.19 36.30 34.85
C LEU G 116 22.25 37.63 35.57
N LEU G 117 22.78 37.65 36.79
CA LEU G 117 22.90 38.88 37.55
C LEU G 117 23.91 39.83 36.90
N PRO G 118 23.70 41.15 37.03
CA PRO G 118 24.62 42.11 36.43
C PRO G 118 25.85 42.36 37.28
N LYS H 29 -24.95 15.64 53.50
CA LYS H 29 -26.17 14.84 53.54
C LYS H 29 -25.85 13.39 53.88
N THR H 30 -24.90 12.81 53.14
CA THR H 30 -24.51 11.43 53.32
C THR H 30 -23.22 11.35 54.14
N ARG H 31 -22.69 10.13 54.26
CA ARG H 31 -21.49 9.89 55.03
C ARG H 31 -20.29 9.82 54.10
N LYS H 32 -19.27 10.63 54.40
CA LYS H 32 -18.04 10.66 53.62
C LYS H 32 -16.84 10.63 54.57
N GLU H 33 -15.75 10.05 54.10
CA GLU H 33 -14.59 9.77 54.93
C GLU H 33 -13.46 10.76 54.63
N SER H 34 -12.72 11.14 55.66
CA SER H 34 -11.64 12.11 55.51
C SER H 34 -10.70 12.00 56.71
N TYR H 35 -9.51 12.59 56.55
CA TYR H 35 -8.53 12.69 57.63
C TYR H 35 -8.47 14.16 58.01
N ALA H 36 -9.32 14.57 58.95
CA ALA H 36 -9.34 15.96 59.40
C ALA H 36 -8.98 16.10 60.87
N ILE H 37 -9.60 15.29 61.74
CA ILE H 37 -9.36 15.41 63.17
C ILE H 37 -7.95 14.94 63.54
N TYR H 38 -7.49 13.86 62.91
CA TYR H 38 -6.23 13.25 63.34
C TYR H 38 -5.04 14.13 62.99
N VAL H 39 -5.00 14.65 61.76
CA VAL H 39 -3.94 15.57 61.39
C VAL H 39 -4.02 16.84 62.23
N TYR H 40 -5.23 17.26 62.59
CA TYR H 40 -5.39 18.44 63.44
C TYR H 40 -4.76 18.21 64.81
N LYS H 41 -5.02 17.05 65.40
CA LYS H 41 -4.41 16.74 66.70
C LYS H 41 -2.90 16.62 66.60
N VAL H 42 -2.41 16.02 65.51
CA VAL H 42 -0.96 15.91 65.33
C VAL H 42 -0.35 17.31 65.24
N LEU H 43 -1.02 18.22 64.54
CA LEU H 43 -0.54 19.59 64.47
C LEU H 43 -0.53 20.25 65.84
N LYS H 44 -1.61 20.06 66.61
CA LYS H 44 -1.67 20.68 67.94
C LYS H 44 -0.63 20.12 68.88
N GLN H 45 -0.19 18.88 68.66
CA GLN H 45 0.83 18.29 69.52
C GLN H 45 2.15 19.04 69.42
N VAL H 46 2.57 19.39 68.20
CA VAL H 46 3.89 19.95 68.00
C VAL H 46 3.89 21.47 67.96
N HIS H 47 2.85 22.11 67.44
CA HIS H 47 2.74 23.56 67.37
C HIS H 47 1.35 23.98 67.86
N PRO H 48 1.13 23.98 69.17
CA PRO H 48 -0.21 24.28 69.67
C PRO H 48 -0.51 25.78 69.65
N ASP H 49 -0.10 26.45 68.58
CA ASP H 49 -0.36 27.88 68.42
C ASP H 49 -0.78 28.30 67.02
N THR H 50 -0.62 27.45 66.00
CA THR H 50 -0.78 27.84 64.62
C THR H 50 -2.01 27.18 64.01
N GLY H 51 -2.83 27.98 63.33
CA GLY H 51 -3.99 27.47 62.64
C GLY H 51 -3.71 27.13 61.18
N ILE H 52 -4.65 26.42 60.57
CA ILE H 52 -4.55 26.03 59.16
C ILE H 52 -5.88 26.29 58.47
N SER H 53 -5.84 26.39 57.14
CA SER H 53 -7.03 26.65 56.35
C SER H 53 -7.43 25.37 55.64
N SER H 54 -8.64 25.38 55.05
CA SER H 54 -9.19 24.17 54.46
C SER H 54 -8.29 23.62 53.36
N LYS H 55 -7.57 24.51 52.66
CA LYS H 55 -6.67 24.05 51.61
C LYS H 55 -5.57 23.17 52.18
N ALA H 56 -5.04 23.55 53.36
CA ALA H 56 -4.06 22.72 54.01
C ALA H 56 -4.65 21.36 54.36
N MET H 57 -5.91 21.34 54.81
CA MET H 57 -6.58 20.08 55.09
C MET H 57 -6.62 19.20 53.84
N SER H 58 -7.06 19.77 52.72
CA SER H 58 -7.20 18.98 51.50
C SER H 58 -5.84 18.45 51.04
N ILE H 59 -4.81 19.30 51.08
CA ILE H 59 -3.50 18.87 50.58
C ILE H 59 -2.90 17.81 51.50
N MET H 60 -3.08 17.93 52.81
CA MET H 60 -2.55 16.91 53.71
C MET H 60 -3.30 15.59 53.54
N ASN H 61 -4.62 15.66 53.34
CA ASN H 61 -5.38 14.46 53.03
C ASN H 61 -4.83 13.78 51.77
N SER H 62 -4.61 14.57 50.72
CA SER H 62 -4.09 14.00 49.49
C SER H 62 -2.71 13.38 49.69
N PHE H 63 -1.85 14.05 50.45
CA PHE H 63 -0.50 13.53 50.66
C PHE H 63 -0.52 12.21 51.42
N VAL H 64 -1.26 12.16 52.53
CA VAL H 64 -1.29 10.95 53.33
C VAL H 64 -1.92 9.81 52.55
N ASN H 65 -2.99 10.09 51.80
CA ASN H 65 -3.55 9.04 50.97
C ASN H 65 -2.51 8.54 49.97
N ASP H 66 -1.91 9.46 49.21
CA ASP H 66 -1.00 9.07 48.14
C ASP H 66 0.10 8.14 48.69
N VAL H 67 0.72 8.54 49.80
CA VAL H 67 1.76 7.68 50.35
C VAL H 67 1.17 6.36 50.79
N PHE H 68 -0.08 6.36 51.27
CA PHE H 68 -0.67 5.09 51.70
C PHE H 68 -0.85 4.13 50.53
N GLU H 69 -1.44 4.58 49.41
CA GLU H 69 -1.53 3.67 48.27
C GLU H 69 -0.16 3.24 47.78
N ARG H 70 0.81 4.16 47.74
CA ARG H 70 2.12 3.76 47.23
C ARG H 70 2.73 2.64 48.05
N ILE H 71 2.81 2.83 49.38
CA ILE H 71 3.46 1.83 50.22
C ILE H 71 2.64 0.54 50.27
N ALA H 72 1.30 0.65 50.27
CA ALA H 72 0.47 -0.54 50.34
C ALA H 72 0.60 -1.37 49.08
N GLY H 73 0.58 -0.73 47.91
CA GLY H 73 0.77 -1.46 46.67
C GLY H 73 2.13 -2.11 46.59
N GLU H 74 3.17 -1.40 47.04
CA GLU H 74 4.49 -2.03 47.05
C GLU H 74 4.51 -3.26 47.93
N ALA H 75 3.88 -3.18 49.11
CA ALA H 75 3.85 -4.32 50.00
C ALA H 75 3.10 -5.50 49.38
N SER H 76 1.97 -5.21 48.72
CA SER H 76 1.19 -6.28 48.09
C SER H 76 2.02 -6.98 47.02
N ARG H 77 2.72 -6.20 46.20
CA ARG H 77 3.52 -6.81 45.15
C ARG H 77 4.72 -7.57 45.69
N LEU H 78 5.34 -7.10 46.79
CA LEU H 78 6.34 -7.92 47.48
C LEU H 78 5.77 -9.24 47.97
N ALA H 79 4.58 -9.19 48.58
CA ALA H 79 4.00 -10.43 49.08
C ALA H 79 3.72 -11.40 47.94
N HIS H 80 3.30 -10.87 46.79
CA HIS H 80 3.06 -11.74 45.64
C HIS H 80 4.35 -12.28 45.05
N TYR H 81 5.46 -11.56 45.26
CA TYR H 81 6.73 -12.02 44.68
C TYR H 81 7.11 -13.40 45.18
N ASN H 82 7.04 -13.61 46.49
CA ASN H 82 7.54 -14.84 47.10
C ASN H 82 6.46 -15.90 47.31
N LYS H 83 5.48 -15.96 46.40
CA LYS H 83 4.35 -16.89 46.45
C LYS H 83 3.82 -17.10 47.86
N ARG H 84 3.69 -16.00 48.60
CA ARG H 84 3.13 -16.03 49.94
C ARG H 84 1.76 -15.36 49.93
N SER H 85 0.85 -15.91 50.71
CA SER H 85 -0.55 -15.48 50.69
C SER H 85 -0.87 -14.40 51.72
N THR H 86 0.10 -13.96 52.52
CA THR H 86 -0.16 -13.03 53.61
C THR H 86 0.74 -11.82 53.48
N ILE H 87 0.36 -10.74 54.17
CA ILE H 87 1.18 -9.55 54.34
C ILE H 87 1.35 -9.32 55.84
N THR H 88 2.57 -9.45 56.33
CA THR H 88 2.89 -9.27 57.74
C THR H 88 3.64 -7.94 57.94
N SER H 89 4.16 -7.75 59.14
CA SER H 89 4.86 -6.50 59.43
C SER H 89 6.21 -6.42 58.73
N ARG H 90 6.95 -7.54 58.66
CA ARG H 90 8.28 -7.48 58.07
C ARG H 90 8.22 -7.19 56.58
N GLU H 91 7.10 -7.50 55.93
CA GLU H 91 6.90 -7.07 54.56
C GLU H 91 6.85 -5.54 54.48
N ILE H 92 6.15 -4.91 55.42
CA ILE H 92 6.12 -3.45 55.48
C ILE H 92 7.52 -2.92 55.76
N GLN H 93 8.28 -3.61 56.60
CA GLN H 93 9.66 -3.21 56.84
C GLN H 93 10.45 -3.17 55.54
N THR H 94 10.40 -4.26 54.78
CA THR H 94 11.17 -4.32 53.54
C THR H 94 10.69 -3.25 52.57
N ALA H 95 9.37 -3.04 52.49
CA ALA H 95 8.84 -2.03 51.58
C ALA H 95 9.31 -0.64 51.95
N VAL H 96 9.30 -0.31 53.24
CA VAL H 96 9.69 1.03 53.67
C VAL H 96 11.18 1.23 53.49
N ARG H 97 11.99 0.21 53.77
CA ARG H 97 13.42 0.33 53.50
C ARG H 97 13.69 0.51 52.01
N LEU H 98 12.91 -0.16 51.17
CA LEU H 98 13.16 -0.12 49.73
C LEU H 98 12.71 1.19 49.12
N LEU H 99 11.64 1.76 49.64
CA LEU H 99 11.01 2.90 48.98
C LEU H 99 11.53 4.24 49.47
N LEU H 100 11.48 4.47 50.78
CA LEU H 100 11.81 5.79 51.32
C LEU H 100 13.32 6.03 51.21
N PRO H 101 13.76 7.29 51.20
CA PRO H 101 15.20 7.57 51.25
C PRO H 101 15.79 7.20 52.60
N GLY H 102 17.12 7.27 52.67
CA GLY H 102 17.84 6.57 53.73
C GLY H 102 17.49 7.01 55.14
N GLU H 103 17.85 8.24 55.50
CA GLU H 103 17.76 8.65 56.91
C GLU H 103 16.32 8.66 57.39
N LEU H 104 15.40 9.13 56.53
CA LEU H 104 14.00 9.12 56.91
C LEU H 104 13.49 7.69 57.05
N ALA H 105 14.00 6.77 56.22
CA ALA H 105 13.63 5.37 56.38
C ALA H 105 14.09 4.82 57.71
N LYS H 106 15.32 5.16 58.12
CA LYS H 106 15.81 4.71 59.41
C LYS H 106 14.94 5.23 60.55
N HIS H 107 14.62 6.52 60.51
CA HIS H 107 13.76 7.08 61.55
C HIS H 107 12.40 6.39 61.57
N ALA H 108 11.81 6.21 60.39
CA ALA H 108 10.47 5.62 60.31
C ALA H 108 10.47 4.18 60.81
N VAL H 109 11.47 3.39 60.42
CA VAL H 109 11.50 2.00 60.83
C VAL H 109 11.74 1.90 62.33
N SER H 110 12.58 2.78 62.89
CA SER H 110 12.78 2.79 64.33
C SER H 110 11.47 3.09 65.06
N GLU H 111 10.77 4.15 64.63
CA GLU H 111 9.55 4.53 65.31
C GLU H 111 8.48 3.45 65.18
N GLY H 112 8.38 2.84 64.00
CA GLY H 112 7.40 1.77 63.81
C GLY H 112 7.70 0.55 64.65
N THR H 113 8.97 0.17 64.74
CA THR H 113 9.34 -0.96 65.58
C THR H 113 9.01 -0.67 67.04
N LYS H 114 9.28 0.56 67.49
CA LYS H 114 8.91 0.93 68.86
C LYS H 114 7.40 0.80 69.06
N ALA H 115 6.62 1.30 68.10
CA ALA H 115 5.17 1.25 68.23
C ALA H 115 4.66 -0.18 68.28
N VAL H 116 5.16 -1.05 67.41
CA VAL H 116 4.66 -2.43 67.37
C VAL H 116 5.09 -3.17 68.63
N THR H 117 6.30 -2.93 69.13
CA THR H 117 6.72 -3.58 70.36
C THR H 117 5.87 -3.14 71.54
N CYS H 118 5.62 -1.84 71.67
CA CYS H 118 4.81 -1.38 72.79
C CYS H 118 3.37 -1.83 72.66
N TYR H 119 2.89 -2.05 71.43
CA TYR H 119 1.55 -2.60 71.24
C TYR H 119 1.49 -4.06 71.67
N THR H 120 2.46 -4.86 71.21
CA THR H 120 2.41 -6.29 71.49
C THR H 120 2.68 -6.60 72.96
N SER H 121 3.56 -5.82 73.61
CA SER H 121 3.83 -6.06 75.02
C SER H 121 2.61 -5.83 75.88
N ALA H 122 1.82 -4.80 75.56
CA ALA H 122 0.60 -4.48 76.29
C ALA H 122 -0.56 -4.60 75.29
N LYS H 123 -1.10 -5.81 75.16
CA LYS H 123 -2.23 -6.05 74.28
C LYS H 123 -3.55 -5.89 75.02
N ALA K 21 -12.42 29.84 -36.38
CA ALA K 21 -13.83 30.04 -36.07
C ALA K 21 -14.71 29.27 -37.03
N ARG K 22 -14.45 27.97 -37.15
CA ARG K 22 -15.18 27.01 -37.98
C ARG K 22 -15.13 27.35 -39.46
N ALA K 23 -14.43 28.42 -39.85
CA ALA K 23 -14.26 28.80 -41.24
C ALA K 23 -12.82 29.04 -41.63
N GLU K 24 -11.88 28.99 -40.68
CA GLU K 24 -10.46 29.16 -40.94
C GLU K 24 -9.73 27.96 -40.34
N VAL K 25 -8.95 27.26 -41.17
CA VAL K 25 -8.28 26.04 -40.75
C VAL K 25 -6.99 26.42 -40.02
N HIS K 26 -6.92 26.10 -38.73
CA HIS K 26 -5.72 26.39 -37.96
C HIS K 26 -4.71 25.24 -38.08
N LEU K 27 -3.44 25.59 -37.94
CA LEU K 27 -2.34 24.69 -38.22
C LEU K 27 -1.95 23.91 -36.96
N ARG K 28 -0.78 23.26 -37.01
CA ARG K 28 -0.31 22.34 -35.97
C ARG K 28 -1.30 21.18 -35.81
N LYS K 29 -1.47 20.44 -36.91
CA LYS K 29 -2.44 19.35 -36.94
C LYS K 29 -1.88 18.08 -36.32
N SER K 30 -0.81 17.54 -36.89
CA SER K 30 -0.29 16.25 -36.43
C SER K 30 0.28 16.36 -35.02
N ALA K 31 -0.08 15.41 -34.16
CA ALA K 31 0.34 15.41 -32.76
C ALA K 31 1.15 14.18 -32.38
N PHE K 32 0.66 12.99 -32.75
CA PHE K 32 1.32 11.72 -32.37
C PHE K 32 1.47 11.62 -30.86
N ASP K 33 0.43 12.00 -30.13
CA ASP K 33 0.45 12.03 -28.66
C ASP K 33 -0.16 10.75 -28.09
N MET K 34 0.39 10.29 -26.98
CA MET K 34 -0.05 9.06 -26.33
C MET K 34 -0.68 9.31 -24.97
N PHE K 35 0.04 9.96 -24.06
CA PHE K 35 -0.46 10.26 -22.73
C PHE K 35 -1.26 11.56 -22.82
N ASN K 36 -2.56 11.43 -23.06
CA ASN K 36 -3.41 12.59 -23.28
C ASN K 36 -3.81 13.17 -21.93
N PHE K 37 -2.88 13.92 -21.35
CA PHE K 37 -3.07 14.54 -20.05
C PHE K 37 -2.60 15.99 -20.06
N LEU K 38 -2.29 16.52 -21.25
CA LEU K 38 -1.72 17.86 -21.38
C LEU K 38 -2.76 18.90 -20.99
N ALA K 39 -2.46 19.67 -19.96
CA ALA K 39 -3.34 20.73 -19.49
C ALA K 39 -2.57 22.04 -19.38
N SER K 40 -3.31 23.14 -19.36
CA SER K 40 -2.72 24.47 -19.23
C SER K 40 -2.66 24.95 -17.78
N LYS K 41 -3.08 24.13 -16.82
CA LYS K 41 -3.08 24.52 -15.42
C LYS K 41 -1.79 24.10 -14.71
N HIS K 42 -1.52 22.79 -14.64
CA HIS K 42 -0.34 22.25 -13.98
C HIS K 42 -0.19 22.78 -12.56
N ARG K 43 -1.33 22.82 -11.84
CA ARG K 43 -1.38 23.39 -10.49
C ARG K 43 -0.72 22.42 -9.51
N GLN K 44 0.61 22.50 -9.44
CA GLN K 44 1.37 21.65 -8.54
C GLN K 44 1.37 22.21 -7.12
N LEU K 71 22.22 3.54 7.27
CA LEU K 71 21.22 2.59 6.83
C LEU K 71 21.77 1.67 5.76
N PRO K 72 21.66 0.36 5.98
CA PRO K 72 22.14 -0.60 4.98
C PRO K 72 21.27 -0.59 3.72
N MET K 73 21.80 -1.23 2.67
CA MET K 73 21.20 -1.09 1.34
C MET K 73 19.96 -1.98 1.16
N PRO K 74 20.03 -3.30 1.35
CA PRO K 74 18.98 -4.18 0.77
C PRO K 74 17.55 -3.90 1.24
N MET K 75 17.36 -3.52 2.51
CA MET K 75 16.02 -3.47 3.08
C MET K 75 15.27 -2.19 2.76
N ARG K 76 15.86 -1.29 1.97
CA ARG K 76 15.21 -0.02 1.65
C ARG K 76 14.17 -0.19 0.55
N PHE K 77 13.77 -1.44 0.26
CA PHE K 77 12.82 -1.70 -0.81
C PHE K 77 11.44 -1.15 -0.50
N ARG K 78 11.05 -1.15 0.78
CA ARG K 78 9.71 -0.73 1.17
C ARG K 78 9.42 0.68 0.68
N HIS K 79 10.37 1.60 0.90
CA HIS K 79 10.16 3.00 0.53
C HIS K 79 9.86 3.15 -0.95
N LEU K 80 10.32 2.20 -1.77
CA LEU K 80 10.03 2.27 -3.20
C LEU K 80 8.53 2.18 -3.48
N LYS K 81 7.83 1.28 -2.79
CA LYS K 81 6.47 0.96 -3.20
C LYS K 81 5.39 1.62 -2.35
N LYS K 82 5.71 2.06 -1.13
CA LYS K 82 4.70 2.58 -0.22
C LYS K 82 4.83 4.07 0.01
N THR K 83 6.00 4.54 0.45
CA THR K 83 6.21 5.97 0.70
C THR K 83 6.92 6.62 -0.49
N SER K 84 6.34 6.43 -1.68
CA SER K 84 6.91 7.04 -2.89
C SER K 84 5.82 7.50 -3.84
N LYS K 85 4.64 7.85 -3.31
CA LYS K 85 3.50 8.21 -4.15
C LYS K 85 2.88 9.55 -3.76
N GLU K 86 3.60 10.39 -3.01
CA GLU K 86 3.04 11.68 -2.62
C GLU K 86 3.99 12.83 -2.92
N ALA K 87 5.29 12.56 -2.86
CA ALA K 87 6.29 13.62 -3.00
C ALA K 87 6.33 14.22 -4.40
N VAL K 88 5.75 13.57 -5.40
CA VAL K 88 5.81 14.02 -6.78
C VAL K 88 4.40 14.00 -7.36
N GLY K 89 4.03 15.09 -8.04
CA GLY K 89 2.81 15.15 -8.80
C GLY K 89 3.10 15.18 -10.30
N VAL K 90 2.07 14.91 -11.09
CA VAL K 90 2.18 14.87 -12.54
C VAL K 90 1.47 16.10 -13.10
N TYR K 91 2.21 16.96 -13.80
CA TYR K 91 1.67 18.21 -14.29
C TYR K 91 2.32 18.57 -15.61
N ARG K 92 1.88 19.69 -16.18
CA ARG K 92 2.37 20.13 -17.49
C ARG K 92 3.76 20.75 -17.33
N SER K 93 4.76 20.12 -17.92
CA SER K 93 6.12 20.61 -17.82
C SER K 93 6.29 21.89 -18.64
N PRO K 94 7.12 22.83 -18.19
CA PRO K 94 7.41 24.01 -19.03
C PRO K 94 8.54 23.80 -20.01
N ILE K 95 9.43 22.83 -19.77
CA ILE K 95 10.56 22.61 -20.66
C ILE K 95 10.10 22.04 -21.99
N HIS K 96 9.47 20.86 -21.95
CA HIS K 96 8.88 20.25 -23.14
C HIS K 96 7.90 19.16 -22.77
N GLY K 97 6.67 19.26 -23.28
CA GLY K 97 5.68 18.22 -23.04
C GLY K 97 5.24 18.16 -21.59
N ARG K 98 4.98 16.95 -21.12
CA ARG K 98 4.51 16.70 -19.77
C ARG K 98 5.68 16.49 -18.82
N GLY K 99 5.40 16.59 -17.53
CA GLY K 99 6.46 16.51 -16.54
C GLY K 99 5.98 16.09 -15.17
N LEU K 100 6.95 15.81 -14.30
CA LEU K 100 6.71 15.44 -12.92
C LEU K 100 7.07 16.61 -12.03
N PHE K 101 6.05 17.40 -11.71
CA PHE K 101 6.22 18.54 -10.81
C PHE K 101 6.27 18.06 -9.36
N CYS K 102 6.49 19.00 -8.45
CA CYS K 102 6.70 18.67 -7.05
C CYS K 102 5.81 19.50 -6.15
N LYS K 103 5.21 18.83 -5.17
CA LYS K 103 4.52 19.49 -4.07
C LYS K 103 5.20 19.26 -2.73
N ARG K 104 6.29 18.50 -2.69
CA ARG K 104 7.03 18.20 -1.48
C ARG K 104 8.49 18.57 -1.66
N ASN K 105 9.30 18.24 -0.66
CA ASN K 105 10.71 18.59 -0.63
C ASN K 105 11.55 17.37 -0.30
N ILE K 106 12.63 17.16 -1.04
CA ILE K 106 13.57 16.07 -0.82
C ILE K 106 14.99 16.61 -1.00
N ASP K 107 15.85 16.39 -0.01
CA ASP K 107 17.18 16.97 0.02
C ASP K 107 18.20 16.02 -0.61
N ALA K 108 19.48 16.32 -0.41
CA ALA K 108 20.57 15.58 -1.01
C ALA K 108 20.68 14.16 -0.45
N GLY K 109 21.20 13.27 -1.28
CA GLY K 109 21.48 11.90 -0.86
C GLY K 109 20.27 11.13 -0.38
N GLU K 110 19.12 11.35 -1.02
CA GLU K 110 17.88 10.71 -0.63
C GLU K 110 17.37 9.85 -1.78
N MET K 111 17.21 8.55 -1.53
CA MET K 111 16.68 7.64 -2.53
C MET K 111 15.22 7.98 -2.82
N VAL K 112 14.86 8.06 -4.10
CA VAL K 112 13.56 8.60 -4.46
C VAL K 112 12.70 7.61 -5.27
N ILE K 113 13.13 7.24 -6.48
CA ILE K 113 12.30 6.45 -7.38
C ILE K 113 13.13 5.32 -8.00
N GLU K 114 12.48 4.19 -8.20
CA GLU K 114 12.99 3.08 -9.00
C GLU K 114 12.27 3.06 -10.34
N TYR K 115 13.05 3.08 -11.42
CA TYR K 115 12.48 3.08 -12.77
C TYR K 115 12.35 1.65 -13.29
N ALA K 116 11.14 1.27 -13.68
CA ALA K 116 10.87 -0.06 -14.21
C ALA K 116 10.13 0.05 -15.54
N GLY K 117 10.40 -0.89 -16.43
CA GLY K 117 9.74 -0.91 -17.72
C GLY K 117 9.99 -2.23 -18.40
N ASN K 118 9.52 -2.34 -19.64
CA ASN K 118 9.60 -3.59 -20.39
C ASN K 118 11.05 -3.83 -20.78
N VAL K 119 11.77 -4.63 -20.00
CA VAL K 119 13.17 -4.90 -20.28
C VAL K 119 13.27 -5.95 -21.38
N ILE K 120 13.99 -5.62 -22.46
CA ILE K 120 14.12 -6.48 -23.62
C ILE K 120 15.58 -6.49 -24.06
N ARG K 121 15.90 -7.41 -24.96
CA ARG K 121 17.24 -7.50 -25.52
C ARG K 121 17.38 -6.56 -26.70
N SER K 122 18.59 -6.50 -27.27
CA SER K 122 18.88 -5.53 -28.33
C SER K 122 18.38 -5.97 -29.70
N ILE K 123 17.97 -7.23 -29.87
CA ILE K 123 17.42 -7.63 -31.16
C ILE K 123 16.05 -6.99 -31.40
N GLN K 124 15.25 -6.88 -30.34
CA GLN K 124 13.93 -6.25 -30.48
C GLN K 124 14.03 -4.76 -30.78
N THR K 125 15.23 -4.18 -30.73
CA THR K 125 15.38 -2.76 -30.98
C THR K 125 14.98 -2.39 -32.40
N ASP K 126 15.28 -3.26 -33.37
CA ASP K 126 14.94 -2.95 -34.76
C ASP K 126 13.43 -2.85 -34.96
N LYS K 127 12.70 -3.88 -34.55
CA LYS K 127 11.25 -3.87 -34.68
C LYS K 127 10.64 -2.78 -33.81
N ARG K 128 11.23 -2.53 -32.63
CA ARG K 128 10.72 -1.48 -31.77
C ARG K 128 10.86 -0.11 -32.41
N GLU K 129 12.01 0.16 -33.04
CA GLU K 129 12.19 1.45 -33.70
C GLU K 129 11.28 1.57 -34.92
N LYS K 130 11.07 0.47 -35.65
CA LYS K 130 10.12 0.50 -36.76
C LYS K 130 8.71 0.83 -36.26
N TYR K 131 8.30 0.23 -35.15
CA TYR K 131 6.99 0.54 -34.58
C TYR K 131 6.95 1.95 -34.00
N TYR K 132 8.08 2.46 -33.53
CA TYR K 132 8.14 3.84 -33.08
C TYR K 132 7.89 4.79 -34.24
N ASP K 133 8.51 4.51 -35.39
CA ASP K 133 8.27 5.30 -36.59
C ASP K 133 6.82 5.16 -37.04
N SER K 134 6.24 3.97 -36.92
CA SER K 134 4.88 3.76 -37.39
C SER K 134 3.86 4.49 -36.51
N LYS K 135 3.79 4.12 -35.22
CA LYS K 135 2.80 4.70 -34.32
C LYS K 135 3.13 6.14 -33.93
N GLY K 136 4.31 6.63 -34.29
CA GLY K 136 4.72 7.95 -33.86
C GLY K 136 5.18 7.95 -32.42
N ILE K 137 6.12 7.06 -32.10
CA ILE K 137 6.60 6.84 -30.74
C ILE K 137 7.98 7.45 -30.59
N GLY K 138 8.18 8.19 -29.49
CA GLY K 138 9.46 8.79 -29.21
C GLY K 138 10.51 7.75 -28.89
N CYS K 139 11.75 8.24 -28.76
CA CYS K 139 12.90 7.36 -28.53
C CYS K 139 12.96 6.98 -27.05
N TYR K 140 12.03 6.11 -26.66
CA TYR K 140 11.98 5.57 -25.30
C TYR K 140 12.94 4.41 -25.10
N MET K 141 13.96 4.28 -25.96
CA MET K 141 14.93 3.21 -25.86
C MET K 141 15.84 3.49 -24.68
N PHE K 142 15.34 3.19 -23.49
CA PHE K 142 16.12 3.37 -22.25
C PHE K 142 17.11 2.22 -22.16
N ARG K 143 18.33 2.48 -22.61
CA ARG K 143 19.39 1.47 -22.64
C ARG K 143 20.14 1.50 -21.31
N ILE K 144 19.76 0.61 -20.39
CA ILE K 144 20.56 0.45 -19.17
C ILE K 144 21.94 -0.07 -19.52
N ASP K 145 22.04 -0.93 -20.53
CA ASP K 145 23.32 -1.34 -21.09
C ASP K 145 23.12 -1.63 -22.56
N ASP K 146 24.22 -1.91 -23.26
CA ASP K 146 24.14 -2.20 -24.68
C ASP K 146 23.49 -3.55 -24.97
N SER K 147 23.27 -4.39 -23.95
CA SER K 147 22.66 -5.69 -24.14
C SER K 147 21.21 -5.76 -23.69
N GLU K 148 20.77 -4.90 -22.78
CA GLU K 148 19.38 -4.86 -22.34
C GLU K 148 18.89 -3.42 -22.39
N VAL K 149 17.72 -3.20 -22.97
CA VAL K 149 17.13 -1.88 -23.11
C VAL K 149 15.73 -1.91 -22.50
N VAL K 150 15.35 -0.80 -21.87
CA VAL K 150 14.07 -0.73 -21.14
C VAL K 150 13.10 0.00 -22.07
N ASP K 151 12.37 -0.78 -22.86
CA ASP K 151 11.30 -0.24 -23.68
C ASP K 151 10.16 0.26 -22.80
N ALA K 152 9.55 1.37 -23.22
CA ALA K 152 8.45 1.99 -22.50
C ALA K 152 7.36 2.45 -23.46
N THR K 153 7.00 1.58 -24.41
CA THR K 153 5.90 1.87 -25.32
C THR K 153 4.73 0.91 -25.17
N MET K 154 4.97 -0.29 -24.65
CA MET K 154 3.88 -1.21 -24.33
C MET K 154 3.72 -1.45 -22.85
N HIS K 155 4.78 -1.23 -22.07
CA HIS K 155 4.73 -1.35 -20.61
C HIS K 155 5.73 -0.38 -20.02
N GLY K 156 5.36 0.24 -18.90
CA GLY K 156 6.25 1.18 -18.24
C GLY K 156 5.62 1.73 -16.99
N ASN K 157 6.39 2.56 -16.29
CA ASN K 157 6.00 3.13 -15.01
C ASN K 157 5.73 4.63 -15.17
N ALA K 158 5.43 5.28 -14.05
CA ALA K 158 5.12 6.71 -14.05
C ALA K 158 6.33 7.58 -14.38
N ALA K 159 7.53 7.02 -14.36
CA ALA K 159 8.74 7.77 -14.69
C ALA K 159 8.96 7.90 -16.19
N ARG K 160 7.96 7.58 -17.00
CA ARG K 160 7.98 7.82 -18.43
C ARG K 160 7.74 9.29 -18.79
N PHE K 161 7.56 10.14 -17.78
CA PHE K 161 7.12 11.51 -17.98
C PHE K 161 8.27 12.51 -17.88
N ILE K 162 9.51 12.03 -17.90
CA ILE K 162 10.66 12.86 -17.59
C ILE K 162 11.11 13.64 -18.82
N ASN K 163 11.92 14.66 -18.58
CA ASN K 163 12.47 15.51 -19.63
C ASN K 163 13.99 15.54 -19.54
N HIS K 164 14.60 16.25 -20.48
CA HIS K 164 16.05 16.35 -20.59
C HIS K 164 16.45 17.81 -20.75
N SER K 165 17.55 18.17 -20.08
CA SER K 165 18.08 19.52 -20.18
C SER K 165 19.51 19.51 -19.66
N CYS K 166 20.33 20.41 -20.23
CA CYS K 166 21.71 20.54 -19.79
C CYS K 166 21.83 21.28 -18.46
N GLU K 167 20.72 21.64 -17.84
CA GLU K 167 20.70 22.19 -16.48
C GLU K 167 19.70 21.39 -15.66
N PRO K 168 20.02 20.14 -15.31
CA PRO K 168 19.06 19.30 -14.59
C PRO K 168 19.15 19.46 -13.08
N ASN K 169 18.35 18.67 -12.34
CA ASN K 169 18.33 18.73 -10.89
C ASN K 169 18.89 17.47 -10.22
N CYS K 170 18.93 16.35 -10.91
CA CYS K 170 19.34 15.09 -10.29
C CYS K 170 20.23 14.30 -11.24
N TYR K 171 21.03 13.41 -10.67
CA TYR K 171 21.86 12.50 -11.44
C TYR K 171 21.45 11.06 -11.18
N SER K 172 21.76 10.20 -12.15
CA SER K 172 21.35 8.80 -12.08
C SER K 172 22.30 7.99 -11.21
N ARG K 173 21.80 6.88 -10.68
CA ARG K 173 22.62 5.90 -9.99
C ARG K 173 21.92 4.55 -10.07
N VAL K 174 22.72 3.48 -9.98
CA VAL K 174 22.21 2.13 -10.05
C VAL K 174 22.87 1.30 -8.96
N ILE K 175 22.08 0.42 -8.34
CA ILE K 175 22.55 -0.48 -7.30
C ILE K 175 22.06 -1.88 -7.64
N ASN K 176 22.42 -2.85 -6.80
CA ASN K 176 22.01 -4.24 -6.97
C ASN K 176 21.46 -4.75 -5.64
N ILE K 177 20.19 -5.17 -5.65
CA ILE K 177 19.54 -5.70 -4.47
C ILE K 177 19.05 -7.11 -4.77
N ASP K 178 19.36 -8.05 -3.88
CA ASP K 178 18.90 -9.44 -3.99
C ASP K 178 19.35 -10.10 -5.29
N GLY K 179 20.47 -9.64 -5.84
CA GLY K 179 20.98 -10.18 -7.08
C GLY K 179 20.42 -9.55 -8.33
N GLN K 180 19.53 -8.57 -8.20
CA GLN K 180 18.91 -7.90 -9.35
C GLN K 180 19.38 -6.46 -9.40
N LYS K 181 19.76 -6.00 -10.59
CA LYS K 181 20.25 -4.64 -10.79
C LYS K 181 19.07 -3.71 -10.99
N HIS K 182 18.97 -2.70 -10.12
CA HIS K 182 17.88 -1.74 -10.16
C HIS K 182 18.43 -0.33 -10.06
N ILE K 183 17.78 0.59 -10.78
CA ILE K 183 18.25 1.97 -10.90
C ILE K 183 17.45 2.83 -9.93
N VAL K 184 18.13 3.40 -8.94
CA VAL K 184 17.53 4.29 -7.96
C VAL K 184 18.33 5.58 -7.94
N ILE K 185 17.61 6.71 -7.85
CA ILE K 185 18.24 8.03 -7.97
C ILE K 185 18.41 8.64 -6.59
N PHE K 186 19.60 9.20 -6.35
CA PHE K 186 19.91 9.90 -5.12
C PHE K 186 20.15 11.37 -5.43
N ALA K 187 19.49 12.25 -4.69
CA ALA K 187 19.53 13.66 -5.00
C ALA K 187 20.82 14.30 -4.47
N MET K 188 21.18 15.43 -5.07
CA MET K 188 22.33 16.21 -4.63
C MET K 188 21.94 17.52 -3.96
N ARG K 189 20.74 18.03 -4.22
CA ARG K 189 20.28 19.27 -3.61
C ARG K 189 18.88 19.05 -3.06
N LYS K 190 18.25 20.15 -2.61
CA LYS K 190 16.89 20.10 -2.08
C LYS K 190 15.88 20.42 -3.17
N ILE K 191 14.75 19.73 -3.12
CA ILE K 191 13.65 19.96 -4.05
C ILE K 191 12.72 21.04 -3.49
N TYR K 192 12.45 22.06 -4.29
CA TYR K 192 11.51 23.10 -3.95
C TYR K 192 10.10 22.72 -4.41
N ARG K 193 9.11 23.37 -3.81
CA ARG K 193 7.72 23.13 -4.18
C ARG K 193 7.40 23.82 -5.51
N GLY K 194 7.04 23.03 -6.51
CA GLY K 194 6.68 23.56 -7.80
C GLY K 194 7.72 23.41 -8.89
N GLU K 195 8.70 22.53 -8.74
CA GLU K 195 9.72 22.31 -9.75
C GLU K 195 9.60 20.89 -10.29
N GLU K 196 10.27 20.65 -11.41
CA GLU K 196 10.17 19.38 -12.15
C GLU K 196 11.47 18.61 -12.05
N LEU K 197 11.36 17.30 -11.78
CA LEU K 197 12.52 16.43 -11.82
C LEU K 197 13.07 16.33 -13.24
N THR K 198 14.39 16.35 -13.34
CA THR K 198 15.07 16.18 -14.62
C THR K 198 16.49 15.71 -14.33
N TYR K 199 16.98 14.77 -15.13
CA TYR K 199 18.32 14.24 -14.99
C TYR K 199 19.08 14.37 -16.30
N ASP K 200 20.39 14.63 -16.18
CA ASP K 200 21.24 14.75 -17.35
C ASP K 200 21.40 13.38 -18.01
N TYR K 201 21.19 13.32 -19.32
CA TYR K 201 21.31 12.07 -20.04
C TYR K 201 22.78 11.68 -20.28
N LYS K 202 23.71 12.61 -20.11
CA LYS K 202 25.14 12.34 -20.23
C LYS K 202 25.50 11.76 -21.61
N PHE K 203 24.90 12.31 -22.65
CA PHE K 203 25.22 11.91 -24.01
C PHE K 203 26.46 12.63 -24.49
N PRO K 204 27.53 11.92 -24.85
CA PRO K 204 28.74 12.60 -25.36
C PRO K 204 28.43 13.38 -26.63
N ILE K 205 29.06 14.54 -26.75
CA ILE K 205 28.81 15.42 -27.90
C ILE K 205 29.45 14.85 -29.17
N LYS K 211 17.84 13.93 -35.49
CA LYS K 211 18.16 15.18 -34.79
C LYS K 211 17.04 15.58 -33.84
N LEU K 212 17.23 15.29 -32.56
CA LEU K 212 16.25 15.65 -31.55
C LEU K 212 16.74 16.86 -30.77
N PRO K 213 16.18 18.04 -30.97
CA PRO K 213 16.62 19.21 -30.20
C PRO K 213 16.20 19.11 -28.74
N CYS K 214 16.92 19.84 -27.89
CA CYS K 214 16.63 19.93 -26.46
C CYS K 214 16.26 21.37 -26.16
N ASN K 215 14.96 21.70 -26.24
CA ASN K 215 14.49 23.06 -26.06
C ASN K 215 14.05 23.24 -24.61
N CYS K 216 14.95 23.81 -23.80
CA CYS K 216 14.67 24.10 -22.40
C CYS K 216 14.78 25.57 -22.04
N GLY K 217 15.54 26.35 -22.81
CA GLY K 217 15.70 27.77 -22.54
C GLY K 217 16.78 28.12 -21.55
N ALA K 218 17.44 27.14 -20.94
CA ALA K 218 18.53 27.42 -20.02
C ALA K 218 19.72 28.00 -20.78
N LYS K 219 20.48 28.85 -20.09
CA LYS K 219 21.64 29.48 -20.72
C LYS K 219 22.70 28.43 -21.07
N LYS K 220 22.92 27.46 -20.19
CA LYS K 220 23.89 26.39 -20.43
C LYS K 220 23.30 25.27 -21.30
N CYS K 221 22.00 25.31 -21.58
CA CYS K 221 21.36 24.29 -22.40
C CYS K 221 21.99 24.21 -23.78
N ARG K 222 22.61 23.07 -24.09
CA ARG K 222 23.26 22.86 -25.38
C ARG K 222 22.29 22.67 -26.53
N LYS K 223 20.98 22.80 -26.30
CA LYS K 223 19.94 22.70 -27.31
C LYS K 223 19.89 21.33 -27.97
N PHE K 224 20.57 20.34 -27.41
CA PHE K 224 20.62 19.01 -28.01
C PHE K 224 20.96 18.00 -26.92
N LEU K 225 20.70 16.72 -27.20
CA LEU K 225 20.93 15.68 -26.21
C LEU K 225 22.38 15.59 -25.77
N ASN K 226 23.30 16.13 -26.55
CA ASN K 226 24.72 16.09 -26.23
C ASN K 226 25.03 16.76 -24.89
N LYS L 33 -34.28 5.06 -53.85
CA LYS L 33 -33.60 6.28 -54.27
C LYS L 33 -34.02 7.46 -53.41
N PRO L 34 -33.04 8.18 -52.85
CA PRO L 34 -33.37 9.35 -52.04
C PRO L 34 -33.78 10.55 -52.87
N ASN L 35 -35.07 10.87 -52.87
CA ASN L 35 -35.61 11.96 -53.68
C ASN L 35 -35.72 13.24 -52.86
N TYR L 36 -34.59 13.69 -52.32
CA TYR L 36 -34.53 14.90 -51.50
C TYR L 36 -34.52 16.10 -52.42
N ALA L 37 -35.70 16.65 -52.68
CA ALA L 37 -35.87 17.79 -53.59
C ALA L 37 -36.00 19.08 -52.79
N LEU L 38 -35.36 20.13 -53.30
CA LEU L 38 -35.33 21.41 -52.59
C LEU L 38 -36.73 22.03 -52.55
N LYS L 39 -37.08 22.60 -51.41
CA LYS L 39 -38.33 23.32 -51.25
C LYS L 39 -38.15 24.76 -50.77
N PHE L 40 -37.21 25.00 -49.85
CA PHE L 40 -37.00 26.33 -49.31
C PHE L 40 -35.52 26.66 -49.29
N THR L 41 -35.18 27.85 -49.79
CA THR L 41 -33.83 28.39 -49.69
C THR L 41 -33.86 29.51 -48.66
N LEU L 42 -33.19 29.29 -47.53
CA LEU L 42 -33.24 30.20 -46.38
C LEU L 42 -31.93 30.96 -46.28
N ALA L 43 -32.01 32.28 -46.15
CA ALA L 43 -30.83 33.13 -46.06
C ALA L 43 -31.20 34.36 -45.26
N GLY L 44 -30.85 34.36 -43.97
CA GLY L 44 -31.13 35.49 -43.11
C GLY L 44 -29.89 36.05 -42.46
N HIS L 45 -28.85 35.23 -42.34
CA HIS L 45 -27.61 35.64 -41.70
C HIS L 45 -26.78 36.51 -42.65
N THR L 46 -25.70 37.07 -42.10
CA THR L 46 -24.90 38.06 -42.82
C THR L 46 -23.52 37.55 -43.23
N LYS L 47 -22.75 37.02 -42.28
CA LYS L 47 -21.37 36.65 -42.57
C LYS L 47 -21.28 35.38 -43.39
N ALA L 48 -21.72 34.25 -42.81
CA ALA L 48 -21.74 32.97 -43.52
C ALA L 48 -22.55 31.95 -42.74
N VAL L 49 -23.56 31.35 -43.39
CA VAL L 49 -24.37 30.34 -42.71
C VAL L 49 -23.59 29.03 -42.72
N SER L 50 -22.81 28.81 -41.67
CA SER L 50 -21.93 27.64 -41.60
C SER L 50 -22.25 26.72 -40.42
N SER L 51 -23.43 26.84 -39.83
CA SER L 51 -23.87 25.89 -38.80
C SER L 51 -25.40 25.91 -38.75
N VAL L 52 -26.01 24.88 -39.34
CA VAL L 52 -27.44 24.63 -39.20
C VAL L 52 -27.61 23.20 -38.69
N LYS L 53 -28.43 23.05 -37.65
CA LYS L 53 -28.59 21.77 -36.98
C LYS L 53 -30.06 21.40 -36.88
N PHE L 54 -30.40 20.21 -37.38
CA PHE L 54 -31.70 19.62 -37.15
C PHE L 54 -31.67 18.84 -35.85
N SER L 55 -32.33 19.38 -34.82
CA SER L 55 -32.32 18.78 -33.50
C SER L 55 -33.07 17.44 -33.52
N PRO L 56 -32.79 16.58 -32.54
CA PRO L 56 -33.49 15.28 -32.51
C PRO L 56 -35.00 15.39 -32.43
N ASN L 57 -35.54 16.47 -31.86
CA ASN L 57 -36.98 16.66 -31.91
C ASN L 57 -37.45 17.15 -33.28
N GLY L 58 -36.61 17.90 -33.99
CA GLY L 58 -36.94 18.39 -35.30
C GLY L 58 -38.11 19.36 -35.32
N GLU L 59 -38.10 20.35 -34.43
CA GLU L 59 -39.16 21.34 -34.37
CA GLU L 59 -39.16 21.34 -34.37
C GLU L 59 -38.75 22.68 -34.97
N TRP L 60 -37.55 23.16 -34.67
CA TRP L 60 -37.06 24.42 -35.20
CA TRP L 60 -37.06 24.42 -35.20
C TRP L 60 -35.56 24.31 -35.50
N LEU L 61 -35.11 25.16 -36.42
CA LEU L 61 -33.72 25.17 -36.86
C LEU L 61 -33.00 26.36 -36.22
N ALA L 62 -31.88 26.10 -35.56
CA ALA L 62 -31.08 27.16 -34.93
C ALA L 62 -29.93 27.55 -35.85
N SER L 63 -30.27 28.30 -36.90
CA SER L 63 -29.28 28.74 -37.86
C SER L 63 -28.30 29.69 -37.20
N SER L 64 -27.02 29.54 -37.53
CA SER L 64 -25.96 30.35 -36.95
C SER L 64 -24.98 30.80 -38.03
N SER L 65 -24.33 31.93 -37.77
CA SER L 65 -23.29 32.45 -38.64
C SER L 65 -22.18 33.01 -37.77
N ALA L 66 -21.11 33.49 -38.42
CA ALA L 66 -20.03 34.14 -37.70
C ALA L 66 -20.30 35.63 -37.52
N ASP L 67 -21.50 35.94 -37.00
CA ASP L 67 -21.92 37.32 -36.78
C ASP L 67 -22.72 37.45 -35.49
N LYS L 68 -22.38 36.65 -34.47
CA LYS L 68 -23.04 36.61 -33.17
C LYS L 68 -24.56 36.68 -33.27
N LEU L 69 -25.15 35.91 -34.18
CA LEU L 69 -26.59 35.82 -34.35
C LEU L 69 -27.03 34.37 -34.31
N ILE L 70 -28.15 34.11 -33.64
CA ILE L 70 -28.74 32.77 -33.57
C ILE L 70 -30.18 32.91 -34.04
N LYS L 71 -30.43 32.64 -35.32
CA LYS L 71 -31.74 32.84 -35.92
C LYS L 71 -32.54 31.55 -35.88
N ILE L 72 -33.76 31.61 -35.37
CA ILE L 72 -34.63 30.45 -35.30
C ILE L 72 -35.52 30.44 -36.53
N TRP L 73 -35.36 29.41 -37.36
CA TRP L 73 -36.13 29.24 -38.59
C TRP L 73 -37.00 28.00 -38.49
N GLY L 74 -37.93 27.89 -39.44
CA GLY L 74 -38.84 26.75 -39.47
C GLY L 74 -38.19 25.50 -40.06
N ALA L 75 -38.92 24.39 -39.94
CA ALA L 75 -38.47 23.11 -40.46
C ALA L 75 -39.33 22.63 -41.62
N TYR L 76 -40.64 22.50 -41.42
CA TYR L 76 -41.55 22.11 -42.49
C TYR L 76 -42.12 23.31 -43.24
N ASP L 77 -41.89 24.53 -42.75
CA ASP L 77 -42.40 25.72 -43.42
C ASP L 77 -41.39 26.85 -43.52
N GLY L 78 -40.28 26.81 -42.80
CA GLY L 78 -39.28 27.86 -42.88
C GLY L 78 -39.76 29.21 -42.38
N LYS L 79 -40.63 29.22 -41.37
CA LYS L 79 -41.13 30.47 -40.82
C LYS L 79 -40.09 31.10 -39.91
N PHE L 80 -40.00 32.44 -39.98
CA PHE L 80 -39.03 33.18 -39.17
C PHE L 80 -39.58 33.35 -37.75
N GLU L 81 -38.84 32.84 -36.77
CA GLU L 81 -39.27 32.92 -35.37
C GLU L 81 -38.70 34.15 -34.68
N LYS L 82 -37.37 34.24 -34.59
CA LYS L 82 -36.71 35.38 -33.97
C LYS L 82 -35.21 35.25 -34.23
N THR L 83 -34.44 36.18 -33.69
CA THR L 83 -32.98 36.17 -33.78
C THR L 83 -32.43 36.46 -32.38
N ILE L 84 -32.10 35.39 -31.66
CA ILE L 84 -31.51 35.52 -30.34
C ILE L 84 -30.06 35.97 -30.48
N SER L 85 -29.69 37.00 -29.71
CA SER L 85 -28.34 37.55 -29.73
C SER L 85 -27.89 37.79 -28.29
N GLY L 86 -26.71 38.38 -28.14
CA GLY L 86 -26.18 38.67 -26.82
C GLY L 86 -24.69 38.44 -26.69
N HIS L 87 -24.14 37.56 -27.52
CA HIS L 87 -22.71 37.30 -27.50
C HIS L 87 -21.95 38.44 -28.18
N LYS L 88 -20.63 38.30 -28.27
CA LYS L 88 -19.79 39.35 -28.83
C LYS L 88 -19.11 38.97 -30.13
N LEU L 89 -18.80 37.69 -30.35
CA LEU L 89 -18.11 37.29 -31.57
C LEU L 89 -18.80 36.11 -32.24
N GLY L 90 -18.15 35.53 -33.24
CA GLY L 90 -18.77 34.48 -34.03
C GLY L 90 -18.96 33.18 -33.26
N ILE L 91 -19.71 32.28 -33.88
CA ILE L 91 -20.05 30.99 -33.31
C ILE L 91 -19.39 29.89 -34.14
N SER L 92 -18.83 28.89 -33.45
CA SER L 92 -18.19 27.77 -34.12
C SER L 92 -19.05 26.51 -34.14
N ASP L 93 -19.95 26.34 -33.17
CA ASP L 93 -20.82 25.18 -33.12
C ASP L 93 -22.08 25.54 -32.35
N VAL L 94 -23.20 24.97 -32.79
CA VAL L 94 -24.50 25.18 -32.14
C VAL L 94 -25.16 23.82 -31.93
N ALA L 95 -25.88 23.70 -30.82
CA ALA L 95 -26.54 22.43 -30.51
C ALA L 95 -27.72 22.66 -29.57
N TRP L 96 -28.74 21.83 -29.74
CA TRP L 96 -29.89 21.75 -28.85
C TRP L 96 -29.90 20.38 -28.17
N SER L 97 -30.58 20.30 -27.03
CA SER L 97 -30.58 19.09 -26.22
C SER L 97 -31.53 18.06 -26.81
N SER L 98 -31.80 17.00 -26.06
CA SER L 98 -32.74 15.98 -26.52
CA SER L 98 -32.75 15.97 -26.52
C SER L 98 -34.14 16.56 -26.70
N ASP L 99 -34.58 17.38 -25.75
CA ASP L 99 -35.87 18.05 -25.85
C ASP L 99 -35.76 19.42 -26.52
N SER L 100 -34.57 19.80 -26.99
CA SER L 100 -34.35 21.04 -27.71
C SER L 100 -34.76 22.27 -26.88
N ASN L 101 -34.45 22.21 -25.58
CA ASN L 101 -34.70 23.34 -24.69
C ASN L 101 -33.44 24.18 -24.51
N LEU L 102 -32.34 23.56 -24.13
CA LEU L 102 -31.07 24.25 -24.01
C LEU L 102 -30.49 24.55 -25.39
N LEU L 103 -29.65 25.58 -25.47
CA LEU L 103 -29.04 25.99 -26.72
C LEU L 103 -27.60 26.40 -26.44
N VAL L 104 -26.65 25.58 -26.87
CA VAL L 104 -25.23 25.89 -26.70
C VAL L 104 -24.66 26.39 -28.02
N SER L 105 -23.89 27.47 -27.94
CA SER L 105 -23.26 28.07 -29.10
C SER L 105 -21.81 28.38 -28.76
N ALA L 106 -20.90 28.11 -29.69
CA ALA L 106 -19.47 28.29 -29.46
C ALA L 106 -19.05 29.72 -29.78
N SER L 107 -19.54 30.65 -28.98
CA SER L 107 -19.12 32.04 -29.10
C SER L 107 -17.67 32.20 -28.68
N ASP L 108 -16.93 33.00 -29.45
CA ASP L 108 -15.49 33.15 -29.26
C ASP L 108 -15.13 34.30 -28.32
N ASP L 109 -16.07 34.75 -27.48
CA ASP L 109 -15.81 35.82 -26.53
C ASP L 109 -15.39 35.29 -25.16
N LYS L 110 -14.74 34.13 -25.11
CA LYS L 110 -14.27 33.47 -23.90
C LYS L 110 -15.41 33.02 -22.99
N THR L 111 -16.64 33.07 -23.47
CA THR L 111 -17.80 32.64 -22.70
C THR L 111 -18.82 31.98 -23.63
N LEU L 112 -19.71 31.20 -23.04
CA LEU L 112 -20.83 30.60 -23.73
C LEU L 112 -22.09 30.81 -22.91
N LYS L 113 -23.24 30.79 -23.58
CA LYS L 113 -24.53 31.02 -22.93
C LYS L 113 -25.57 30.05 -23.47
N ILE L 114 -26.59 29.81 -22.64
CA ILE L 114 -27.77 29.04 -23.05
C ILE L 114 -28.90 30.03 -23.26
N TRP L 115 -29.52 30.00 -24.43
CA TRP L 115 -30.57 30.94 -24.78
C TRP L 115 -31.92 30.24 -24.76
N ASP L 116 -32.88 30.84 -24.05
CA ASP L 116 -34.19 30.24 -23.90
C ASP L 116 -34.90 30.20 -25.24
N VAL L 117 -35.38 29.02 -25.63
CA VAL L 117 -36.09 28.89 -26.90
C VAL L 117 -37.43 29.62 -26.84
N SER L 118 -38.06 29.67 -25.67
CA SER L 118 -39.37 30.30 -25.55
C SER L 118 -39.28 31.82 -25.61
N SER L 119 -38.28 32.41 -24.96
CA SER L 119 -38.18 33.86 -24.85
C SER L 119 -36.99 34.42 -25.62
N GLY L 120 -35.77 33.94 -25.36
CA GLY L 120 -34.61 34.44 -26.05
C GLY L 120 -33.68 35.25 -25.18
N LYS L 121 -33.56 34.87 -23.92
CA LYS L 121 -32.70 35.54 -22.95
CA LYS L 121 -32.68 35.56 -22.97
C LYS L 121 -31.56 34.62 -22.53
N CYS L 122 -30.52 35.21 -21.95
CA CYS L 122 -29.37 34.44 -21.50
C CYS L 122 -29.72 33.70 -20.21
N LEU L 123 -29.69 32.37 -20.27
CA LEU L 123 -30.03 31.59 -19.09
C LEU L 123 -28.85 31.49 -18.13
N LYS L 124 -27.77 30.85 -18.55
CA LYS L 124 -26.63 30.59 -17.68
C LYS L 124 -25.34 30.83 -18.44
N THR L 125 -24.28 31.16 -17.70
CA THR L 125 -22.98 31.49 -18.26
C THR L 125 -22.05 30.29 -18.19
N LEU L 126 -21.19 30.17 -19.19
CA LEU L 126 -20.25 29.06 -19.33
C LEU L 126 -18.81 29.57 -19.32
N LYS L 127 -18.51 30.51 -18.43
CA LYS L 127 -17.17 31.09 -18.40
C LYS L 127 -16.14 30.06 -17.96
N GLY L 128 -14.91 30.25 -18.45
CA GLY L 128 -13.82 29.37 -18.08
C GLY L 128 -12.84 29.07 -19.20
N HIS L 129 -13.29 29.16 -20.45
CA HIS L 129 -12.42 28.86 -21.58
C HIS L 129 -11.43 30.01 -21.79
N SER L 130 -10.15 29.66 -21.95
CA SER L 130 -9.09 30.66 -22.04
C SER L 130 -8.87 31.18 -23.46
N ASN L 131 -9.58 30.65 -24.45
CA ASN L 131 -9.41 31.10 -25.83
C ASN L 131 -10.72 30.91 -26.57
N TYR L 132 -10.65 30.97 -27.89
CA TYR L 132 -11.85 30.85 -28.72
C TYR L 132 -12.50 29.47 -28.54
N VAL L 133 -13.81 29.47 -28.37
CA VAL L 133 -14.55 28.23 -28.21
C VAL L 133 -14.82 27.65 -29.59
N PHE L 134 -14.39 26.41 -29.82
CA PHE L 134 -14.50 25.81 -31.15
C PHE L 134 -15.49 24.67 -31.22
N CYS L 135 -15.70 23.93 -30.13
CA CYS L 135 -16.62 22.80 -30.13
C CYS L 135 -17.50 22.85 -28.89
N CYS L 136 -18.77 22.50 -29.08
CA CYS L 136 -19.72 22.44 -27.97
C CYS L 136 -20.94 21.67 -28.43
N ASN L 137 -21.42 20.78 -27.56
CA ASN L 137 -22.61 19.98 -27.84
C ASN L 137 -23.30 19.67 -26.52
N PHE L 138 -24.21 18.71 -26.54
CA PHE L 138 -25.06 18.38 -25.41
C PHE L 138 -25.05 16.88 -25.14
N ASN L 139 -25.88 16.47 -24.17
CA ASN L 139 -26.05 15.09 -23.77
C ASN L 139 -27.49 14.66 -24.05
N PRO L 140 -27.71 13.49 -24.64
CA PRO L 140 -29.10 13.04 -24.85
C PRO L 140 -29.88 12.87 -23.55
N GLN L 141 -29.20 12.74 -22.41
CA GLN L 141 -29.90 12.71 -21.13
C GLN L 141 -30.28 14.10 -20.63
N SER L 142 -29.84 15.15 -21.32
CA SER L 142 -30.18 16.53 -20.97
C SER L 142 -29.77 16.86 -19.54
N ASN L 143 -28.60 16.33 -19.13
CA ASN L 143 -28.07 16.59 -17.81
C ASN L 143 -26.63 17.07 -17.80
N LEU L 144 -25.97 17.14 -18.95
CA LEU L 144 -24.58 17.55 -19.04
C LEU L 144 -24.39 18.49 -20.23
N ILE L 145 -23.37 19.35 -20.14
CA ILE L 145 -23.02 20.26 -21.23
C ILE L 145 -21.51 20.16 -21.43
N VAL L 146 -21.10 20.11 -22.69
CA VAL L 146 -19.69 19.96 -23.05
C VAL L 146 -19.26 21.15 -23.91
N SER L 147 -18.04 21.63 -23.68
CA SER L 147 -17.49 22.72 -24.47
C SER L 147 -15.98 22.54 -24.58
N GLY L 148 -15.40 23.19 -25.59
CA GLY L 148 -13.98 23.05 -25.84
C GLY L 148 -13.40 24.26 -26.54
N SER L 149 -12.13 24.51 -26.26
CA SER L 149 -11.44 25.70 -26.77
C SER L 149 -9.98 25.33 -27.04
N PHE L 150 -9.13 26.35 -27.21
CA PHE L 150 -7.74 26.16 -27.59
C PHE L 150 -6.82 25.92 -26.40
N ASP L 151 -7.36 25.46 -25.28
CA ASP L 151 -6.56 25.17 -24.09
C ASP L 151 -6.25 23.68 -23.94
N GLU L 152 -6.06 22.98 -25.06
CA GLU L 152 -5.76 21.55 -25.13
C GLU L 152 -6.61 20.73 -24.18
N SER L 153 -7.86 21.14 -23.99
CA SER L 153 -8.75 20.47 -23.05
C SER L 153 -10.19 20.82 -23.39
N VAL L 154 -11.10 20.12 -22.72
CA VAL L 154 -12.53 20.39 -22.79
C VAL L 154 -13.05 20.52 -21.36
N ARG L 155 -14.24 21.10 -21.24
CA ARG L 155 -14.81 21.41 -19.94
C ARG L 155 -16.32 21.17 -19.95
N ILE L 156 -16.86 21.04 -18.74
CA ILE L 156 -18.29 20.89 -18.51
C ILE L 156 -18.70 21.89 -17.44
N TRP L 157 -20.00 22.20 -17.40
CA TRP L 157 -20.54 23.15 -16.45
C TRP L 157 -21.90 22.67 -15.97
N ASP L 158 -22.31 23.18 -14.80
CA ASP L 158 -23.61 22.83 -14.26
C ASP L 158 -24.72 23.43 -15.11
N VAL L 159 -25.83 22.70 -15.22
CA VAL L 159 -26.94 23.18 -16.05
C VAL L 159 -27.80 24.18 -15.30
N LYS L 160 -27.95 24.00 -13.98
CA LYS L 160 -28.80 24.89 -13.20
C LYS L 160 -28.11 26.23 -12.92
N THR L 161 -26.80 26.21 -12.70
CA THR L 161 -26.06 27.41 -12.35
C THR L 161 -25.02 27.80 -13.40
N GLY L 162 -24.15 26.88 -13.79
CA GLY L 162 -23.13 27.18 -14.78
C GLY L 162 -21.78 27.51 -14.20
N LYS L 163 -21.29 26.66 -13.29
CA LYS L 163 -19.98 26.85 -12.67
C LYS L 163 -18.99 25.81 -13.18
N CYS L 164 -17.72 25.99 -12.79
CA CYS L 164 -16.66 25.11 -13.25
C CYS L 164 -16.76 23.74 -12.58
N LEU L 165 -16.69 22.68 -13.38
CA LEU L 165 -16.75 21.32 -12.87
C LEU L 165 -15.46 20.54 -13.13
N LYS L 166 -15.04 20.42 -14.39
CA LYS L 166 -13.85 19.64 -14.73
C LYS L 166 -13.12 20.30 -15.89
N THR L 167 -11.83 19.97 -16.01
CA THR L 167 -10.99 20.38 -17.14
C THR L 167 -10.29 19.13 -17.65
N LEU L 168 -10.94 18.41 -18.57
CA LEU L 168 -10.41 17.14 -19.05
C LEU L 168 -9.59 17.37 -20.31
N PRO L 169 -8.29 17.10 -20.31
CA PRO L 169 -7.49 17.27 -21.53
C PRO L 169 -7.96 16.37 -22.67
N ALA L 170 -8.51 16.96 -23.72
CA ALA L 170 -9.04 16.14 -24.82
C ALA L 170 -7.91 15.62 -25.71
N HIS L 171 -7.17 16.53 -26.34
CA HIS L 171 -5.99 16.20 -27.12
C HIS L 171 -5.00 17.36 -27.05
N SER L 172 -3.88 17.21 -27.75
CA SER L 172 -2.83 18.23 -27.78
CA SER L 172 -2.83 18.23 -27.78
C SER L 172 -3.07 19.30 -28.83
N ASP L 173 -4.19 19.25 -29.52
CA ASP L 173 -4.57 20.22 -30.54
C ASP L 173 -5.97 20.71 -30.26
N PRO L 174 -6.34 21.90 -30.76
CA PRO L 174 -7.70 22.40 -30.53
C PRO L 174 -8.75 21.42 -31.03
N VAL L 175 -9.80 21.26 -30.24
CA VAL L 175 -10.80 20.23 -30.50
C VAL L 175 -11.84 20.77 -31.47
N SER L 176 -12.14 20.00 -32.51
CA SER L 176 -13.06 20.46 -33.55
C SER L 176 -14.51 20.10 -33.24
N ALA L 177 -14.76 18.89 -32.77
CA ALA L 177 -16.14 18.45 -32.55
C ALA L 177 -16.16 17.32 -31.52
N VAL L 178 -17.07 17.41 -30.56
CA VAL L 178 -17.33 16.36 -29.58
C VAL L 178 -18.83 16.23 -29.40
N HIS L 179 -19.27 15.06 -28.93
CA HIS L 179 -20.67 14.85 -28.60
C HIS L 179 -20.80 13.67 -27.64
N PHE L 180 -21.78 13.76 -26.76
CA PHE L 180 -22.08 12.65 -25.87
C PHE L 180 -22.71 11.50 -26.64
N ASN L 181 -22.65 10.30 -26.06
CA ASN L 181 -23.29 9.14 -26.67
C ASN L 181 -24.78 9.17 -26.38
N ARG L 182 -25.53 8.40 -27.18
CA ARG L 182 -26.97 8.33 -27.02
C ARG L 182 -27.37 7.77 -25.66
N ASP L 183 -26.51 6.95 -25.05
CA ASP L 183 -26.76 6.42 -23.72
C ASP L 183 -26.26 7.34 -22.61
N GLY L 184 -25.60 8.44 -22.96
CA GLY L 184 -25.14 9.40 -21.97
C GLY L 184 -24.06 8.91 -21.04
N SER L 185 -23.07 8.20 -21.58
CA SER L 185 -21.96 7.70 -20.75
C SER L 185 -20.58 7.89 -21.37
N LEU L 186 -20.47 8.18 -22.67
CA LEU L 186 -19.20 8.30 -23.35
C LEU L 186 -19.17 9.56 -24.20
N ILE L 187 -17.96 10.00 -24.55
CA ILE L 187 -17.76 11.13 -25.46
C ILE L 187 -16.73 10.70 -26.50
N VAL L 188 -16.96 11.10 -27.74
CA VAL L 188 -16.00 10.90 -28.82
C VAL L 188 -15.34 12.24 -29.13
N SER L 189 -14.01 12.29 -28.99
CA SER L 189 -13.28 13.55 -29.06
C SER L 189 -12.43 13.57 -30.32
N SER L 190 -12.55 14.63 -31.11
CA SER L 190 -11.84 14.79 -32.36
C SER L 190 -11.06 16.10 -32.37
N SER L 191 -9.77 16.01 -32.63
CA SER L 191 -8.94 17.17 -32.92
C SER L 191 -8.19 16.93 -34.23
N TYR L 192 -7.38 17.90 -34.63
CA TYR L 192 -6.70 17.85 -35.91
C TYR L 192 -5.51 16.90 -35.93
N ASP L 193 -5.38 16.03 -34.93
CA ASP L 193 -4.29 15.08 -34.93
C ASP L 193 -4.60 13.87 -35.81
N GLY L 194 -5.61 13.08 -35.43
CA GLY L 194 -5.95 11.88 -36.16
C GLY L 194 -6.14 10.67 -35.29
N LEU L 195 -5.49 10.66 -34.13
CA LEU L 195 -5.63 9.58 -33.16
C LEU L 195 -6.96 9.73 -32.44
N CYS L 196 -8.01 9.09 -32.95
CA CYS L 196 -9.35 9.29 -32.43
CA CYS L 196 -9.35 9.29 -32.43
C CYS L 196 -9.48 8.66 -31.05
N ARG L 197 -10.10 9.37 -30.12
CA ARG L 197 -10.22 8.88 -28.75
C ARG L 197 -11.66 8.92 -28.25
N ILE L 198 -11.98 7.93 -27.42
CA ILE L 198 -13.24 7.85 -26.70
C ILE L 198 -12.95 8.07 -25.23
N TRP L 199 -13.56 9.11 -24.66
CA TRP L 199 -13.33 9.50 -23.27
C TRP L 199 -14.53 9.12 -22.43
N ASP L 200 -14.27 8.46 -21.30
CA ASP L 200 -15.32 8.07 -20.39
C ASP L 200 -15.79 9.28 -19.60
N THR L 201 -17.11 9.49 -19.58
CA THR L 201 -17.69 10.60 -18.84
C THR L 201 -17.71 10.33 -17.34
N ALA L 202 -17.77 9.06 -16.94
CA ALA L 202 -17.85 8.72 -15.52
C ALA L 202 -16.52 8.94 -14.80
N SER L 203 -15.40 9.00 -15.52
CA SER L 203 -14.10 9.15 -14.91
C SER L 203 -13.25 10.27 -15.52
N GLY L 204 -13.54 10.68 -16.75
CA GLY L 204 -12.77 11.73 -17.39
C GLY L 204 -11.49 11.27 -18.06
N GLN L 205 -11.27 9.96 -18.18
CA GLN L 205 -10.09 9.43 -18.85
C GLN L 205 -10.51 8.63 -20.07
N CYS L 206 -9.65 8.63 -21.08
CA CYS L 206 -9.96 7.99 -22.35
C CYS L 206 -10.10 6.48 -22.19
N LEU L 207 -11.02 5.90 -22.95
CA LEU L 207 -11.23 4.45 -22.96
C LEU L 207 -10.52 3.75 -24.11
N LYS L 208 -10.78 4.18 -25.35
CA LYS L 208 -10.12 3.64 -26.52
C LYS L 208 -9.40 4.76 -27.25
N THR L 209 -8.11 4.56 -27.50
CA THR L 209 -7.30 5.50 -28.26
C THR L 209 -6.93 4.82 -29.57
N LEU L 210 -7.81 4.96 -30.57
CA LEU L 210 -7.59 4.37 -31.88
C LEU L 210 -6.56 5.25 -32.60
N ILE L 211 -5.34 4.71 -32.68
CA ILE L 211 -4.19 5.45 -33.18
C ILE L 211 -4.00 5.17 -34.66
N ASP L 212 -3.85 6.23 -35.45
CA ASP L 212 -3.57 6.12 -36.87
C ASP L 212 -2.11 6.45 -37.13
N ASP L 213 -1.42 5.57 -37.85
CA ASP L 213 -0.02 5.81 -38.17
C ASP L 213 0.14 7.04 -39.04
N ASP L 214 -0.75 7.21 -40.03
CA ASP L 214 -0.69 8.38 -40.90
C ASP L 214 -1.12 9.64 -40.19
N ASN L 215 -1.95 9.52 -39.15
CA ASN L 215 -2.42 10.62 -38.32
C ASN L 215 -3.15 11.66 -39.16
N PRO L 216 -4.29 11.31 -39.77
CA PRO L 216 -4.99 12.26 -40.63
C PRO L 216 -5.87 13.20 -39.81
N PRO L 217 -5.80 14.51 -40.06
CA PRO L 217 -6.57 15.45 -39.24
C PRO L 217 -8.06 15.18 -39.32
N VAL L 218 -8.74 15.33 -38.18
CA VAL L 218 -10.15 15.00 -38.03
C VAL L 218 -10.94 16.28 -37.87
N SER L 219 -12.15 16.29 -38.44
CA SER L 219 -13.03 17.46 -38.39
C SER L 219 -14.28 17.27 -37.55
N PHE L 220 -14.93 16.12 -37.62
CA PHE L 220 -16.19 15.92 -36.91
C PHE L 220 -16.37 14.45 -36.59
N VAL L 221 -17.03 14.20 -35.47
CA VAL L 221 -17.38 12.86 -35.01
C VAL L 221 -18.81 12.87 -34.47
N LYS L 222 -19.45 11.71 -34.54
CA LYS L 222 -20.84 11.57 -34.10
C LYS L 222 -21.07 10.15 -33.62
N PHE L 223 -21.77 10.02 -32.48
CA PHE L 223 -22.06 8.71 -31.92
C PHE L 223 -23.19 8.02 -32.68
N SER L 224 -23.04 6.71 -32.84
CA SER L 224 -24.15 5.89 -33.30
C SER L 224 -25.11 5.64 -32.15
N PRO L 225 -26.37 5.32 -32.44
CA PRO L 225 -27.32 5.06 -31.34
C PRO L 225 -26.89 3.93 -30.43
N ASN L 226 -26.26 2.88 -30.97
CA ASN L 226 -25.80 1.77 -30.16
C ASN L 226 -24.55 2.10 -29.34
N GLY L 227 -23.86 3.19 -29.67
CA GLY L 227 -22.64 3.53 -28.97
C GLY L 227 -21.49 2.57 -29.19
N LYS L 228 -21.28 2.13 -30.42
CA LYS L 228 -20.17 1.22 -30.73
C LYS L 228 -19.35 1.73 -31.90
N TYR L 229 -19.99 2.44 -32.83
CA TYR L 229 -19.33 2.97 -34.02
C TYR L 229 -19.16 4.48 -33.88
N ILE L 230 -18.20 5.04 -34.61
CA ILE L 230 -18.01 6.49 -34.69
C ILE L 230 -17.63 6.85 -36.11
N LEU L 231 -18.09 8.02 -36.57
CA LEU L 231 -17.77 8.53 -37.90
C LEU L 231 -16.87 9.74 -37.73
N ALA L 232 -15.57 9.55 -37.86
CA ALA L 232 -14.59 10.62 -37.76
C ALA L 232 -14.29 11.14 -39.16
N ALA L 233 -14.81 12.33 -39.47
CA ALA L 233 -14.64 12.93 -40.79
C ALA L 233 -13.20 13.42 -40.91
N THR L 234 -12.32 12.48 -41.26
CA THR L 234 -10.90 12.80 -41.39
C THR L 234 -10.67 13.71 -42.60
N LEU L 235 -9.68 14.60 -42.47
CA LEU L 235 -9.37 15.56 -43.52
C LEU L 235 -8.37 14.97 -44.51
N ASP L 236 -8.77 13.85 -45.12
CA ASP L 236 -7.95 13.18 -46.12
C ASP L 236 -8.79 12.67 -47.28
N ASN L 237 -9.88 13.36 -47.61
CA ASN L 237 -10.81 12.97 -48.67
C ASN L 237 -11.38 11.57 -48.43
N THR L 238 -11.58 11.21 -47.16
CA THR L 238 -12.10 9.90 -46.80
C THR L 238 -12.73 9.99 -45.42
N LEU L 239 -13.96 9.48 -45.31
CA LEU L 239 -14.65 9.41 -44.03
C LEU L 239 -14.26 8.10 -43.35
N LYS L 240 -13.15 8.14 -42.61
CA LYS L 240 -12.64 6.93 -41.99
C LYS L 240 -13.51 6.54 -40.80
N LEU L 241 -14.51 5.69 -41.03
CA LEU L 241 -15.36 5.20 -39.96
C LEU L 241 -14.55 4.32 -39.03
N TRP L 242 -14.71 4.51 -37.72
CA TRP L 242 -13.95 3.79 -36.72
C TRP L 242 -14.85 2.93 -35.85
N ASP L 243 -14.38 1.73 -35.55
CA ASP L 243 -15.03 0.79 -34.65
C ASP L 243 -14.09 0.57 -33.48
N TYR L 244 -14.43 1.12 -32.31
CA TYR L 244 -13.56 1.03 -31.15
C TYR L 244 -13.84 -0.20 -30.31
N SER L 245 -14.33 -1.28 -30.91
CA SER L 245 -14.53 -2.53 -30.20
C SER L 245 -13.23 -3.32 -30.08
N LYS L 246 -12.46 -3.41 -31.16
CA LYS L 246 -11.22 -4.17 -31.19
C LYS L 246 -10.01 -3.37 -31.64
N GLY L 247 -10.19 -2.28 -32.36
CA GLY L 247 -9.07 -1.51 -32.87
C GLY L 247 -8.65 -1.92 -34.26
N LYS L 248 -9.63 -2.06 -35.16
CA LYS L 248 -9.38 -2.44 -36.54
C LYS L 248 -9.94 -1.39 -37.48
N CYS L 249 -9.21 -1.14 -38.57
CA CYS L 249 -9.66 -0.17 -39.56
C CYS L 249 -10.85 -0.72 -40.33
N LEU L 250 -11.84 0.14 -40.57
CA LEU L 250 -13.04 -0.23 -41.29
C LEU L 250 -12.87 0.08 -42.77
N LYS L 251 -13.96 0.04 -43.52
CA LYS L 251 -13.91 0.29 -44.96
C LYS L 251 -13.54 1.74 -45.24
N THR L 252 -13.20 2.01 -46.51
CA THR L 252 -12.78 3.33 -46.96
C THR L 252 -13.94 3.99 -47.69
N TYR L 253 -14.48 5.05 -47.09
CA TYR L 253 -15.60 5.79 -47.67
C TYR L 253 -15.03 6.96 -48.46
N THR L 254 -15.13 6.87 -49.79
CA THR L 254 -14.64 7.91 -50.69
C THR L 254 -15.81 8.46 -51.51
N GLY L 255 -15.49 9.32 -52.47
CA GLY L 255 -16.51 9.93 -53.31
C GLY L 255 -16.86 11.34 -52.90
N HIS L 256 -15.86 12.09 -52.42
CA HIS L 256 -16.07 13.45 -51.96
C HIS L 256 -14.70 14.14 -51.87
N LYS L 257 -14.70 15.35 -51.34
CA LYS L 257 -13.48 16.10 -51.08
C LYS L 257 -13.47 16.49 -49.61
N ASN L 258 -12.41 16.11 -48.90
CA ASN L 258 -12.32 16.37 -47.46
C ASN L 258 -10.84 16.53 -47.11
N GLU L 259 -10.36 17.76 -47.14
CA GLU L 259 -8.95 17.99 -46.85
C GLU L 259 -8.69 19.07 -45.80
N LYS L 260 -9.47 20.15 -45.80
CA LYS L 260 -9.14 21.31 -44.98
C LYS L 260 -10.22 21.66 -43.95
N TYR L 261 -11.46 21.83 -44.38
CA TYR L 261 -12.47 22.46 -43.54
C TYR L 261 -13.20 21.45 -42.66
N CYS L 262 -13.86 21.97 -41.62
CA CYS L 262 -14.48 21.17 -40.57
C CYS L 262 -15.78 20.55 -41.11
N ILE L 263 -15.63 19.44 -41.83
CA ILE L 263 -16.77 18.76 -42.44
C ILE L 263 -17.49 17.93 -41.38
N PHE L 264 -18.81 18.13 -41.28
CA PHE L 264 -19.64 17.41 -40.33
C PHE L 264 -20.39 16.28 -41.02
N ALA L 265 -21.25 15.60 -40.27
CA ALA L 265 -22.00 14.47 -40.79
C ALA L 265 -23.24 14.22 -39.95
N ASN L 266 -24.16 13.43 -40.51
CA ASN L 266 -25.40 13.07 -39.83
C ASN L 266 -25.96 11.80 -40.47
N PHE L 267 -26.99 11.25 -39.87
CA PHE L 267 -27.64 10.04 -40.34
C PHE L 267 -28.94 10.37 -41.08
N SER L 268 -29.49 9.36 -41.76
CA SER L 268 -30.79 9.50 -42.43
C SER L 268 -31.36 8.09 -42.57
N VAL L 269 -32.33 7.76 -41.72
CA VAL L 269 -32.93 6.43 -41.70
C VAL L 269 -34.43 6.47 -41.96
N THR L 270 -34.97 7.65 -42.27
CA THR L 270 -36.42 7.77 -42.48
C THR L 270 -36.83 7.14 -43.80
N GLY L 271 -36.35 7.69 -44.91
CA GLY L 271 -36.73 7.18 -46.22
C GLY L 271 -36.00 5.90 -46.59
N GLY L 272 -34.73 5.82 -46.23
CA GLY L 272 -33.92 4.66 -46.57
C GLY L 272 -32.81 4.38 -45.58
N LYS L 273 -31.62 4.07 -46.09
CA LYS L 273 -30.46 3.73 -45.28
C LYS L 273 -29.30 4.59 -45.77
N TRP L 274 -29.18 5.80 -45.22
CA TRP L 274 -28.24 6.78 -45.76
C TRP L 274 -27.50 7.48 -44.62
N ILE L 275 -26.28 7.91 -44.91
CA ILE L 275 -25.47 8.69 -43.99
C ILE L 275 -24.95 9.91 -44.77
N VAL L 276 -25.39 11.09 -44.37
CA VAL L 276 -25.06 12.32 -45.08
C VAL L 276 -23.78 12.89 -44.48
N SER L 277 -22.91 13.43 -45.33
CA SER L 277 -21.69 14.08 -44.84
C SER L 277 -21.31 15.21 -45.78
N GLY L 278 -20.61 16.20 -45.23
CA GLY L 278 -20.16 17.31 -46.04
C GLY L 278 -19.02 16.92 -46.96
N SER L 279 -18.83 17.76 -47.98
CA SER L 279 -17.72 17.58 -48.92
C SER L 279 -17.16 18.96 -49.28
N GLU L 280 -15.86 18.98 -49.58
CA GLU L 280 -15.18 20.23 -49.90
C GLU L 280 -15.17 20.53 -51.39
N ASP L 281 -15.85 19.73 -52.21
CA ASP L 281 -16.07 20.06 -53.60
C ASP L 281 -17.35 20.87 -53.80
N ASN L 282 -17.78 21.59 -52.76
CA ASN L 282 -18.89 22.53 -52.77
C ASN L 282 -20.25 21.87 -52.93
N LEU L 283 -20.35 20.56 -52.67
CA LEU L 283 -21.59 19.82 -52.88
C LEU L 283 -21.88 18.94 -51.66
N VAL L 284 -23.16 18.61 -51.50
CA VAL L 284 -23.61 17.77 -50.39
C VAL L 284 -23.67 16.33 -50.86
N TYR L 285 -23.02 15.43 -50.13
CA TYR L 285 -22.92 14.03 -50.53
C TYR L 285 -23.43 13.11 -49.43
N ILE L 286 -23.97 11.96 -49.85
CA ILE L 286 -24.49 10.95 -48.94
C ILE L 286 -23.92 9.60 -49.34
N TRP L 287 -23.71 8.72 -48.37
CA TRP L 287 -23.21 7.36 -48.60
C TRP L 287 -24.07 6.36 -47.83
N ASN L 288 -23.64 5.11 -47.86
CA ASN L 288 -24.33 4.03 -47.16
C ASN L 288 -23.51 3.60 -45.94
N LEU L 289 -24.12 2.75 -45.11
CA LEU L 289 -23.48 2.33 -43.87
C LEU L 289 -22.18 1.57 -44.14
N GLN L 290 -22.24 0.52 -44.95
CA GLN L 290 -21.07 -0.30 -45.21
C GLN L 290 -20.99 -0.76 -46.66
N THR L 291 -21.61 -0.03 -47.58
CA THR L 291 -21.56 -0.38 -49.00
C THR L 291 -20.61 0.50 -49.79
N LYS L 292 -20.32 1.71 -49.33
CA LYS L 292 -19.42 2.66 -50.00
C LYS L 292 -19.96 3.03 -51.38
N GLU L 293 -21.16 3.61 -51.38
CA GLU L 293 -21.83 4.03 -52.59
C GLU L 293 -22.27 5.49 -52.46
N ILE L 294 -22.21 6.21 -53.58
CA ILE L 294 -22.65 7.61 -53.63
C ILE L 294 -24.15 7.58 -53.89
N VAL L 295 -24.93 7.54 -52.82
CA VAL L 295 -26.38 7.36 -52.97
C VAL L 295 -27.07 8.67 -53.37
N GLN L 296 -26.53 9.83 -52.97
CA GLN L 296 -27.17 11.08 -53.32
C GLN L 296 -26.16 12.22 -53.33
N LYS L 297 -26.34 13.12 -54.29
CA LYS L 297 -25.53 14.32 -54.45
C LYS L 297 -26.47 15.51 -54.56
N LEU L 298 -26.62 16.25 -53.47
CA LEU L 298 -27.39 17.50 -53.47
C LEU L 298 -26.49 18.64 -53.92
N GLN L 299 -26.94 19.36 -54.95
CA GLN L 299 -26.18 20.46 -55.54
C GLN L 299 -26.96 21.75 -55.43
N GLY L 300 -26.22 22.86 -55.48
CA GLY L 300 -26.84 24.17 -55.43
C GLY L 300 -26.11 25.16 -54.57
N HIS L 301 -25.47 24.68 -53.51
CA HIS L 301 -24.65 25.54 -52.66
C HIS L 301 -23.34 25.84 -53.38
N THR L 302 -22.97 27.12 -53.43
CA THR L 302 -21.83 27.57 -54.21
C THR L 302 -20.50 27.49 -53.45
N ASP L 303 -20.52 27.07 -52.19
CA ASP L 303 -19.31 27.00 -51.38
C ASP L 303 -19.21 25.64 -50.71
N VAL L 304 -18.06 25.43 -50.05
CA VAL L 304 -17.78 24.14 -49.42
C VAL L 304 -18.83 23.86 -48.35
N VAL L 305 -19.46 22.69 -48.45
CA VAL L 305 -20.47 22.29 -47.48
C VAL L 305 -19.76 21.96 -46.17
N ILE L 306 -19.95 22.82 -45.17
CA ILE L 306 -19.25 22.67 -43.90
C ILE L 306 -20.06 21.82 -42.92
N SER L 307 -21.37 21.73 -43.09
CA SER L 307 -22.23 21.03 -42.16
C SER L 307 -23.40 20.42 -42.91
N THR L 308 -23.92 19.31 -42.40
CA THR L 308 -25.10 18.65 -42.95
C THR L 308 -26.00 18.22 -41.81
N ALA L 309 -27.30 18.50 -41.94
CA ALA L 309 -28.28 18.14 -40.93
C ALA L 309 -29.49 17.48 -41.59
N CYS L 310 -29.95 16.39 -41.00
CA CYS L 310 -31.08 15.63 -41.52
C CYS L 310 -32.19 15.58 -40.49
N HIS L 311 -33.44 15.70 -40.95
CA HIS L 311 -34.57 15.83 -40.05
C HIS L 311 -34.88 14.48 -39.42
N PRO L 312 -35.32 14.45 -38.16
CA PRO L 312 -35.51 13.14 -37.50
C PRO L 312 -36.70 12.35 -37.98
N THR L 313 -37.86 12.99 -38.17
CA THR L 313 -39.08 12.28 -38.53
C THR L 313 -39.51 12.50 -39.97
N GLU L 314 -38.67 13.16 -40.78
CA GLU L 314 -38.99 13.42 -42.17
C GLU L 314 -37.70 13.42 -42.97
N ASN L 315 -37.81 13.21 -44.27
CA ASN L 315 -36.67 13.24 -45.17
C ASN L 315 -36.38 14.68 -45.62
N ILE L 316 -35.93 15.49 -44.65
CA ILE L 316 -35.57 16.88 -44.88
C ILE L 316 -34.12 17.07 -44.47
N ILE L 317 -33.31 17.64 -45.37
CA ILE L 317 -31.89 17.86 -45.13
C ILE L 317 -31.57 19.32 -45.38
N ALA L 318 -30.89 19.95 -44.42
CA ALA L 318 -30.36 21.30 -44.57
C ALA L 318 -28.86 21.26 -44.40
N SER L 319 -28.13 21.85 -45.35
CA SER L 319 -26.68 21.87 -45.34
C SER L 319 -26.18 23.31 -45.27
N ALA L 320 -25.30 23.57 -44.30
CA ALA L 320 -24.65 24.87 -44.17
C ALA L 320 -23.32 24.85 -44.92
N ALA L 321 -22.95 26.00 -45.47
CA ALA L 321 -21.71 26.09 -46.23
C ALA L 321 -20.89 27.30 -45.81
N LEU L 322 -19.84 27.59 -46.57
CA LEU L 322 -18.89 28.64 -46.23
C LEU L 322 -19.36 29.97 -46.80
N GLU L 323 -18.46 30.96 -46.84
CA GLU L 323 -18.83 32.36 -47.10
C GLU L 323 -19.57 32.55 -48.41
N ASN L 324 -19.30 31.72 -49.41
CA ASN L 324 -19.81 31.97 -50.76
C ASN L 324 -21.20 31.39 -50.99
N ASP L 325 -21.82 30.80 -49.97
CA ASP L 325 -23.15 30.22 -50.11
C ASP L 325 -24.20 30.98 -49.30
N LYS L 326 -24.03 31.06 -47.98
CA LYS L 326 -24.91 31.85 -47.10
C LYS L 326 -26.39 31.50 -47.28
N THR L 327 -26.68 30.26 -47.69
CA THR L 327 -28.06 29.84 -47.93
C THR L 327 -28.31 28.49 -47.28
N ILE L 328 -29.54 28.28 -46.84
CA ILE L 328 -29.98 27.04 -46.21
C ILE L 328 -31.02 26.41 -47.13
N LYS L 329 -30.70 25.24 -47.67
CA LYS L 329 -31.57 24.55 -48.62
C LYS L 329 -32.23 23.37 -47.92
N LEU L 330 -33.57 23.37 -47.88
CA LEU L 330 -34.34 22.30 -47.26
C LEU L 330 -34.71 21.29 -48.35
N TRP L 331 -33.98 20.18 -48.39
CA TRP L 331 -34.23 19.11 -49.35
C TRP L 331 -35.26 18.15 -48.76
N LYS L 332 -36.53 18.50 -48.94
CA LYS L 332 -37.61 17.69 -48.40
C LYS L 332 -37.80 16.44 -49.26
N SER L 333 -38.28 15.38 -48.61
CA SER L 333 -38.58 14.13 -49.28
C SER L 333 -39.49 13.31 -48.37
N ASP L 334 -39.95 12.17 -48.88
CA ASP L 334 -40.79 11.27 -48.11
C ASP L 334 -40.29 9.84 -48.08
N CYS L 335 -39.43 9.42 -49.00
CA CYS L 335 -38.90 8.06 -49.02
C CYS L 335 -37.49 8.02 -49.60
N GLY M 201 53.29 2.10 -11.96
CA GLY M 201 53.56 0.75 -12.40
C GLY M 201 52.40 -0.20 -12.18
N ARG M 202 51.39 0.28 -11.46
CA ARG M 202 50.19 -0.50 -11.17
C ARG M 202 48.99 -0.04 -12.00
N GLY M 203 49.24 0.75 -13.05
CA GLY M 203 48.17 1.23 -13.90
C GLY M 203 47.84 0.28 -15.05
N ALA M 204 48.72 -0.68 -15.31
CA ALA M 204 48.47 -1.65 -16.37
C ALA M 204 47.25 -2.50 -16.05
N LYS M 205 47.11 -2.94 -14.79
CA LYS M 205 45.94 -3.73 -14.41
C LYS M 205 44.66 -2.91 -14.53
N ARG M 206 44.71 -1.63 -14.15
CA ARG M 206 43.53 -0.78 -14.29
C ARG M 206 43.18 -0.57 -15.76
N LYS M 207 44.20 -0.43 -16.62
CA LYS M 207 43.93 -0.33 -18.06
C LYS M 207 43.32 -1.62 -18.59
N GLN M 208 43.79 -2.77 -18.11
CA GLN M 208 43.22 -4.04 -18.54
C GLN M 208 41.82 -4.25 -18.00
N GLN M 209 41.47 -3.59 -16.89
CA GLN M 209 40.16 -3.78 -16.30
C GLN M 209 39.12 -2.83 -16.90
N ASP M 210 39.50 -1.56 -17.13
CA ASP M 210 38.54 -0.61 -17.68
C ASP M 210 38.17 -0.97 -19.11
N GLY M 211 39.15 -1.37 -19.92
CA GLY M 211 38.89 -1.71 -21.30
C GLY M 211 39.99 -1.32 -22.26
N GLY M 212 40.85 -0.39 -21.85
CA GLY M 212 41.98 -0.03 -22.69
C GLY M 212 41.54 0.65 -23.98
N THR M 213 42.41 0.59 -24.98
CA THR M 213 42.16 1.15 -26.30
C THR M 213 42.59 0.17 -27.38
N THR M 214 42.21 -1.10 -27.22
CA THR M 214 42.55 -2.16 -28.17
C THR M 214 41.30 -2.68 -28.88
N GLY M 215 40.38 -1.78 -29.19
CA GLY M 215 39.13 -2.17 -29.86
C GLY M 215 37.97 -2.30 -28.86
N THR M 216 37.46 -3.51 -28.71
CA THR M 216 36.35 -3.74 -27.79
C THR M 216 36.85 -3.67 -26.35
N THR M 217 35.99 -3.18 -25.46
CA THR M 217 36.35 -3.01 -24.06
C THR M 217 36.48 -4.35 -23.36
N LYS M 218 37.24 -4.35 -22.27
CA LYS M 218 37.47 -5.54 -21.45
C LYS M 218 36.48 -5.64 -20.30
N LYS M 219 35.18 -5.57 -20.63
CA LYS M 219 34.12 -5.69 -19.63
C LYS M 219 32.93 -6.38 -20.32
N ALA M 220 32.81 -7.69 -20.09
CA ALA M 220 31.86 -8.52 -20.81
C ALA M 220 30.43 -8.25 -20.36
N ARG M 221 29.49 -8.40 -21.29
CA ARG M 221 28.06 -8.30 -21.01
C ARG M 221 27.32 -9.41 -21.75
N SER M 222 26.86 -10.40 -21.01
CA SER M 222 26.07 -11.52 -21.53
C SER M 222 24.86 -11.76 -20.64
N ASP M 223 24.13 -10.69 -20.35
CA ASP M 223 23.12 -10.66 -19.29
C ASP M 223 21.97 -11.68 -19.35
N PRO M 224 21.60 -12.30 -20.48
CA PRO M 224 20.62 -13.38 -20.40
C PRO M 224 21.22 -14.60 -19.73
N LEU M 225 20.36 -15.58 -19.45
CA LEU M 225 20.77 -16.75 -18.68
C LEU M 225 21.71 -17.65 -19.48
N PHE M 226 23.01 -17.40 -19.34
CA PHE M 226 24.04 -18.13 -20.06
C PHE M 226 24.59 -19.25 -19.19
N SER M 227 24.60 -20.46 -19.73
CA SER M 227 25.02 -21.63 -18.97
C SER M 227 25.67 -22.63 -19.92
N ALA M 228 25.95 -23.82 -19.39
CA ALA M 228 26.51 -24.96 -20.11
C ALA M 228 27.95 -24.73 -20.59
N GLN M 229 28.53 -23.58 -20.28
CA GLN M 229 29.85 -23.21 -20.78
C GLN M 229 30.59 -22.48 -19.67
N ARG M 230 31.86 -22.12 -19.96
CA ARG M 230 32.71 -21.39 -19.01
C ARG M 230 32.89 -22.20 -17.73
N LEU M 231 33.37 -23.42 -17.90
CA LEU M 231 33.53 -24.34 -16.77
C LEU M 231 34.77 -24.02 -15.93
N PRO M 232 35.98 -24.03 -16.50
CA PRO M 232 37.17 -23.79 -15.67
C PRO M 232 37.36 -22.31 -15.40
N PRO M 233 37.37 -21.90 -14.13
CA PRO M 233 37.50 -20.47 -13.83
C PRO M 233 38.93 -19.97 -13.81
N HIS M 234 39.72 -20.33 -14.82
CA HIS M 234 41.12 -19.90 -14.91
C HIS M 234 41.49 -19.78 -16.39
N GLY M 235 42.78 -19.68 -16.67
CA GLY M 235 43.27 -19.52 -18.02
C GLY M 235 43.37 -20.83 -18.79
N TYR M 236 42.23 -21.34 -19.22
CA TYR M 236 42.12 -22.65 -19.87
C TYR M 236 41.11 -22.55 -21.01
N PRO M 237 40.87 -23.64 -21.79
CA PRO M 237 39.84 -23.56 -22.83
C PRO M 237 38.50 -23.04 -22.32
N LEU M 238 38.13 -21.84 -22.77
CA LEU M 238 36.97 -21.11 -22.28
C LEU M 238 36.18 -20.58 -23.46
N GLU M 239 35.03 -19.99 -23.16
CA GLU M 239 34.20 -19.37 -24.17
C GLU M 239 33.27 -18.35 -23.51
N HIS M 240 33.01 -17.28 -24.25
CA HIS M 240 32.16 -16.19 -23.82
C HIS M 240 31.25 -15.73 -24.97
N PRO M 241 30.05 -16.24 -25.09
CA PRO M 241 29.15 -15.72 -26.09
C PRO M 241 28.80 -14.33 -25.63
N PHE M 242 28.65 -13.32 -26.51
CA PHE M 242 28.60 -11.96 -26.00
C PHE M 242 27.21 -11.45 -26.30
N ASN M 243 26.74 -10.37 -25.64
CA ASN M 243 25.43 -9.82 -25.93
C ASN M 243 25.37 -9.44 -27.38
N LYS M 244 26.44 -8.81 -27.88
CA LYS M 244 26.47 -8.34 -29.24
C LYS M 244 26.49 -9.53 -30.17
N ASP M 245 25.44 -9.62 -30.99
CA ASP M 245 25.30 -10.70 -31.95
C ASP M 245 26.46 -10.70 -32.93
N GLY M 246 27.21 -11.80 -32.93
CA GLY M 246 28.38 -11.92 -33.76
C GLY M 246 29.67 -11.83 -32.98
N TYR M 247 29.68 -11.93 -31.63
CA TYR M 247 30.97 -11.91 -30.96
C TYR M 247 31.31 -13.32 -30.48
N ARG M 248 32.39 -13.93 -31.03
CA ARG M 248 32.82 -15.22 -30.57
C ARG M 248 34.15 -15.03 -29.90
N TYR M 249 34.21 -15.45 -28.62
CA TYR M 249 35.33 -15.28 -27.73
C TYR M 249 35.73 -16.66 -27.21
N ILE M 250 36.95 -17.20 -27.55
CA ILE M 250 37.40 -18.53 -27.10
C ILE M 250 38.87 -18.54 -26.64
N LEU M 251 39.28 -19.49 -25.72
CA LEU M 251 40.66 -19.52 -25.27
C LEU M 251 41.40 -20.80 -25.64
N ALA M 252 40.70 -21.89 -25.96
CA ALA M 252 41.37 -23.09 -26.45
C ALA M 252 42.23 -22.75 -27.66
N GLU M 253 43.17 -23.64 -27.98
CA GLU M 253 44.25 -23.33 -28.91
C GLU M 253 45.00 -22.11 -28.38
N PRO M 254 45.74 -22.24 -27.26
CA PRO M 254 46.37 -21.07 -26.64
C PRO M 254 47.54 -20.51 -27.43
N ASP M 255 48.18 -19.46 -26.88
CA ASP M 255 49.22 -18.73 -27.58
C ASP M 255 50.05 -17.96 -26.57
N PRO M 256 51.33 -17.76 -26.81
CA PRO M 256 52.15 -16.89 -25.96
C PRO M 256 51.98 -15.43 -26.38
N HIS M 257 52.68 -14.54 -25.68
CA HIS M 257 52.67 -13.12 -25.98
C HIS M 257 53.97 -12.48 -25.53
N ALA M 258 54.20 -11.26 -25.99
CA ALA M 258 55.42 -10.53 -25.67
C ALA M 258 55.40 -10.10 -24.20
N PRO M 259 56.48 -10.33 -23.45
CA PRO M 259 56.51 -9.98 -22.03
C PRO M 259 56.93 -8.52 -21.83
N ASP M 260 57.08 -8.15 -20.56
CA ASP M 260 57.60 -6.86 -20.12
C ASP M 260 56.79 -5.70 -20.69
N PRO M 261 55.54 -5.51 -20.23
CA PRO M 261 54.74 -4.38 -20.72
C PRO M 261 55.28 -3.03 -20.27
N GLU M 262 55.51 -2.87 -18.97
CA GLU M 262 55.96 -1.61 -18.40
C GLU M 262 57.07 -1.85 -17.38
N LYS M 263 58.02 -2.73 -17.72
CA LYS M 263 59.18 -3.02 -16.88
C LYS M 263 58.77 -3.47 -15.47
N LEU M 264 57.75 -4.31 -15.40
CA LEU M 264 57.39 -4.99 -14.17
C LEU M 264 58.12 -6.33 -14.11
N GLU M 265 57.72 -7.19 -13.19
CA GLU M 265 58.34 -8.51 -13.06
C GLU M 265 58.11 -9.33 -14.33
N LEU M 266 59.07 -10.20 -14.63
CA LEU M 266 59.03 -10.98 -15.86
C LEU M 266 57.82 -11.91 -15.86
N ASP M 267 56.96 -11.74 -16.86
CA ASP M 267 55.77 -12.57 -16.98
C ASP M 267 56.14 -13.98 -17.43
N CYS M 268 55.40 -14.96 -16.92
CA CYS M 268 55.69 -16.36 -17.21
C CYS M 268 55.43 -16.72 -18.67
N TRP M 269 54.70 -15.88 -19.42
CA TRP M 269 54.41 -16.14 -20.83
C TRP M 269 55.42 -15.50 -21.77
N ALA M 270 56.68 -15.36 -21.35
CA ALA M 270 57.67 -14.71 -22.18
C ALA M 270 58.03 -15.57 -23.38
N GLY M 271 58.63 -16.74 -23.14
CA GLY M 271 58.95 -17.66 -24.21
C GLY M 271 58.46 -19.07 -23.92
N LYS M 272 58.16 -19.36 -22.65
CA LYS M 272 57.76 -20.69 -22.21
C LYS M 272 56.43 -20.56 -21.47
N PRO M 273 55.32 -20.60 -22.20
CA PRO M 273 54.00 -20.51 -21.55
C PRO M 273 53.72 -21.73 -20.69
N ILE M 274 52.92 -21.52 -19.65
CA ILE M 274 52.52 -22.61 -18.77
C ILE M 274 51.66 -23.60 -19.57
N PRO M 275 51.76 -24.90 -19.30
CA PRO M 275 50.97 -25.88 -20.04
C PRO M 275 49.54 -25.94 -19.52
N GLY M 276 48.72 -26.72 -20.22
CA GLY M 276 47.35 -26.95 -19.80
C GLY M 276 46.81 -28.28 -20.28
N ASP M 277 46.30 -29.09 -19.36
CA ASP M 277 45.70 -30.39 -19.69
C ASP M 277 44.45 -30.62 -18.85
N LEU M 278 43.31 -30.18 -19.38
CA LEU M 278 42.04 -30.31 -18.68
C LEU M 278 40.91 -30.16 -19.71
N TYR M 279 39.68 -29.98 -19.20
CA TYR M 279 38.51 -29.95 -20.05
C TYR M 279 38.61 -28.87 -21.12
N ARG M 280 38.30 -29.26 -22.36
CA ARG M 280 38.26 -28.35 -23.50
C ARG M 280 36.81 -28.20 -23.97
N ALA M 281 36.38 -26.96 -24.15
CA ALA M 281 34.95 -26.66 -24.33
C ALA M 281 34.62 -26.55 -25.82
N CYS M 282 34.56 -27.71 -26.47
CA CYS M 282 34.13 -27.85 -27.85
C CYS M 282 33.99 -29.34 -28.15
N LEU M 283 33.70 -29.66 -29.41
CA LEU M 283 33.59 -31.04 -29.85
C LEU M 283 34.22 -31.16 -31.24
N TYR M 284 34.76 -32.33 -31.51
CA TYR M 284 35.45 -32.62 -32.78
C TYR M 284 34.67 -33.51 -33.72
N GLU M 285 34.25 -34.70 -33.28
CA GLU M 285 33.78 -35.72 -34.22
C GLU M 285 32.58 -35.24 -35.00
N ARG M 286 31.53 -34.78 -34.33
CA ARG M 286 30.37 -34.20 -34.99
C ARG M 286 29.72 -33.27 -33.96
N VAL M 287 29.93 -31.97 -34.12
CA VAL M 287 29.46 -31.02 -33.11
C VAL M 287 27.95 -31.13 -32.98
N LEU M 288 27.50 -31.52 -31.80
CA LEU M 288 26.08 -31.48 -31.45
C LEU M 288 25.72 -30.02 -31.25
N LEU M 289 25.22 -29.39 -32.32
CA LEU M 289 25.04 -27.93 -32.40
C LEU M 289 26.43 -27.33 -32.25
N ALA M 290 26.68 -26.43 -31.30
CA ALA M 290 27.99 -25.84 -31.16
C ALA M 290 28.21 -25.39 -29.72
N LEU M 291 29.36 -24.77 -29.49
CA LEU M 291 29.67 -24.13 -28.23
C LEU M 291 30.33 -22.76 -28.42
N HIS M 292 30.47 -22.28 -29.66
CA HIS M 292 31.14 -21.02 -29.94
C HIS M 292 30.20 -19.99 -30.55
N ASP M 293 29.50 -20.34 -31.63
CA ASP M 293 28.56 -19.42 -32.28
C ASP M 293 27.17 -19.68 -31.70
N ARG M 294 26.95 -19.11 -30.52
CA ARG M 294 25.72 -19.33 -29.78
C ARG M 294 25.29 -18.02 -29.11
N ALA M 295 24.11 -18.04 -28.51
CA ALA M 295 23.60 -16.93 -27.74
C ALA M 295 23.72 -17.24 -26.25
N PRO M 296 24.07 -16.28 -25.41
CA PRO M 296 24.23 -16.52 -23.98
C PRO M 296 22.90 -16.57 -23.22
N GLN M 297 21.93 -17.30 -23.78
CA GLN M 297 20.66 -17.52 -23.10
C GLN M 297 20.13 -18.94 -23.31
N LEU M 298 21.00 -19.89 -23.61
CA LEU M 298 20.58 -21.25 -23.94
C LEU M 298 21.18 -22.22 -22.94
N LYS M 299 20.34 -23.08 -22.37
CA LYS M 299 20.76 -24.02 -21.35
C LYS M 299 20.96 -25.39 -21.98
N ILE M 300 22.18 -25.90 -21.89
CA ILE M 300 22.55 -27.19 -22.47
C ILE M 300 23.06 -28.09 -21.35
N SER M 301 22.84 -29.39 -21.51
CA SER M 301 23.34 -30.36 -20.55
C SER M 301 24.86 -30.45 -20.65
N ASP M 302 25.46 -31.07 -19.63
CA ASP M 302 26.91 -31.24 -19.62
C ASP M 302 27.38 -32.10 -20.79
N ASP M 303 26.62 -33.14 -21.12
CA ASP M 303 26.91 -33.94 -22.29
C ASP M 303 26.45 -33.29 -23.59
N ARG M 304 25.77 -32.15 -23.50
CA ARG M 304 25.33 -31.37 -24.67
C ARG M 304 24.32 -32.17 -25.51
N LEU M 305 23.20 -32.50 -24.89
CA LEU M 305 22.11 -33.18 -25.58
C LEU M 305 20.80 -32.40 -25.57
N THR M 306 20.47 -31.74 -24.47
CA THR M 306 19.24 -30.98 -24.38
C THR M 306 19.51 -29.48 -24.53
N VAL M 307 18.54 -28.77 -25.08
CA VAL M 307 18.65 -27.33 -25.31
C VAL M 307 17.44 -26.64 -24.70
N VAL M 308 17.68 -25.75 -23.74
CA VAL M 308 16.62 -25.02 -23.06
C VAL M 308 16.82 -23.53 -23.34
N GLY M 309 15.74 -22.85 -23.71
CA GLY M 309 15.82 -21.47 -24.13
C GLY M 309 15.63 -20.48 -22.99
N GLU M 310 15.50 -19.22 -23.39
CA GLU M 310 15.34 -18.10 -22.47
C GLU M 310 13.85 -17.75 -22.33
N LYS M 311 13.58 -16.78 -21.46
CA LYS M 311 12.22 -16.25 -21.36
C LYS M 311 11.78 -15.62 -22.67
N GLY M 312 12.73 -15.03 -23.41
CA GLY M 312 12.48 -14.50 -24.73
C GLY M 312 12.99 -15.42 -25.83
N TYR M 313 13.09 -14.86 -27.02
CA TYR M 313 13.50 -15.63 -28.18
C TYR M 313 15.00 -15.98 -28.08
N SER M 314 15.35 -17.15 -28.63
CA SER M 314 16.71 -17.67 -28.53
C SER M 314 16.96 -18.63 -29.68
N MET M 315 18.24 -18.87 -29.97
CA MET M 315 18.60 -19.90 -30.94
C MET M 315 19.93 -20.53 -30.58
N VAL M 316 20.17 -21.70 -31.17
CA VAL M 316 21.48 -22.34 -31.17
C VAL M 316 21.86 -22.66 -32.61
N ARG M 317 23.13 -22.41 -32.95
CA ARG M 317 23.70 -22.79 -34.23
C ARG M 317 24.70 -23.93 -34.03
N ALA M 318 25.37 -24.31 -35.11
CA ALA M 318 26.34 -25.39 -35.07
C ALA M 318 27.71 -24.89 -35.55
N SER M 319 28.65 -25.82 -35.71
CA SER M 319 30.00 -25.51 -36.16
C SER M 319 30.51 -26.46 -37.23
N HIS M 320 29.63 -27.24 -37.86
CA HIS M 320 30.01 -28.18 -38.90
C HIS M 320 29.27 -27.84 -40.19
N GLY M 321 30.01 -27.71 -41.28
CA GLY M 321 29.41 -27.49 -42.58
C GLY M 321 29.13 -28.78 -43.32
N VAL M 322 28.28 -28.68 -44.35
CA VAL M 322 27.92 -29.82 -45.18
C VAL M 322 28.10 -29.44 -46.65
N ARG M 323 28.88 -30.24 -47.37
CA ARG M 323 29.06 -30.07 -48.81
C ARG M 323 28.60 -31.29 -49.59
N LYS M 324 29.08 -32.48 -49.24
CA LYS M 324 28.62 -33.71 -49.86
C LYS M 324 28.45 -34.77 -48.77
N GLY M 325 27.65 -35.78 -49.09
CA GLY M 325 27.38 -36.86 -48.16
C GLY M 325 25.99 -36.76 -47.55
N ALA M 326 25.63 -37.82 -46.83
CA ALA M 326 24.32 -37.93 -46.21
C ALA M 326 24.38 -37.43 -44.76
N TRP M 327 23.48 -36.52 -44.43
CA TRP M 327 23.39 -35.94 -43.09
C TRP M 327 21.96 -36.00 -42.59
N TYR M 328 21.33 -37.17 -42.75
CA TYR M 328 19.95 -37.41 -42.36
C TYR M 328 19.90 -37.50 -40.84
N PHE M 329 19.77 -36.35 -40.19
CA PHE M 329 19.79 -36.27 -38.74
C PHE M 329 18.42 -35.83 -38.22
N GLU M 330 18.29 -35.77 -36.89
CA GLU M 330 16.98 -35.54 -36.29
C GLU M 330 17.10 -34.62 -35.08
N ILE M 331 15.99 -33.94 -34.78
CA ILE M 331 15.87 -33.08 -33.61
C ILE M 331 14.59 -33.51 -32.91
N THR M 332 14.72 -34.24 -31.80
CA THR M 332 13.56 -34.76 -31.07
C THR M 332 13.08 -33.67 -30.12
N VAL M 333 11.95 -33.06 -30.44
CA VAL M 333 11.38 -32.02 -29.59
C VAL M 333 10.76 -32.69 -28.38
N ASP M 334 11.44 -32.61 -27.23
CA ASP M 334 10.96 -33.28 -26.03
C ASP M 334 9.61 -32.74 -25.58
N GLU M 335 9.47 -31.41 -25.58
CA GLU M 335 8.22 -30.78 -25.18
C GLU M 335 8.20 -29.35 -25.71
N MET M 336 6.98 -28.82 -25.83
CA MET M 336 6.78 -27.47 -26.38
C MET M 336 5.58 -26.84 -25.69
N PRO M 337 5.81 -26.01 -24.67
CA PRO M 337 4.69 -25.36 -23.97
C PRO M 337 4.05 -24.32 -24.85
N PRO M 338 2.84 -23.87 -24.52
CA PRO M 338 2.21 -22.79 -25.30
C PRO M 338 3.05 -21.53 -25.28
N ASP M 339 2.96 -20.76 -26.38
CA ASP M 339 3.73 -19.53 -26.55
C ASP M 339 5.24 -19.82 -26.50
N THR M 340 5.64 -20.94 -27.13
CA THR M 340 7.05 -21.31 -27.25
C THR M 340 7.26 -21.76 -28.70
N ALA M 341 7.67 -20.83 -29.56
CA ALA M 341 7.94 -21.16 -30.95
C ALA M 341 9.12 -22.11 -31.05
N ALA M 342 8.98 -23.14 -31.89
CA ALA M 342 9.99 -24.18 -32.04
C ALA M 342 10.36 -24.36 -33.51
N ARG M 343 10.61 -23.26 -34.21
CA ARG M 343 11.03 -23.34 -35.60
C ARG M 343 12.47 -23.85 -35.67
N LEU M 344 12.70 -24.86 -36.50
CA LEU M 344 14.01 -25.47 -36.64
C LEU M 344 14.40 -25.50 -38.12
N GLY M 345 15.70 -25.40 -38.38
CA GLY M 345 16.17 -25.48 -39.75
C GLY M 345 17.56 -24.91 -39.89
N TRP M 346 18.15 -25.14 -41.05
CA TRP M 346 19.51 -24.69 -41.26
C TRP M 346 19.55 -23.17 -41.39
N SER M 347 20.74 -22.61 -41.15
CA SER M 347 20.97 -21.17 -41.22
C SER M 347 22.45 -20.94 -41.45
N GLN M 348 22.86 -19.68 -41.37
CA GLN M 348 24.22 -19.27 -41.66
C GLN M 348 24.81 -18.54 -40.48
N PRO M 349 26.15 -18.57 -40.32
CA PRO M 349 26.76 -17.82 -39.22
C PRO M 349 26.48 -16.33 -39.29
N LEU M 350 26.35 -15.77 -40.49
CA LEU M 350 26.01 -14.36 -40.64
C LEU M 350 24.67 -14.04 -39.99
N GLY M 351 23.80 -15.03 -39.81
CA GLY M 351 22.52 -14.79 -39.21
C GLY M 351 22.64 -14.28 -37.78
N ASN M 352 21.85 -13.26 -37.47
CA ASN M 352 21.82 -12.72 -36.12
C ASN M 352 21.24 -13.76 -35.17
N LEU M 353 22.03 -14.15 -34.16
CA LEU M 353 21.65 -15.25 -33.30
C LEU M 353 20.45 -14.94 -32.41
N GLN M 354 20.00 -13.69 -32.37
CA GLN M 354 18.77 -13.35 -31.66
C GLN M 354 17.63 -12.95 -32.59
N ALA M 355 17.90 -12.73 -33.87
CA ALA M 355 16.85 -12.43 -34.82
C ALA M 355 15.98 -13.66 -35.05
N PRO M 356 14.68 -13.47 -35.32
CA PRO M 356 13.82 -14.63 -35.57
C PRO M 356 14.34 -15.47 -36.74
N LEU M 357 14.22 -16.79 -36.59
CA LEU M 357 14.58 -17.69 -37.68
C LEU M 357 13.73 -17.38 -38.91
N GLY M 358 14.38 -16.99 -39.99
CA GLY M 358 13.70 -16.51 -41.17
C GLY M 358 13.62 -15.00 -41.31
N TYR M 359 13.93 -14.25 -40.25
CA TYR M 359 13.90 -12.79 -40.34
C TYR M 359 14.87 -12.29 -41.39
N ASP M 360 16.03 -12.93 -41.50
CA ASP M 360 17.01 -12.62 -42.53
C ASP M 360 17.14 -13.79 -43.49
N LYS M 361 17.74 -13.52 -44.65
CA LYS M 361 17.98 -14.59 -45.62
C LYS M 361 18.98 -15.60 -45.08
N PHE M 362 19.81 -15.21 -44.12
CA PHE M 362 20.75 -16.14 -43.52
C PHE M 362 20.06 -17.30 -42.82
N SER M 363 18.86 -17.07 -42.27
CA SER M 363 18.16 -18.05 -41.45
C SER M 363 16.88 -18.50 -42.16
N TYR M 364 16.56 -19.78 -42.01
CA TYR M 364 15.37 -20.38 -42.62
C TYR M 364 14.60 -21.14 -41.56
N SER M 365 13.27 -21.03 -41.61
CA SER M 365 12.44 -21.56 -40.54
C SER M 365 11.13 -22.12 -41.09
N TRP M 366 10.52 -22.98 -40.29
CA TRP M 366 9.14 -23.42 -40.47
C TRP M 366 8.48 -23.39 -39.09
N ARG M 367 7.41 -22.61 -38.98
CA ARG M 367 6.81 -22.34 -37.68
C ARG M 367 6.20 -23.61 -37.07
N SER M 368 6.39 -23.76 -35.76
CA SER M 368 5.86 -24.94 -35.07
C SER M 368 4.35 -24.83 -34.87
N LYS M 369 3.81 -23.61 -34.76
CA LYS M 369 2.40 -23.41 -34.49
C LYS M 369 1.67 -23.13 -35.80
N LYS M 370 0.64 -23.92 -36.08
CA LYS M 370 -0.23 -23.80 -37.25
C LYS M 370 0.49 -24.00 -38.58
N GLY M 371 1.79 -24.32 -38.54
CA GLY M 371 2.53 -24.58 -39.76
C GLY M 371 2.62 -23.42 -40.72
N THR M 372 2.37 -22.20 -40.24
CA THR M 372 2.40 -21.02 -41.10
C THR M 372 3.84 -20.66 -41.41
N LYS M 373 4.24 -20.75 -42.68
CA LYS M 373 5.60 -20.42 -43.05
C LYS M 373 5.87 -18.94 -42.83
N PHE M 374 7.03 -18.64 -42.23
CA PHE M 374 7.41 -17.27 -41.90
C PHE M 374 8.84 -17.03 -42.33
N HIS M 375 9.08 -15.89 -42.98
CA HIS M 375 10.42 -15.48 -43.36
C HIS M 375 10.42 -13.99 -43.64
N GLN M 376 11.43 -13.28 -43.11
CA GLN M 376 11.54 -11.83 -43.26
C GLN M 376 10.28 -11.14 -42.77
N SER M 377 9.75 -11.64 -41.65
CA SER M 377 8.51 -11.14 -41.04
C SER M 377 7.34 -11.19 -42.03
N ILE M 378 7.37 -12.16 -42.93
CA ILE M 378 6.29 -12.36 -43.91
C ILE M 378 5.75 -13.76 -43.69
N GLY M 379 4.42 -13.86 -43.53
CA GLY M 379 3.81 -15.13 -43.20
C GLY M 379 2.74 -15.60 -44.17
N LYS M 380 2.81 -16.87 -44.56
CA LYS M 380 1.81 -17.49 -45.41
C LYS M 380 1.33 -18.77 -44.78
N HIS M 381 0.01 -18.97 -44.71
CA HIS M 381 -0.56 -20.19 -44.17
C HIS M 381 -0.26 -21.32 -45.14
N TYR M 382 0.66 -22.22 -44.76
CA TYR M 382 1.23 -23.18 -45.68
C TYR M 382 0.95 -24.63 -45.30
N SER M 383 1.20 -25.00 -44.05
CA SER M 383 1.15 -26.41 -43.66
C SER M 383 0.52 -26.51 -42.27
N SER M 384 0.67 -27.68 -41.65
CA SER M 384 0.18 -27.94 -40.31
C SER M 384 1.30 -27.77 -39.29
N GLY M 385 0.90 -27.49 -38.06
CA GLY M 385 1.85 -27.24 -37.00
C GLY M 385 2.42 -28.51 -36.38
N TYR M 386 3.45 -28.32 -35.57
CA TYR M 386 4.08 -29.42 -34.84
C TYR M 386 4.36 -28.94 -33.41
N GLY M 387 5.07 -29.77 -32.65
CA GLY M 387 5.24 -29.48 -31.24
C GLY M 387 5.60 -30.66 -30.35
N GLN M 388 4.80 -30.89 -29.31
CA GLN M 388 5.11 -31.87 -28.29
C GLN M 388 5.36 -33.25 -28.89
N GLY M 389 6.47 -33.87 -28.50
CA GLY M 389 6.79 -35.20 -28.96
C GLY M 389 6.90 -35.34 -30.46
N ASP M 390 7.16 -34.24 -31.16
CA ASP M 390 7.25 -34.24 -32.62
C ASP M 390 8.72 -34.15 -33.00
N VAL M 391 9.27 -35.26 -33.48
CA VAL M 391 10.66 -35.28 -33.94
C VAL M 391 10.74 -34.66 -35.33
N LEU M 392 11.59 -33.65 -35.48
CA LEU M 392 11.78 -32.94 -36.73
C LEU M 392 13.00 -33.54 -37.44
N GLY M 393 12.75 -34.24 -38.54
CA GLY M 393 13.85 -34.72 -39.34
C GLY M 393 14.49 -33.59 -40.12
N PHE M 394 15.76 -33.78 -40.50
CA PHE M 394 16.49 -32.76 -41.22
C PHE M 394 17.59 -33.45 -42.00
N TYR M 395 17.50 -33.40 -43.33
CA TYR M 395 18.50 -33.98 -44.23
C TYR M 395 18.71 -32.99 -45.36
N ILE M 396 19.68 -32.09 -45.18
CA ILE M 396 19.99 -31.10 -46.20
C ILE M 396 20.50 -31.84 -47.43
N ASN M 397 19.73 -31.76 -48.51
CA ASN M 397 19.92 -32.64 -49.66
C ASN M 397 21.03 -32.08 -50.56
N LEU M 398 22.28 -32.32 -50.14
CA LEU M 398 23.45 -32.05 -50.97
C LEU M 398 24.45 -33.20 -50.85
N PRO M 399 24.04 -34.41 -51.23
CA PRO M 399 25.01 -35.53 -51.22
C PRO M 399 26.15 -35.33 -52.19
N GLU M 400 26.01 -34.46 -53.18
CA GLU M 400 27.06 -34.16 -54.14
C GLU M 400 27.84 -32.93 -53.72
N ASP M 401 29.10 -32.88 -54.12
CA ASP M 401 29.99 -31.77 -53.74
C ASP M 401 29.53 -30.46 -54.37
N THR M 402 29.58 -29.38 -53.58
CA THR M 402 29.12 -28.07 -53.98
C THR M 402 30.25 -27.05 -53.83
N GLU M 403 29.91 -25.78 -54.04
CA GLU M 403 30.84 -24.68 -53.80
C GLU M 403 30.09 -23.53 -53.15
N THR M 404 30.74 -22.89 -52.17
CA THR M 404 30.16 -21.77 -51.44
C THR M 404 31.24 -20.75 -51.14
N ALA M 405 30.83 -19.60 -50.60
CA ALA M 405 31.73 -18.58 -50.11
C ALA M 405 31.64 -18.53 -48.59
N LYS M 406 32.79 -18.58 -47.93
CA LYS M 406 32.84 -18.75 -46.48
C LYS M 406 33.07 -17.45 -45.74
N SER M 407 34.19 -16.77 -45.98
CA SER M 407 34.62 -15.67 -45.12
C SER M 407 34.85 -14.41 -45.93
N LEU M 408 34.41 -13.28 -45.38
CA LEU M 408 34.64 -11.95 -45.94
C LEU M 408 34.46 -10.88 -44.87
N PRO M 409 35.36 -10.83 -43.87
CA PRO M 409 35.20 -9.86 -42.79
C PRO M 409 35.32 -8.43 -43.28
N ASP M 410 34.69 -7.52 -42.52
CA ASP M 410 34.72 -6.10 -42.82
C ASP M 410 35.36 -5.25 -41.72
N THR M 411 35.67 -5.83 -40.56
CA THR M 411 36.25 -5.11 -39.45
C THR M 411 37.49 -5.85 -38.95
N TYR M 412 38.44 -5.10 -38.41
CA TYR M 412 39.69 -5.68 -37.91
C TYR M 412 40.00 -5.29 -36.48
N LYS M 413 39.72 -4.04 -36.08
CA LYS M 413 40.08 -3.60 -34.73
C LYS M 413 39.29 -4.38 -33.68
N ASP M 414 38.05 -4.75 -33.98
CA ASP M 414 37.29 -5.60 -33.08
C ASP M 414 37.81 -7.02 -33.01
N LYS M 415 38.73 -7.40 -33.90
CA LYS M 415 39.36 -8.71 -33.86
C LYS M 415 40.76 -8.53 -33.27
N ALA M 416 40.84 -8.59 -31.94
CA ALA M 416 42.09 -8.40 -31.22
C ALA M 416 42.18 -9.43 -30.10
N LEU M 417 43.35 -9.50 -29.47
CA LEU M 417 43.60 -10.42 -28.36
C LEU M 417 44.29 -9.64 -27.24
N ILE M 418 43.69 -9.66 -26.05
CA ILE M 418 44.25 -9.02 -24.87
C ILE M 418 43.70 -9.70 -23.63
N LYS M 419 44.50 -9.72 -22.57
CA LYS M 419 44.08 -10.31 -21.31
C LYS M 419 42.85 -9.60 -20.76
N PHE M 420 41.86 -10.39 -20.31
CA PHE M 420 40.67 -9.80 -19.70
C PHE M 420 40.93 -9.43 -18.25
N LYS M 421 41.12 -10.43 -17.40
CA LYS M 421 41.71 -10.21 -16.09
C LYS M 421 42.82 -11.20 -15.77
N SER M 422 42.66 -12.46 -16.17
CA SER M 422 43.71 -13.46 -15.96
C SER M 422 43.82 -14.43 -17.13
N TYR M 423 43.06 -14.25 -18.20
CA TYR M 423 43.04 -15.20 -19.29
C TYR M 423 42.79 -14.47 -20.60
N LEU M 424 43.15 -15.12 -21.70
CA LEU M 424 42.98 -14.57 -23.03
C LEU M 424 41.63 -14.99 -23.62
N TYR M 425 41.11 -14.17 -24.52
CA TYR M 425 39.91 -14.48 -25.28
C TYR M 425 40.15 -14.08 -26.73
N PHE M 426 39.69 -14.93 -27.67
CA PHE M 426 39.91 -14.69 -29.09
C PHE M 426 38.68 -13.98 -29.66
N GLU M 427 38.85 -12.69 -29.97
CA GLU M 427 37.77 -11.90 -30.55
C GLU M 427 37.58 -12.28 -32.02
N GLU M 428 37.01 -13.46 -32.28
CA GLU M 428 36.66 -13.86 -33.64
C GLU M 428 35.22 -13.45 -33.91
N LYS M 429 35.02 -12.25 -34.52
CA LYS M 429 33.67 -11.76 -34.67
C LYS M 429 33.24 -11.68 -36.10
N ASP M 430 31.90 -11.82 -36.31
CA ASP M 430 31.25 -11.66 -37.60
C ASP M 430 30.77 -10.21 -37.65
N PHE M 431 30.38 -9.75 -38.83
CA PHE M 431 29.67 -8.49 -39.00
C PHE M 431 28.33 -8.77 -39.69
N VAL M 432 27.62 -7.70 -40.06
CA VAL M 432 26.27 -7.83 -40.59
C VAL M 432 26.13 -7.08 -41.92
N ASP M 433 26.08 -5.75 -41.86
CA ASP M 433 25.73 -4.93 -43.02
C ASP M 433 26.60 -5.16 -44.27
N LYS M 434 27.83 -5.64 -44.09
CA LYS M 434 28.76 -6.00 -45.18
C LYS M 434 28.46 -7.42 -45.65
N ALA M 435 28.32 -8.35 -44.69
CA ALA M 435 28.01 -9.74 -44.96
C ALA M 435 26.70 -9.91 -45.72
N GLU M 436 25.61 -9.25 -45.30
CA GLU M 436 24.32 -9.27 -46.00
C GLU M 436 24.40 -8.81 -47.47
N LYS M 437 25.34 -7.91 -47.80
CA LYS M 437 25.55 -7.38 -49.15
C LYS M 437 26.47 -8.26 -50.00
N SER M 438 27.19 -9.20 -49.38
CA SER M 438 27.88 -10.25 -50.10
C SER M 438 27.00 -11.48 -50.29
N LEU M 439 25.70 -11.35 -50.07
CA LEU M 439 24.79 -12.49 -50.14
C LEU M 439 24.78 -13.08 -51.54
N LYS M 440 24.96 -14.40 -51.62
CA LYS M 440 24.91 -15.05 -52.91
C LYS M 440 24.12 -16.34 -52.78
N GLN M 441 23.83 -16.95 -53.96
CA GLN M 441 23.12 -18.19 -53.99
C GLN M 441 24.10 -19.27 -54.29
N THR M 442 23.71 -20.53 -54.01
CA THR M 442 24.63 -21.65 -54.15
C THR M 442 23.85 -22.88 -54.57
N PRO M 443 24.56 -23.96 -54.81
CA PRO M 443 23.95 -25.22 -55.16
C PRO M 443 23.21 -25.84 -54.00
N HIS M 444 22.19 -26.68 -54.32
CA HIS M 444 21.21 -27.31 -53.42
C HIS M 444 20.69 -26.30 -52.41
N SER M 445 20.29 -25.13 -52.92
CA SER M 445 19.85 -24.01 -52.07
C SER M 445 18.40 -24.22 -51.64
N GLU M 446 18.22 -25.11 -50.67
CA GLU M 446 16.89 -25.39 -50.14
C GLU M 446 17.04 -25.97 -48.74
N ILE M 447 16.56 -25.23 -47.74
CA ILE M 447 16.58 -25.67 -46.35
C ILE M 447 15.22 -26.28 -46.07
N ILE M 448 15.15 -27.61 -46.13
CA ILE M 448 13.87 -28.32 -46.02
C ILE M 448 13.63 -28.67 -44.56
N PHE M 449 12.43 -28.35 -44.08
CA PHE M 449 12.05 -28.57 -42.69
C PHE M 449 11.19 -29.83 -42.63
N TYR M 450 11.85 -30.98 -42.56
CA TYR M 450 11.17 -32.27 -42.62
C TYR M 450 10.40 -32.53 -41.32
N LYS M 451 9.76 -33.69 -41.26
CA LYS M 451 9.02 -34.17 -40.10
C LYS M 451 9.39 -35.62 -39.81
N ASN M 452 10.70 -35.88 -39.77
CA ASN M 452 11.25 -37.24 -39.65
C ASN M 452 10.86 -38.10 -40.85
N GLY M 453 11.38 -37.72 -42.01
CA GLY M 453 11.09 -38.40 -43.25
C GLY M 453 9.98 -37.75 -44.04
N VAL M 454 8.77 -37.72 -43.48
CA VAL M 454 7.66 -37.03 -44.14
C VAL M 454 7.95 -35.55 -44.18
N ASN M 455 7.71 -34.93 -45.33
CA ASN M 455 7.99 -33.51 -45.52
C ASN M 455 6.75 -32.82 -46.07
N GLN M 456 6.43 -31.66 -45.48
CA GLN M 456 5.34 -30.83 -45.96
C GLN M 456 5.71 -30.00 -47.18
N GLY M 457 6.97 -30.05 -47.60
CA GLY M 457 7.48 -29.22 -48.66
C GLY M 457 8.40 -28.16 -48.06
N VAL M 458 9.50 -27.88 -48.76
CA VAL M 458 10.42 -26.85 -48.30
C VAL M 458 9.69 -25.50 -48.27
N ALA M 459 9.72 -24.84 -47.11
CA ALA M 459 8.94 -23.62 -46.96
C ALA M 459 9.53 -22.47 -47.76
N TYR M 460 10.84 -22.25 -47.66
CA TYR M 460 11.48 -21.14 -48.35
C TYR M 460 12.73 -21.64 -49.05
N LYS M 461 13.01 -21.03 -50.20
CA LYS M 461 14.08 -21.45 -51.10
C LYS M 461 15.16 -20.37 -51.16
N ASP M 462 16.14 -20.61 -52.04
CA ASP M 462 17.22 -19.66 -52.32
C ASP M 462 17.95 -19.26 -51.03
N ILE M 463 18.56 -20.26 -50.40
CA ILE M 463 19.21 -20.05 -49.12
C ILE M 463 20.57 -19.39 -49.33
N PHE M 464 21.08 -18.79 -48.26
CA PHE M 464 22.34 -18.04 -48.35
C PHE M 464 23.50 -18.97 -48.64
N GLU M 465 24.43 -18.50 -49.48
CA GLU M 465 25.59 -19.30 -49.89
C GLU M 465 26.66 -19.17 -48.81
N GLY M 466 26.92 -20.27 -48.11
CA GLY M 466 27.93 -20.25 -47.08
C GLY M 466 27.87 -21.52 -46.25
N VAL M 467 28.61 -21.51 -45.15
CA VAL M 467 28.68 -22.67 -44.27
C VAL M 467 27.34 -22.81 -43.54
N TYR M 468 26.81 -24.03 -43.53
CA TYR M 468 25.48 -24.28 -42.99
C TYR M 468 25.57 -24.74 -41.55
N PHE M 469 24.79 -24.11 -40.68
CA PHE M 469 24.68 -24.52 -39.27
C PHE M 469 23.22 -24.78 -38.98
N PRO M 470 22.84 -25.99 -38.54
CA PRO M 470 21.43 -26.24 -38.22
C PRO M 470 21.00 -25.48 -36.98
N ALA M 471 20.24 -24.40 -37.17
CA ALA M 471 19.79 -23.55 -36.07
C ALA M 471 18.47 -24.07 -35.52
N ILE M 472 18.45 -24.22 -34.20
CA ILE M 472 17.24 -24.53 -33.44
C ILE M 472 16.79 -23.25 -32.76
N SER M 473 15.57 -22.83 -33.03
CA SER M 473 15.04 -21.56 -32.52
C SER M 473 13.95 -21.84 -31.50
N LEU M 474 14.11 -21.30 -30.30
CA LEU M 474 13.10 -21.34 -29.25
C LEU M 474 12.61 -19.92 -28.98
N TYR M 475 11.50 -19.82 -28.26
CA TYR M 475 10.90 -18.51 -28.02
C TYR M 475 10.62 -18.32 -26.53
N LYS M 476 10.44 -19.43 -25.81
CA LYS M 476 10.33 -19.38 -24.35
C LYS M 476 11.01 -20.63 -23.79
N SER M 477 10.75 -20.91 -22.51
CA SER M 477 11.39 -22.04 -21.85
C SER M 477 10.89 -23.35 -22.44
N CYS M 478 11.79 -24.10 -23.08
CA CYS M 478 11.45 -25.39 -23.66
C CYS M 478 12.73 -26.16 -23.95
N THR M 479 12.71 -27.46 -23.65
CA THR M 479 13.84 -28.35 -23.87
C THR M 479 13.65 -29.15 -25.15
N VAL M 480 14.77 -29.61 -25.70
CA VAL M 480 14.75 -30.37 -26.94
C VAL M 480 16.06 -31.16 -27.05
N SER M 481 15.96 -32.40 -27.49
CA SER M 481 17.12 -33.27 -27.69
C SER M 481 17.49 -33.33 -29.17
N ILE M 482 18.74 -33.71 -29.43
CA ILE M 482 19.32 -33.60 -30.76
C ILE M 482 20.06 -34.88 -31.11
N ASN M 483 20.22 -35.10 -32.43
CA ASN M 483 21.09 -36.17 -32.92
C ASN M 483 21.51 -35.80 -34.34
N PHE M 484 22.73 -35.31 -34.48
CA PHE M 484 23.26 -34.87 -35.77
C PHE M 484 24.53 -35.63 -36.11
N GLY M 485 24.74 -35.87 -37.40
CA GLY M 485 25.93 -36.53 -37.89
C GLY M 485 25.73 -37.07 -39.29
N PRO M 486 26.77 -37.71 -39.86
CA PRO M 486 26.64 -38.37 -41.16
C PRO M 486 26.00 -39.74 -41.07
N CYS M 487 24.88 -39.82 -40.36
CA CYS M 487 24.17 -41.08 -40.13
C CYS M 487 22.70 -40.94 -40.53
N PHE M 488 21.90 -41.95 -40.19
CA PHE M 488 20.47 -41.92 -40.48
C PHE M 488 19.63 -41.79 -39.21
N LYS M 489 19.75 -42.73 -38.28
CA LYS M 489 19.03 -42.62 -37.02
C LYS M 489 19.91 -42.82 -35.80
N TYR M 490 20.86 -43.74 -35.84
CA TYR M 490 21.62 -44.07 -34.65
C TYR M 490 22.79 -43.10 -34.49
N PRO M 491 22.92 -42.44 -33.35
CA PRO M 491 24.05 -41.54 -33.12
C PRO M 491 25.40 -42.23 -33.27
N PRO M 492 25.58 -43.49 -32.77
CA PRO M 492 26.96 -44.02 -32.84
C PRO M 492 27.34 -44.66 -34.18
N LYS M 493 27.66 -43.82 -35.15
CA LYS M 493 28.29 -44.28 -36.39
C LYS M 493 29.79 -43.96 -36.39
N ASP M 494 30.13 -42.68 -36.20
CA ASP M 494 31.50 -42.29 -35.90
C ASP M 494 31.71 -42.37 -34.40
N LEU M 495 32.79 -41.77 -33.90
CA LEU M 495 32.96 -41.65 -32.46
C LEU M 495 31.79 -40.87 -31.87
N THR M 496 31.18 -41.41 -30.82
CA THR M 496 29.88 -40.93 -30.35
C THR M 496 30.07 -39.62 -29.59
N TYR M 497 30.39 -38.57 -30.36
CA TYR M 497 30.41 -37.19 -29.88
C TYR M 497 31.27 -37.05 -28.62
N ARG M 498 32.56 -37.30 -28.80
CA ARG M 498 33.49 -37.30 -27.67
C ARG M 498 33.52 -35.94 -26.99
N PRO M 499 33.48 -35.88 -25.66
CA PRO M 499 33.58 -34.60 -24.97
C PRO M 499 35.01 -34.15 -24.68
N MET M 500 35.99 -35.04 -24.86
CA MET M 500 37.39 -34.76 -24.54
C MET M 500 37.52 -34.30 -23.08
N SER M 501 37.08 -35.17 -22.18
CA SER M 501 37.14 -34.95 -20.74
C SER M 501 37.82 -36.18 -20.13
N ASP M 502 39.15 -36.16 -20.09
CA ASP M 502 39.92 -37.26 -19.55
C ASP M 502 41.26 -36.74 -19.06
N MET M 503 41.87 -37.49 -18.15
CA MET M 503 43.12 -37.07 -17.52
C MET M 503 44.35 -37.72 -18.15
N GLY M 504 44.16 -38.68 -19.05
CA GLY M 504 45.29 -39.37 -19.64
C GLY M 504 46.08 -38.49 -20.58
N TRP M 505 47.11 -39.09 -21.19
CA TRP M 505 48.00 -38.35 -22.09
C TRP M 505 47.31 -37.98 -23.39
N GLY M 506 46.17 -38.60 -23.72
CA GLY M 506 45.44 -38.21 -24.91
C GLY M 506 44.95 -36.76 -24.84
N ALA M 507 44.42 -36.37 -23.69
CA ALA M 507 44.02 -34.98 -23.50
C ALA M 507 45.22 -34.05 -23.62
N VAL M 508 46.37 -34.45 -23.06
CA VAL M 508 47.57 -33.62 -23.13
C VAL M 508 47.99 -33.41 -24.58
N VAL M 509 48.03 -34.50 -25.35
CA VAL M 509 48.50 -34.38 -26.73
C VAL M 509 47.50 -33.60 -27.57
N GLU M 510 46.20 -33.78 -27.35
CA GLU M 510 45.22 -33.01 -28.12
C GLU M 510 45.28 -31.53 -27.77
N HIS M 511 45.45 -31.21 -26.49
CA HIS M 511 45.58 -29.81 -26.09
C HIS M 511 46.83 -29.18 -26.68
N THR M 512 47.95 -29.92 -26.69
CA THR M 512 49.16 -29.39 -27.31
C THR M 512 49.00 -29.24 -28.81
N LEU M 513 48.26 -30.15 -29.45
CA LEU M 513 47.98 -30.03 -30.87
C LEU M 513 47.20 -28.76 -31.16
N ALA M 514 46.18 -28.48 -30.35
CA ALA M 514 45.42 -27.24 -30.52
C ALA M 514 46.29 -26.01 -30.25
N ASP M 515 47.13 -26.10 -29.22
CA ASP M 515 48.05 -25.01 -28.92
C ASP M 515 48.93 -24.69 -30.12
N VAL M 516 49.50 -25.72 -30.75
CA VAL M 516 50.30 -25.51 -31.96
C VAL M 516 49.45 -24.99 -33.11
N LEU M 517 48.21 -25.50 -33.20
CA LEU M 517 47.32 -25.10 -34.28
C LEU M 517 47.10 -23.59 -34.29
N TYR M 518 47.00 -22.99 -33.10
CA TYR M 518 46.91 -21.54 -33.08
C TYR M 518 48.29 -20.87 -32.99
N HIS M 519 49.30 -21.60 -32.53
CA HIS M 519 50.63 -21.04 -32.37
C HIS M 519 51.26 -20.71 -33.71
N VAL M 520 50.98 -21.52 -34.73
CA VAL M 520 51.55 -21.27 -36.05
C VAL M 520 51.16 -19.87 -36.53
N GLU M 521 49.88 -19.52 -36.42
CA GLU M 521 49.45 -18.21 -36.88
C GLU M 521 49.79 -17.10 -35.90
N THR M 522 49.82 -17.37 -34.59
CA THR M 522 50.25 -16.30 -33.68
C THR M 522 51.73 -16.01 -33.82
N GLU M 523 52.51 -16.92 -34.40
CA GLU M 523 53.91 -16.62 -34.72
C GLU M 523 54.04 -15.93 -36.06
N VAL M 524 53.36 -16.44 -37.09
CA VAL M 524 53.53 -15.87 -38.44
C VAL M 524 52.73 -14.59 -38.65
N ASP M 525 51.90 -14.19 -37.68
CA ASP M 525 51.10 -12.98 -37.86
C ASP M 525 51.93 -11.72 -37.63
N GLY M 526 52.47 -11.55 -36.43
CA GLY M 526 53.14 -10.32 -36.06
C GLY M 526 52.22 -9.42 -35.28
N ARG M 527 52.45 -9.31 -33.97
CA ARG M 527 51.53 -8.60 -33.09
C ARG M 527 51.82 -7.11 -33.08
N ARG M 528 50.75 -6.32 -33.15
CA ARG M 528 50.86 -4.86 -33.13
C ARG M 528 51.39 -4.37 -31.78
N GLN N 11 -19.22 -5.12 -5.38
CA GLN N 11 -18.23 -6.11 -4.95
C GLN N 11 -18.38 -6.45 -3.47
N ASN N 12 -17.30 -6.25 -2.72
CA ASN N 12 -17.29 -6.52 -1.29
C ASN N 12 -17.86 -5.32 -0.55
N TYR N 13 -17.77 -5.35 0.78
CA TYR N 13 -18.29 -4.27 1.60
C TYR N 13 -17.54 -2.97 1.30
N PRO N 14 -18.18 -1.83 1.50
CA PRO N 14 -17.50 -0.55 1.23
C PRO N 14 -16.26 -0.39 2.10
N GLU N 15 -15.19 0.12 1.51
CA GLU N 15 -13.91 0.23 2.19
C GLU N 15 -13.35 1.65 2.24
N GLU N 16 -13.90 2.58 1.47
CA GLU N 16 -13.49 3.98 1.53
C GLU N 16 -14.53 4.79 2.29
N ALA N 17 -14.16 6.03 2.61
CA ALA N 17 -15.04 6.94 3.34
C ALA N 17 -15.34 8.16 2.48
N ASP N 18 -16.60 8.57 2.48
CA ASP N 18 -17.05 9.78 1.81
C ASP N 18 -17.47 10.82 2.85
N GLY N 19 -17.47 12.07 2.42
CA GLY N 19 -17.86 13.18 3.26
C GLY N 19 -19.36 13.26 3.43
N THR N 20 -19.86 14.49 3.51
CA THR N 20 -21.27 14.74 3.72
C THR N 20 -21.92 15.26 2.45
N LEU N 21 -23.24 15.16 2.39
CA LEU N 21 -24.05 15.69 1.29
C LEU N 21 -25.16 16.53 1.92
N ASP N 22 -24.87 17.81 2.16
CA ASP N 22 -25.82 18.72 2.79
C ASP N 22 -26.10 19.87 1.84
N CYS N 23 -27.08 19.68 0.96
CA CYS N 23 -27.57 20.79 0.14
C CYS N 23 -28.25 21.84 1.01
N ILE N 24 -28.97 21.40 2.04
CA ILE N 24 -29.54 22.31 3.03
C ILE N 24 -29.18 21.74 4.41
N SER N 25 -29.19 22.61 5.41
CA SER N 25 -28.59 22.27 6.70
C SER N 25 -29.29 21.09 7.37
N MET N 26 -30.61 21.05 7.34
CA MET N 26 -31.35 20.02 8.05
C MET N 26 -31.73 18.88 7.10
N ALA N 27 -31.70 17.65 7.63
CA ALA N 27 -32.07 16.47 6.86
C ALA N 27 -32.42 15.37 7.85
N LEU N 28 -33.69 14.95 7.86
CA LEU N 28 -34.16 14.01 8.88
C LEU N 28 -34.16 12.57 8.38
N THR N 29 -34.86 12.31 7.26
CA THR N 29 -35.03 10.94 6.77
C THR N 29 -34.48 10.82 5.36
N CYS N 30 -34.08 9.59 5.01
CA CYS N 30 -33.55 9.30 3.69
C CYS N 30 -33.92 7.89 3.29
N THR N 31 -34.11 7.68 1.99
CA THR N 31 -34.40 6.36 1.44
C THR N 31 -34.10 6.36 -0.05
N PHE N 32 -33.66 5.22 -0.56
CA PHE N 32 -33.44 5.06 -1.99
C PHE N 32 -34.71 4.55 -2.66
N ASN N 33 -34.90 4.91 -3.94
CA ASN N 33 -36.17 4.61 -4.58
C ASN N 33 -36.23 3.17 -5.09
N ARG N 34 -35.37 2.83 -6.05
CA ARG N 34 -35.20 1.45 -6.50
C ARG N 34 -33.75 1.05 -6.59
N TRP N 35 -32.87 1.93 -7.06
CA TRP N 35 -31.43 1.73 -7.12
C TRP N 35 -30.69 3.01 -6.73
N GLY N 36 -31.27 3.78 -5.81
CA GLY N 36 -30.63 5.01 -5.36
C GLY N 36 -30.61 6.08 -6.42
N THR N 37 -31.78 6.62 -6.77
CA THR N 37 -31.89 7.68 -7.76
C THR N 37 -32.01 9.05 -7.10
N LEU N 38 -33.00 9.23 -6.21
CA LEU N 38 -33.23 10.49 -5.54
C LEU N 38 -33.44 10.27 -4.05
N LEU N 39 -33.10 11.29 -3.27
CA LEU N 39 -33.16 11.23 -1.82
C LEU N 39 -34.37 12.02 -1.34
N ALA N 40 -35.18 11.41 -0.49
CA ALA N 40 -36.40 12.05 0.02
C ALA N 40 -36.12 12.58 1.41
N VAL N 41 -35.73 13.85 1.49
CA VAL N 41 -35.42 14.49 2.76
C VAL N 41 -36.70 15.12 3.31
N GLY N 42 -37.11 14.66 4.48
CA GLY N 42 -38.19 15.34 5.18
C GLY N 42 -37.64 16.33 6.18
N CYS N 43 -37.55 17.59 5.78
CA CYS N 43 -36.94 18.59 6.65
C CYS N 43 -37.82 18.88 7.86
N ASN N 44 -37.18 19.23 8.97
CA ASN N 44 -37.91 19.53 10.20
C ASN N 44 -38.45 20.95 10.19
N ASP N 45 -39.16 21.33 9.11
CA ASP N 45 -39.80 22.63 9.04
C ASP N 45 -41.15 22.58 8.34
N GLY N 46 -41.71 21.39 8.12
CA GLY N 46 -42.95 21.27 7.37
C GLY N 46 -42.79 21.23 5.87
N ARG N 47 -41.56 21.16 5.37
CA ARG N 47 -41.29 21.11 3.94
C ARG N 47 -40.78 19.72 3.56
N ILE N 48 -40.90 19.40 2.27
CA ILE N 48 -40.41 18.12 1.75
C ILE N 48 -39.41 18.45 0.65
N VAL N 49 -38.14 18.11 0.86
CA VAL N 49 -37.07 18.43 -0.08
C VAL N 49 -36.66 17.12 -0.77
N ILE N 50 -36.31 17.21 -2.04
CA ILE N 50 -35.81 16.07 -2.79
C ILE N 50 -34.41 16.39 -3.27
N TRP N 51 -33.44 15.59 -2.85
CA TRP N 51 -32.06 15.71 -3.30
C TRP N 51 -31.78 14.69 -4.40
N ASP N 52 -30.65 14.85 -5.06
CA ASP N 52 -30.25 13.97 -6.15
C ASP N 52 -29.10 13.07 -5.68
N PHE N 53 -29.24 11.77 -5.91
CA PHE N 53 -28.21 10.79 -5.57
C PHE N 53 -27.50 10.35 -6.83
N LEU N 54 -26.19 10.07 -6.68
CA LEU N 54 -25.30 9.68 -7.78
C LEU N 54 -25.09 10.84 -8.74
N THR N 55 -25.77 11.96 -8.47
CA THR N 55 -25.62 13.18 -9.25
C THR N 55 -25.37 14.41 -8.38
N ARG N 56 -25.56 14.30 -7.07
CA ARG N 56 -25.22 15.37 -6.11
C ARG N 56 -25.94 16.68 -6.44
N GLY N 57 -27.27 16.64 -6.33
CA GLY N 57 -28.07 17.82 -6.58
C GLY N 57 -29.38 17.86 -5.83
N ILE N 58 -30.30 18.73 -6.28
CA ILE N 58 -31.63 18.84 -5.70
C ILE N 58 -32.65 18.76 -6.83
N ALA N 59 -33.87 18.35 -6.49
CA ALA N 59 -34.93 18.18 -7.46
C ALA N 59 -36.11 19.12 -7.22
N LYS N 60 -36.72 19.09 -6.04
CA LYS N 60 -37.95 19.84 -5.81
C LYS N 60 -38.15 20.06 -4.33
N ILE N 61 -38.68 21.24 -3.98
CA ILE N 61 -39.04 21.58 -2.61
C ILE N 61 -40.55 21.82 -2.57
N ILE N 62 -41.23 21.15 -1.64
CA ILE N 62 -42.68 21.16 -1.53
C ILE N 62 -43.06 21.78 -0.20
N SER N 63 -43.95 22.77 -0.24
CA SER N 63 -44.54 23.36 0.96
C SER N 63 -45.74 22.52 1.37
N ALA N 64 -45.45 21.50 2.18
CA ALA N 64 -46.48 20.53 2.56
C ALA N 64 -47.46 21.15 3.56
N HIS N 65 -46.98 21.50 4.74
CA HIS N 65 -47.80 22.05 5.81
C HIS N 65 -46.88 22.65 6.87
N ILE N 66 -47.45 23.01 8.02
CA ILE N 66 -46.68 23.71 9.04
C ILE N 66 -45.85 22.73 9.87
N HIS N 67 -46.51 21.78 10.51
CA HIS N 67 -45.80 20.85 11.38
C HIS N 67 -44.89 19.96 10.55
N PRO N 68 -43.62 19.81 10.93
CA PRO N 68 -42.71 18.95 10.17
C PRO N 68 -43.14 17.49 10.13
N VAL N 69 -42.54 16.75 9.20
CA VAL N 69 -42.85 15.35 8.99
C VAL N 69 -41.71 14.50 9.56
N CYS N 70 -41.92 13.19 9.58
CA CYS N 70 -40.95 12.28 10.17
C CYS N 70 -40.66 11.03 9.33
N SER N 71 -41.29 10.86 8.17
CA SER N 71 -41.03 9.69 7.34
C SER N 71 -41.44 10.01 5.91
N LEU N 72 -40.89 9.24 4.97
CA LEU N 72 -41.12 9.48 3.56
C LEU N 72 -41.01 8.17 2.77
N CYS N 73 -41.80 8.09 1.69
CA CYS N 73 -41.71 7.02 0.71
C CYS N 73 -42.42 7.50 -0.56
N TRP N 74 -42.13 6.85 -1.67
CA TRP N 74 -42.69 7.22 -2.96
C TRP N 74 -43.60 6.13 -3.50
N SER N 75 -44.43 6.49 -4.48
CA SER N 75 -45.42 5.57 -5.00
C SER N 75 -44.78 4.53 -5.92
N ARG N 76 -45.55 3.47 -6.19
CA ARG N 76 -45.11 2.44 -7.12
C ARG N 76 -44.87 3.01 -8.51
N ASP N 77 -45.78 3.87 -8.98
CA ASP N 77 -45.59 4.53 -10.26
C ASP N 77 -44.73 5.78 -10.15
N GLY N 78 -44.29 6.14 -8.95
CA GLY N 78 -43.40 7.27 -8.78
C GLY N 78 -44.05 8.63 -8.90
N HIS N 79 -45.38 8.70 -8.94
CA HIS N 79 -46.10 9.95 -9.11
C HIS N 79 -46.54 10.58 -7.80
N LYS N 80 -46.30 9.91 -6.67
CA LYS N 80 -46.75 10.40 -5.38
C LYS N 80 -45.59 10.42 -4.40
N LEU N 81 -45.73 11.28 -3.37
CA LEU N 81 -44.73 11.43 -2.31
C LEU N 81 -45.45 11.29 -0.98
N VAL N 82 -45.65 10.05 -0.52
CA VAL N 82 -46.33 9.86 0.75
C VAL N 82 -45.40 10.26 1.89
N SER N 83 -45.98 10.77 2.97
CA SER N 83 -45.22 11.27 4.10
C SER N 83 -45.98 10.95 5.38
N ALA N 84 -45.39 10.15 6.25
CA ALA N 84 -45.98 9.91 7.56
C ALA N 84 -45.82 11.16 8.41
N SER N 85 -46.83 12.02 8.39
CA SER N 85 -46.73 13.32 9.02
C SER N 85 -46.82 13.20 10.54
N THR N 86 -46.27 14.19 11.22
CA THR N 86 -46.40 14.31 12.67
C THR N 86 -47.66 15.06 13.10
N ASP N 87 -48.39 15.62 12.13
CA ASP N 87 -49.64 16.33 12.39
C ASP N 87 -50.81 15.68 11.65
N ASN N 88 -50.71 14.37 11.39
CA ASN N 88 -51.81 13.57 10.84
C ASN N 88 -52.32 14.12 9.52
N ILE N 89 -51.40 14.59 8.68
CA ILE N 89 -51.73 15.02 7.32
C ILE N 89 -51.33 13.87 6.40
N VAL N 90 -52.30 13.00 6.11
CA VAL N 90 -52.10 11.89 5.18
C VAL N 90 -52.48 12.44 3.80
N SER N 91 -51.51 13.09 3.16
CA SER N 91 -51.73 13.76 1.89
C SER N 91 -50.89 13.10 0.80
N GLN N 92 -51.39 13.17 -0.42
CA GLN N 92 -50.70 12.59 -1.58
C GLN N 92 -50.08 13.73 -2.38
N TRP N 93 -48.89 14.16 -1.98
CA TRP N 93 -48.19 15.21 -2.69
C TRP N 93 -47.71 14.71 -4.04
N ASP N 94 -47.82 15.57 -5.06
CA ASP N 94 -47.42 15.17 -6.41
C ASP N 94 -45.93 15.36 -6.61
N VAL N 95 -45.30 14.36 -7.22
CA VAL N 95 -43.88 14.47 -7.57
C VAL N 95 -43.70 15.51 -8.67
N LEU N 96 -44.65 15.57 -9.60
CA LEU N 96 -44.49 16.42 -10.79
C LEU N 96 -44.72 17.89 -10.46
N SER N 97 -45.93 18.24 -10.02
CA SER N 97 -46.27 19.64 -9.81
C SER N 97 -45.88 20.11 -8.41
N GLY N 98 -45.82 19.20 -7.45
CA GLY N 98 -45.49 19.55 -6.08
C GLY N 98 -46.67 19.86 -5.19
N ASP N 99 -47.87 19.95 -5.74
CA ASP N 99 -49.06 20.22 -4.94
C ASP N 99 -49.63 18.91 -4.38
N CYS N 100 -50.75 19.02 -3.69
CA CYS N 100 -51.40 17.86 -3.07
C CYS N 100 -52.46 17.30 -4.01
N ASP N 101 -52.35 16.01 -4.30
CA ASP N 101 -53.34 15.32 -5.14
C ASP N 101 -54.50 14.80 -4.31
N GLN N 102 -54.20 14.03 -3.28
CA GLN N 102 -55.22 13.50 -2.36
C GLN N 102 -54.87 13.89 -0.94
N ARG N 103 -55.89 14.27 -0.17
CA ARG N 103 -55.72 14.70 1.21
C ARG N 103 -56.67 13.91 2.10
N PHE N 104 -56.14 13.38 3.21
CA PHE N 104 -56.94 12.61 4.13
C PHE N 104 -56.33 12.72 5.53
N ARG N 105 -57.14 12.39 6.54
CA ARG N 105 -56.72 12.46 7.92
C ARG N 105 -56.96 11.12 8.60
N PHE N 106 -56.00 10.68 9.41
CA PHE N 106 -56.09 9.42 10.10
C PHE N 106 -56.19 9.64 11.61
N PRO N 107 -56.92 8.79 12.33
CA PRO N 107 -57.05 8.96 13.78
C PRO N 107 -55.76 8.74 14.55
N SER N 108 -54.80 8.00 13.98
CA SER N 108 -53.51 7.76 14.61
C SER N 108 -52.41 8.07 13.62
N PRO N 109 -51.28 8.59 14.10
CA PRO N 109 -50.16 8.90 13.20
C PRO N 109 -49.59 7.63 12.58
N ILE N 110 -48.64 7.82 11.68
CA ILE N 110 -48.12 6.76 10.82
C ILE N 110 -46.64 6.56 11.11
N LEU N 111 -46.23 5.29 11.22
CA LEU N 111 -44.82 4.97 11.41
C LEU N 111 -44.11 4.67 10.09
N LYS N 112 -44.58 3.65 9.37
CA LYS N 112 -43.88 3.14 8.20
C LYS N 112 -44.79 3.24 6.99
N VAL N 113 -44.41 4.08 6.03
CA VAL N 113 -45.14 4.25 4.78
C VAL N 113 -44.40 3.51 3.68
N GLN N 114 -45.13 2.68 2.94
CA GLN N 114 -44.56 1.97 1.80
C GLN N 114 -45.64 1.81 0.74
N TYR N 115 -45.19 1.63 -0.50
CA TYR N 115 -46.07 1.36 -1.63
C TYR N 115 -45.80 -0.03 -2.17
N HIS N 116 -46.85 -0.83 -2.29
CA HIS N 116 -46.73 -2.16 -2.86
C HIS N 116 -46.30 -2.05 -4.31
N PRO N 117 -45.19 -2.68 -4.71
CA PRO N 117 -44.72 -2.57 -6.11
C PRO N 117 -45.69 -3.17 -7.12
N ARG N 118 -46.77 -3.78 -6.62
CA ARG N 118 -47.83 -4.27 -7.49
C ARG N 118 -49.20 -3.67 -7.16
N ASP N 119 -49.28 -2.82 -6.13
CA ASP N 119 -50.55 -2.17 -5.78
C ASP N 119 -50.22 -0.82 -5.15
N GLN N 120 -50.21 0.22 -5.99
CA GLN N 120 -50.02 1.58 -5.46
C GLN N 120 -51.30 2.16 -4.90
N ASN N 121 -52.45 1.56 -5.20
CA ASN N 121 -53.71 2.05 -4.68
C ASN N 121 -53.76 1.94 -3.16
N LYS N 122 -53.29 0.81 -2.61
CA LYS N 122 -53.33 0.56 -1.18
C LYS N 122 -51.96 0.89 -0.60
N VAL N 123 -51.87 2.01 0.11
CA VAL N 123 -50.62 2.44 0.73
C VAL N 123 -50.41 1.64 2.01
N LEU N 124 -49.19 1.69 2.55
CA LEU N 124 -48.87 1.04 3.81
C LEU N 124 -48.92 2.06 4.93
N VAL N 125 -49.74 1.80 5.94
CA VAL N 125 -49.91 2.67 7.08
C VAL N 125 -49.73 1.84 8.34
N CYS N 126 -49.04 2.41 9.35
CA CYS N 126 -48.79 1.74 10.61
C CYS N 126 -49.30 2.61 11.75
N PRO N 127 -50.61 2.68 11.94
CA PRO N 127 -51.15 3.47 13.06
C PRO N 127 -50.83 2.82 14.39
N MET N 128 -50.83 3.65 15.42
CA MET N 128 -50.48 3.23 16.78
C MET N 128 -51.74 3.05 17.60
N LYS N 129 -51.73 2.02 18.46
CA LYS N 129 -52.87 1.65 19.29
C LYS N 129 -54.11 1.33 18.45
N SER N 130 -53.92 0.97 17.18
CA SER N 130 -55.00 0.63 16.29
C SER N 130 -54.45 -0.24 15.16
N ALA N 131 -55.34 -0.99 14.52
CA ALA N 131 -54.94 -1.90 13.48
C ALA N 131 -54.47 -1.13 12.24
N PRO N 132 -53.52 -1.71 11.48
CA PRO N 132 -53.08 -1.06 10.24
C PRO N 132 -54.25 -0.84 9.28
N VAL N 133 -54.19 0.28 8.56
CA VAL N 133 -55.26 0.69 7.66
C VAL N 133 -54.66 0.90 6.27
N MET N 134 -55.27 0.27 5.27
CA MET N 134 -54.91 0.48 3.87
C MET N 134 -55.89 1.52 3.30
N LEU N 135 -55.37 2.65 2.86
CA LEU N 135 -56.17 3.69 2.24
C LEU N 135 -56.05 3.56 0.74
N THR N 136 -57.20 3.40 0.07
CA THR N 136 -57.22 3.23 -1.38
C THR N 136 -57.26 4.59 -2.05
N LEU N 137 -56.27 4.84 -2.93
CA LEU N 137 -56.17 6.14 -3.59
C LEU N 137 -57.22 6.32 -4.67
N SER N 138 -57.87 5.24 -5.11
CA SER N 138 -58.86 5.34 -6.17
C SER N 138 -60.17 5.94 -5.68
N ASP N 139 -60.55 5.64 -4.43
CA ASP N 139 -61.83 6.10 -3.91
C ASP N 139 -61.74 6.66 -2.49
N SER N 140 -60.55 6.86 -1.94
CA SER N 140 -60.37 7.43 -0.60
C SER N 140 -61.13 6.62 0.44
N LYS N 141 -61.01 5.30 0.38
CA LYS N 141 -61.66 4.40 1.33
C LYS N 141 -60.61 3.72 2.19
N HIS N 142 -60.88 3.62 3.49
CA HIS N 142 -59.97 3.05 4.45
C HIS N 142 -60.43 1.64 4.82
N VAL N 143 -59.55 0.66 4.68
CA VAL N 143 -59.84 -0.73 5.01
C VAL N 143 -58.92 -1.13 6.17
N VAL N 144 -59.52 -1.50 7.29
CA VAL N 144 -58.75 -1.88 8.46
C VAL N 144 -58.24 -3.30 8.30
N LEU N 145 -56.96 -3.50 8.61
CA LEU N 145 -56.39 -4.84 8.59
C LEU N 145 -56.84 -5.61 9.83
N PRO N 146 -57.51 -6.76 9.67
CA PRO N 146 -57.91 -7.54 10.84
C PRO N 146 -56.69 -8.05 11.60
N VAL N 147 -56.69 -7.82 12.91
CA VAL N 147 -55.61 -8.26 13.78
C VAL N 147 -56.18 -9.23 14.80
N ASP N 148 -55.30 -9.75 15.66
CA ASP N 148 -55.68 -10.71 16.69
C ASP N 148 -55.43 -10.12 18.07
N ASP N 149 -56.17 -10.66 19.04
CA ASP N 149 -56.04 -10.30 20.45
C ASP N 149 -56.29 -8.82 20.67
N ASP N 150 -55.26 -8.08 21.08
CA ASP N 150 -55.43 -6.66 21.37
C ASP N 150 -55.56 -5.86 20.08
N SER N 151 -56.15 -4.67 20.23
CA SER N 151 -56.24 -3.69 19.14
C SER N 151 -55.65 -2.35 19.54
N ASP N 152 -54.92 -2.27 20.65
CA ASP N 152 -54.33 -1.03 21.13
C ASP N 152 -52.81 -1.11 21.24
N LEU N 153 -52.19 -2.03 20.50
CA LEU N 153 -50.75 -2.26 20.61
C LEU N 153 -49.98 -1.49 19.55
N ASN N 154 -48.69 -1.28 19.82
CA ASN N 154 -47.79 -0.63 18.88
C ASN N 154 -47.45 -1.58 17.75
N VAL N 155 -48.32 -1.66 16.75
CA VAL N 155 -48.20 -2.62 15.66
C VAL N 155 -47.52 -1.94 14.47
N VAL N 156 -46.66 -2.69 13.79
CA VAL N 156 -46.02 -2.24 12.56
C VAL N 156 -46.35 -3.21 11.44
N ALA N 157 -46.79 -2.68 10.31
CA ALA N 157 -47.22 -3.48 9.18
C ALA N 157 -46.28 -3.27 8.00
N SER N 158 -45.96 -4.35 7.29
CA SER N 158 -45.02 -4.25 6.19
C SER N 158 -45.27 -5.34 5.16
N PHE N 159 -45.01 -5.00 3.89
CA PHE N 159 -45.16 -5.92 2.78
C PHE N 159 -44.00 -6.92 2.74
N ASP N 160 -44.16 -7.96 1.93
CA ASP N 160 -43.10 -8.90 1.64
C ASP N 160 -42.26 -8.36 0.47
N ARG N 161 -41.44 -9.23 -0.14
CA ARG N 161 -40.71 -8.82 -1.34
C ARG N 161 -41.65 -8.29 -2.41
N ARG N 162 -42.66 -9.08 -2.75
CA ARG N 162 -43.61 -8.72 -3.80
C ARG N 162 -44.82 -7.99 -3.27
N GLY N 163 -44.94 -7.83 -1.96
CA GLY N 163 -46.10 -7.21 -1.37
C GLY N 163 -47.35 -8.07 -1.41
N GLU N 164 -47.21 -9.35 -1.75
CA GLU N 164 -48.38 -10.22 -1.90
C GLU N 164 -48.94 -10.66 -0.55
N TYR N 165 -48.09 -10.84 0.46
CA TYR N 165 -48.51 -11.02 1.84
C TYR N 165 -48.00 -9.87 2.71
N ILE N 166 -48.82 -9.51 3.70
CA ILE N 166 -48.51 -8.44 4.62
C ILE N 166 -48.32 -9.05 6.01
N TYR N 167 -47.30 -8.53 6.72
CA TYR N 167 -46.88 -9.05 8.01
C TYR N 167 -46.99 -7.93 9.02
N THR N 168 -47.57 -8.23 10.19
CA THR N 168 -47.76 -7.23 11.23
C THR N 168 -47.15 -7.70 12.54
N GLY N 169 -46.54 -6.76 13.25
CA GLY N 169 -45.95 -7.04 14.55
C GLY N 169 -46.59 -6.25 15.68
N ASN N 170 -46.98 -6.94 16.74
CA ASN N 170 -47.69 -6.36 17.87
C ASN N 170 -46.72 -6.07 19.02
N ALA N 171 -47.29 -5.69 20.17
CA ALA N 171 -46.51 -5.27 21.33
C ALA N 171 -46.73 -6.18 22.53
N LYS N 172 -46.95 -7.48 22.29
CA LYS N 172 -46.98 -8.46 23.37
C LYS N 172 -46.19 -9.72 23.09
N GLY N 173 -45.78 -9.95 21.84
CA GLY N 173 -45.13 -11.20 21.45
C GLY N 173 -45.81 -11.92 20.30
N LYS N 174 -46.77 -11.31 19.62
CA LYS N 174 -47.55 -11.96 18.57
C LYS N 174 -47.29 -11.29 17.23
N ILE N 175 -47.09 -12.10 16.20
CA ILE N 175 -46.89 -11.63 14.83
C ILE N 175 -47.97 -12.26 13.96
N LEU N 176 -48.53 -11.46 13.06
CA LEU N 176 -49.67 -11.88 12.24
C LEU N 176 -49.30 -11.84 10.76
N VAL N 177 -49.89 -12.77 10.01
CA VAL N 177 -49.66 -12.92 8.58
C VAL N 177 -51.02 -12.89 7.89
N LEU N 178 -51.19 -12.01 6.91
CA LEU N 178 -52.44 -12.00 6.16
C LEU N 178 -52.16 -11.50 4.75
N LYS N 179 -53.22 -11.41 3.94
CA LYS N 179 -53.10 -11.05 2.53
C LYS N 179 -53.22 -9.54 2.35
N THR N 180 -52.44 -9.01 1.41
CA THR N 180 -52.41 -7.57 1.19
C THR N 180 -53.73 -7.02 0.69
N ASP N 181 -54.56 -7.83 0.06
CA ASP N 181 -55.82 -7.38 -0.52
C ASP N 181 -57.03 -8.15 -0.02
N SER N 182 -56.91 -9.47 0.14
CA SER N 182 -58.02 -10.27 0.63
C SER N 182 -58.16 -10.23 2.15
N GLN N 183 -57.08 -9.93 2.87
CA GLN N 183 -57.09 -9.81 4.33
C GLN N 183 -57.60 -11.10 4.99
N ASP N 184 -57.07 -12.24 4.55
CA ASP N 184 -57.44 -13.53 5.12
C ASP N 184 -56.41 -13.88 6.18
N LEU N 185 -56.68 -13.47 7.42
CA LEU N 185 -55.78 -13.69 8.54
C LEU N 185 -55.87 -15.16 8.95
N VAL N 186 -54.91 -15.95 8.49
CA VAL N 186 -54.94 -17.39 8.67
C VAL N 186 -53.63 -17.90 9.27
N ALA N 187 -52.73 -16.99 9.63
CA ALA N 187 -51.43 -17.40 10.15
C ALA N 187 -50.98 -16.45 11.26
N SER N 188 -50.53 -17.02 12.36
CA SER N 188 -50.02 -16.25 13.49
C SER N 188 -48.64 -16.80 13.86
N PHE N 189 -48.02 -16.18 14.87
CA PHE N 189 -46.73 -16.65 15.35
C PHE N 189 -46.47 -16.06 16.73
N ARG N 190 -45.93 -16.89 17.62
CA ARG N 190 -45.58 -16.47 18.97
C ARG N 190 -44.07 -16.49 19.10
N VAL N 191 -43.49 -15.34 19.46
CA VAL N 191 -42.04 -15.25 19.64
C VAL N 191 -41.65 -15.99 20.92
N THR N 192 -40.38 -16.39 20.98
CA THR N 192 -39.89 -17.08 22.16
C THR N 192 -39.98 -16.18 23.39
N THR N 193 -40.21 -16.80 24.55
CA THR N 193 -40.39 -16.09 25.81
C THR N 193 -39.11 -16.07 26.63
N GLY N 194 -37.96 -15.98 25.97
CA GLY N 194 -36.69 -15.99 26.69
C GLY N 194 -36.57 -17.24 27.52
N THR N 195 -36.22 -17.07 28.80
CA THR N 195 -36.22 -18.17 29.75
C THR N 195 -37.29 -18.05 30.82
N SER N 196 -37.64 -16.84 31.23
CA SER N 196 -38.72 -16.63 32.18
C SER N 196 -39.73 -15.59 31.75
N ASN N 197 -39.29 -14.52 31.09
CA ASN N 197 -40.15 -13.37 30.77
C ASN N 197 -40.35 -13.25 29.27
N THR N 198 -41.57 -12.88 28.88
CA THR N 198 -41.91 -12.73 27.48
C THR N 198 -41.29 -11.45 26.92
N THR N 199 -41.42 -11.27 25.60
CA THR N 199 -40.85 -10.12 24.93
C THR N 199 -41.79 -9.64 23.83
N ALA N 200 -41.92 -8.32 23.70
CA ALA N 200 -42.69 -7.72 22.62
C ALA N 200 -41.82 -7.58 21.37
N ILE N 201 -42.36 -6.93 20.35
CA ILE N 201 -41.67 -6.70 19.09
C ILE N 201 -41.62 -5.20 18.83
N LYS N 202 -40.44 -4.68 18.53
CA LYS N 202 -40.33 -3.29 18.14
C LYS N 202 -40.70 -3.10 16.67
N SER N 203 -40.10 -3.88 15.79
CA SER N 203 -40.34 -3.71 14.35
C SER N 203 -39.78 -4.91 13.58
N ILE N 204 -40.04 -4.93 12.28
CA ILE N 204 -39.44 -5.87 11.35
C ILE N 204 -38.99 -5.11 10.11
N GLU N 205 -38.05 -5.69 9.37
CA GLU N 205 -37.50 -5.07 8.18
C GLU N 205 -37.16 -6.13 7.16
N PHE N 206 -37.50 -5.87 5.89
CA PHE N 206 -37.42 -6.85 4.81
C PHE N 206 -36.28 -6.55 3.85
N ALA N 207 -36.18 -7.36 2.80
CA ALA N 207 -35.19 -7.24 1.74
C ALA N 207 -35.89 -7.29 0.38
N ARG N 208 -35.07 -7.33 -0.68
CA ARG N 208 -35.58 -7.41 -2.05
C ARG N 208 -35.28 -8.75 -2.71
N LYS N 209 -34.67 -9.68 -1.99
CA LYS N 209 -34.33 -10.99 -2.54
C LYS N 209 -34.12 -11.97 -1.39
N GLY N 210 -34.82 -13.10 -1.46
CA GLY N 210 -34.70 -14.13 -0.44
C GLY N 210 -35.84 -14.20 0.56
N SER N 211 -36.66 -13.15 0.64
CA SER N 211 -37.82 -13.10 1.54
C SER N 211 -37.41 -13.21 3.01
N CYS N 212 -36.16 -12.89 3.32
CA CYS N 212 -35.72 -12.85 4.71
C CYS N 212 -36.16 -11.53 5.35
N PHE N 213 -36.22 -11.53 6.68
CA PHE N 213 -36.55 -10.29 7.37
C PHE N 213 -36.03 -10.31 8.80
N LEU N 214 -35.41 -9.21 9.18
CA LEU N 214 -34.96 -9.01 10.55
C LEU N 214 -36.12 -8.57 11.43
N ILE N 215 -36.07 -8.98 12.69
CA ILE N 215 -37.01 -8.54 13.70
C ILE N 215 -36.24 -7.92 14.86
N ASN N 216 -36.66 -6.73 15.25
CA ASN N 216 -36.11 -6.01 16.39
C ASN N 216 -37.13 -6.06 17.51
N THR N 217 -36.71 -6.58 18.66
CA THR N 217 -37.57 -6.82 19.81
C THR N 217 -37.08 -6.00 21.00
N ALA N 218 -37.73 -6.22 22.14
CA ALA N 218 -37.38 -5.52 23.38
C ALA N 218 -36.43 -6.32 24.26
N ASP N 219 -36.03 -7.52 23.85
CA ASP N 219 -35.06 -8.31 24.59
C ASP N 219 -33.64 -7.98 24.14
N ARG N 220 -33.45 -6.78 23.56
CA ARG N 220 -32.14 -6.21 23.28
C ARG N 220 -31.39 -7.01 22.21
N ILE N 221 -32.07 -7.99 21.60
CA ILE N 221 -31.44 -8.91 20.68
C ILE N 221 -32.17 -8.82 19.34
N ILE N 222 -31.42 -8.67 18.26
CA ILE N 222 -31.96 -8.63 16.91
C ILE N 222 -31.97 -10.05 16.35
N ARG N 223 -33.09 -10.46 15.79
CA ARG N 223 -33.27 -11.82 15.30
C ARG N 223 -33.61 -11.75 13.81
N VAL N 224 -33.62 -12.90 13.16
CA VAL N 224 -33.91 -12.95 11.73
C VAL N 224 -34.77 -14.17 11.44
N TYR N 225 -35.81 -13.98 10.63
CA TYR N 225 -36.71 -15.03 10.19
C TYR N 225 -36.83 -14.95 8.67
N ASP N 226 -37.64 -15.85 8.11
CA ASP N 226 -37.92 -15.85 6.68
C ASP N 226 -39.43 -15.86 6.48
N GLY N 227 -39.90 -15.09 5.49
CA GLY N 227 -41.32 -14.99 5.24
C GLY N 227 -41.90 -16.17 4.49
N ARG N 228 -41.45 -17.37 4.85
CA ARG N 228 -41.95 -18.59 4.24
C ARG N 228 -42.27 -19.70 5.25
N GLU N 229 -41.87 -19.58 6.51
CA GLU N 229 -42.06 -20.61 7.50
C GLU N 229 -43.30 -20.43 8.36
N ILE N 230 -44.10 -19.39 8.11
CA ILE N 230 -45.30 -19.17 8.91
C ILE N 230 -46.53 -19.72 8.19
N LEU N 231 -46.69 -19.39 6.91
CA LEU N 231 -47.76 -20.02 6.13
C LEU N 231 -47.52 -21.50 5.91
N THR N 232 -46.26 -21.95 6.03
CA THR N 232 -45.96 -23.37 5.90
C THR N 232 -46.27 -24.12 7.20
N CYS N 233 -45.99 -23.51 8.35
CA CYS N 233 -46.28 -24.18 9.62
C CYS N 233 -47.77 -24.19 9.90
N GLY N 234 -48.49 -23.14 9.51
CA GLY N 234 -49.92 -23.08 9.71
C GLY N 234 -50.36 -21.95 10.61
N ARG N 235 -51.08 -22.28 11.68
CA ARG N 235 -51.60 -21.26 12.58
C ARG N 235 -50.48 -20.64 13.42
N ASP N 236 -49.82 -21.45 14.22
CA ASP N 236 -48.71 -20.98 15.05
C ASP N 236 -47.82 -22.14 15.40
N GLY N 237 -46.51 -21.94 15.27
CA GLY N 237 -45.55 -22.99 15.57
C GLY N 237 -44.54 -22.56 16.63
N GLU N 238 -43.33 -23.12 16.57
CA GLU N 238 -42.30 -22.79 17.54
C GLU N 238 -41.29 -21.86 16.90
N PRO N 239 -40.89 -20.78 17.57
CA PRO N 239 -39.86 -19.90 17.01
C PRO N 239 -38.56 -20.63 16.75
N GLU N 240 -37.89 -20.27 15.66
CA GLU N 240 -36.63 -20.90 15.28
C GLU N 240 -35.82 -19.97 14.38
N PRO N 241 -35.14 -18.98 14.94
CA PRO N 241 -34.35 -18.03 14.13
C PRO N 241 -33.07 -18.70 13.62
N MET N 242 -32.48 -18.06 12.60
CA MET N 242 -31.19 -18.53 12.11
C MET N 242 -30.05 -18.10 13.02
N GLN N 243 -29.90 -16.80 13.25
CA GLN N 243 -28.81 -16.28 14.07
C GLN N 243 -29.33 -15.18 14.97
N LYS N 244 -29.22 -15.38 16.28
CA LYS N 244 -29.61 -14.37 17.26
C LYS N 244 -28.44 -13.41 17.48
N LEU N 245 -28.26 -12.53 16.48
CA LEU N 245 -27.18 -11.56 16.53
C LEU N 245 -27.44 -10.51 17.61
N GLN N 246 -26.37 -10.02 18.22
CA GLN N 246 -26.46 -8.99 19.25
C GLN N 246 -25.05 -8.45 19.50
N ASP N 247 -24.98 -7.36 20.26
CA ASP N 247 -23.71 -6.77 20.67
C ASP N 247 -23.48 -7.10 22.15
N LEU N 248 -22.46 -7.90 22.42
CA LEU N 248 -22.22 -8.39 23.77
C LEU N 248 -20.98 -7.77 24.43
N VAL N 249 -20.63 -6.54 24.06
CA VAL N 249 -19.59 -5.81 24.79
C VAL N 249 -20.06 -4.45 25.29
N ASN N 250 -21.02 -3.80 24.65
CA ASN N 250 -21.56 -2.52 25.13
C ASN N 250 -23.05 -2.56 25.39
N ARG N 251 -23.78 -3.53 24.84
CA ARG N 251 -25.25 -3.58 24.89
C ARG N 251 -25.88 -2.30 24.35
N THR N 252 -25.58 -1.99 23.11
CA THR N 252 -26.24 -0.86 22.45
C THR N 252 -27.65 -1.24 22.01
N PRO N 253 -28.66 -0.44 22.32
CA PRO N 253 -29.99 -0.68 21.76
C PRO N 253 -30.03 -0.40 20.27
N TRP N 254 -31.05 -0.94 19.61
CA TRP N 254 -31.18 -0.87 18.16
C TRP N 254 -32.37 0.00 17.78
N LYS N 255 -32.15 0.90 16.84
CA LYS N 255 -33.19 1.83 16.40
C LYS N 255 -33.63 1.57 14.96
N LYS N 256 -32.70 1.60 14.00
CA LYS N 256 -33.05 1.42 12.60
C LYS N 256 -32.00 0.55 11.92
N CYS N 257 -32.45 -0.48 11.21
CA CYS N 257 -31.56 -1.38 10.49
C CYS N 257 -32.29 -1.92 9.27
N CYS N 258 -31.60 -1.91 8.13
CA CYS N 258 -32.16 -2.36 6.86
C CYS N 258 -31.38 -3.58 6.37
N PHE N 259 -31.78 -4.08 5.20
CA PHE N 259 -31.11 -5.22 4.60
C PHE N 259 -30.10 -4.78 3.53
N SER N 260 -29.42 -5.75 2.96
CA SER N 260 -28.30 -5.51 2.07
C SER N 260 -28.79 -5.13 0.68
N GLY N 261 -27.87 -4.57 -0.11
CA GLY N 261 -28.08 -4.33 -1.52
C GLY N 261 -27.76 -5.49 -2.42
N ASP N 262 -27.41 -6.64 -1.85
CA ASP N 262 -27.12 -7.84 -2.62
C ASP N 262 -27.95 -9.05 -2.19
N GLY N 263 -28.44 -9.08 -0.96
CA GLY N 263 -29.22 -10.19 -0.47
C GLY N 263 -28.46 -11.18 0.39
N GLU N 264 -27.19 -10.92 0.69
CA GLU N 264 -26.37 -11.82 1.48
C GLU N 264 -25.79 -11.18 2.74
N TYR N 265 -25.86 -9.86 2.87
CA TYR N 265 -25.34 -9.17 4.04
C TYR N 265 -26.47 -8.68 4.95
N ILE N 266 -26.10 -8.42 6.20
CA ILE N 266 -27.01 -7.87 7.21
C ILE N 266 -26.31 -6.70 7.87
N VAL N 267 -26.98 -5.55 7.95
CA VAL N 267 -26.41 -4.36 8.56
C VAL N 267 -27.31 -3.92 9.71
N ALA N 268 -26.68 -3.51 10.81
CA ALA N 268 -27.38 -3.08 12.01
C ALA N 268 -26.79 -1.76 12.49
N GLY N 269 -27.65 -0.88 12.99
CA GLY N 269 -27.26 0.46 13.37
C GLY N 269 -27.40 0.72 14.87
N SER N 270 -26.49 1.52 15.39
CA SER N 270 -26.47 1.89 16.80
C SER N 270 -27.42 3.07 17.04
N ALA N 271 -27.32 3.66 18.23
CA ALA N 271 -28.07 4.86 18.56
C ALA N 271 -27.15 6.07 18.72
N ARG N 272 -26.17 6.00 19.62
CA ARG N 272 -25.23 7.09 19.82
C ARG N 272 -23.77 6.64 19.80
N GLN N 273 -23.50 5.35 19.76
CA GLN N 273 -22.14 4.84 19.93
C GLN N 273 -21.33 4.85 18.64
N HIS N 274 -21.95 5.17 17.50
CA HIS N 274 -21.28 5.17 16.20
C HIS N 274 -20.64 3.82 15.91
N ALA N 275 -21.40 2.75 16.13
CA ALA N 275 -20.98 1.39 15.84
C ALA N 275 -21.98 0.79 14.86
N LEU N 276 -21.63 0.81 13.58
CA LEU N 276 -22.46 0.25 12.52
C LEU N 276 -21.94 -1.15 12.20
N TYR N 277 -22.70 -2.17 12.59
CA TYR N 277 -22.24 -3.55 12.49
C TYR N 277 -22.74 -4.20 11.21
N ILE N 278 -21.95 -5.14 10.70
CA ILE N 278 -22.27 -5.86 9.48
C ILE N 278 -21.92 -7.34 9.65
N TRP N 279 -22.73 -8.20 9.05
CA TRP N 279 -22.48 -9.64 9.00
C TRP N 279 -22.97 -10.16 7.65
N GLU N 280 -22.83 -11.47 7.44
CA GLU N 280 -23.35 -12.12 6.25
C GLU N 280 -24.25 -13.27 6.67
N LYS N 281 -25.25 -13.55 5.83
CA LYS N 281 -26.23 -14.58 6.18
C LYS N 281 -25.62 -15.96 6.19
N SER N 282 -24.55 -16.18 5.42
CA SER N 282 -23.91 -17.50 5.38
C SER N 282 -23.19 -17.80 6.69
N ILE N 283 -22.40 -16.84 7.19
CA ILE N 283 -21.62 -17.02 8.41
C ILE N 283 -21.89 -15.82 9.32
N GLY N 284 -22.31 -16.10 10.55
CA GLY N 284 -22.60 -15.05 11.51
C GLY N 284 -21.37 -14.54 12.25
N ASN N 285 -20.31 -14.26 11.51
CA ASN N 285 -19.06 -13.77 12.08
C ASN N 285 -18.84 -12.33 11.63
N LEU N 286 -18.43 -11.48 12.57
CA LEU N 286 -18.21 -10.07 12.24
C LEU N 286 -17.07 -9.94 11.26
N VAL N 287 -17.24 -9.05 10.27
CA VAL N 287 -16.25 -8.83 9.23
C VAL N 287 -15.64 -7.44 9.30
N LYS N 288 -16.42 -6.43 9.65
CA LYS N 288 -15.91 -5.07 9.76
C LYS N 288 -16.84 -4.25 10.65
N ILE N 289 -16.29 -3.17 11.19
CA ILE N 289 -17.04 -2.23 12.02
C ILE N 289 -16.76 -0.82 11.52
N LEU N 290 -17.77 0.04 11.61
CA LEU N 290 -17.66 1.41 11.13
C LEU N 290 -17.10 2.32 12.22
N HIS N 291 -16.18 3.19 11.84
CA HIS N 291 -15.54 4.14 12.76
C HIS N 291 -16.21 5.49 12.58
N GLY N 292 -17.23 5.75 13.39
CA GLY N 292 -17.98 6.99 13.32
C GLY N 292 -17.58 7.94 14.44
N THR N 293 -17.63 9.24 14.14
CA THR N 293 -17.26 10.25 15.13
C THR N 293 -18.42 10.50 16.08
N ARG N 294 -18.16 10.32 17.38
CA ARG N 294 -19.23 10.35 18.37
C ARG N 294 -19.87 11.74 18.46
N GLY N 295 -21.16 11.76 18.79
CA GLY N 295 -21.84 13.00 19.08
C GLY N 295 -23.21 13.19 18.46
N GLU N 296 -23.62 12.28 17.57
CA GLU N 296 -24.87 12.44 16.83
C GLU N 296 -25.70 11.17 16.91
N LEU N 297 -26.99 11.32 16.67
CA LEU N 297 -27.93 10.20 16.72
C LEU N 297 -28.31 9.78 15.30
N LEU N 298 -28.19 8.48 15.03
CA LEU N 298 -28.48 7.94 13.71
C LEU N 298 -29.98 7.86 13.48
N LEU N 299 -30.42 8.32 12.31
CA LEU N 299 -31.85 8.31 11.95
C LEU N 299 -32.19 7.19 10.98
N ASP N 300 -31.61 7.19 9.78
CA ASP N 300 -31.96 6.25 8.74
C ASP N 300 -30.70 5.64 8.12
N VAL N 301 -30.83 4.37 7.75
CA VAL N 301 -29.81 3.62 7.01
C VAL N 301 -30.50 2.82 5.90
N ALA N 302 -29.90 2.82 4.72
CA ALA N 302 -30.39 2.02 3.59
C ALA N 302 -29.32 2.01 2.52
N TRP N 303 -28.86 0.82 2.13
CA TRP N 303 -27.75 0.76 1.19
C TRP N 303 -28.22 1.10 -0.22
N HIS N 304 -27.27 1.14 -1.15
CA HIS N 304 -27.60 1.11 -2.56
C HIS N 304 -28.17 -0.26 -2.89
N PRO N 305 -29.38 -0.36 -3.43
CA PRO N 305 -30.01 -1.67 -3.60
C PRO N 305 -29.30 -2.59 -4.60
N VAL N 306 -28.25 -2.10 -5.25
CA VAL N 306 -27.48 -2.89 -6.20
C VAL N 306 -26.00 -2.92 -5.84
N ARG N 307 -25.40 -1.79 -5.50
CA ARG N 307 -23.96 -1.68 -5.33
C ARG N 307 -23.62 -1.56 -3.85
N PRO N 308 -22.64 -2.31 -3.34
CA PRO N 308 -22.30 -2.22 -1.92
C PRO N 308 -21.77 -0.87 -1.51
N ILE N 309 -22.51 -0.19 -0.63
CA ILE N 309 -22.16 1.12 -0.09
C ILE N 309 -23.02 1.35 1.14
N ILE N 310 -22.57 2.19 2.07
CA ILE N 310 -23.39 2.50 3.25
C ILE N 310 -23.50 4.02 3.37
N ALA N 311 -24.72 4.48 3.69
CA ALA N 311 -25.00 5.91 3.79
C ALA N 311 -26.02 6.10 4.92
N SER N 312 -25.57 6.67 6.04
CA SER N 312 -26.39 6.83 7.22
C SER N 312 -26.64 8.31 7.49
N ILE N 313 -27.92 8.66 7.68
CA ILE N 313 -28.27 10.03 8.00
C ILE N 313 -28.36 10.18 9.51
N SER N 314 -28.01 11.35 10.02
CA SER N 314 -27.93 11.57 11.47
C SER N 314 -27.86 13.06 11.74
N SER N 315 -28.76 13.55 12.62
CA SER N 315 -28.67 14.89 13.19
C SER N 315 -28.58 15.97 12.11
N GLY N 316 -29.38 15.80 11.05
CA GLY N 316 -29.42 16.79 9.98
C GLY N 316 -28.33 16.66 8.94
N VAL N 317 -27.31 15.84 9.19
CA VAL N 317 -26.24 15.63 8.21
C VAL N 317 -26.27 14.18 7.76
N VAL N 318 -25.40 13.81 6.82
CA VAL N 318 -25.33 12.45 6.32
C VAL N 318 -23.88 12.05 6.21
N SER N 319 -23.55 10.83 6.63
CA SER N 319 -22.21 10.27 6.51
C SER N 319 -22.25 9.05 5.61
N ILE N 320 -21.38 9.01 4.61
CA ILE N 320 -21.35 7.94 3.63
C ILE N 320 -19.99 7.26 3.72
N TRP N 321 -20.00 5.96 3.90
CA TRP N 321 -18.81 5.13 3.74
C TRP N 321 -19.01 4.34 2.45
N ALA N 322 -18.09 4.51 1.51
CA ALA N 322 -18.34 4.12 0.13
C ALA N 322 -17.15 3.43 -0.50
N GLN N 323 -17.17 3.30 -1.81
CA GLN N 323 -16.04 2.82 -2.60
C GLN N 323 -15.78 3.86 -3.69
N ASN N 324 -15.00 4.88 -3.37
CA ASN N 324 -14.62 5.88 -4.37
C ASN N 324 -13.66 5.24 -5.36
N GLN N 325 -13.97 5.40 -6.65
CA GLN N 325 -13.22 4.73 -7.70
C GLN N 325 -12.94 5.67 -8.87
N VAL N 326 -11.71 5.61 -9.38
CA VAL N 326 -11.32 6.26 -10.62
C VAL N 326 -10.54 5.24 -11.44
N GLU N 327 -10.83 5.17 -12.73
CA GLU N 327 -10.22 4.14 -13.58
C GLU N 327 -8.71 4.35 -13.67
N ASN N 328 -8.00 3.24 -13.81
CA ASN N 328 -6.55 3.26 -13.87
C ASN N 328 -6.07 4.00 -15.11
N TRP N 329 -4.84 4.53 -15.03
CA TRP N 329 -4.25 5.23 -16.17
C TRP N 329 -4.04 4.30 -17.37
N SER N 330 -4.01 2.99 -17.15
CA SER N 330 -3.75 2.02 -18.21
C SER N 330 -4.98 1.71 -19.04
N ALA N 331 -6.01 2.55 -19.00
CA ALA N 331 -7.24 2.33 -19.75
C ALA N 331 -7.30 3.16 -21.03
N PHE N 332 -6.15 3.64 -21.51
CA PHE N 332 -6.15 4.49 -22.71
C PHE N 332 -6.68 3.72 -23.93
N ALA N 333 -6.27 2.47 -24.09
CA ALA N 333 -6.72 1.65 -25.20
C ALA N 333 -6.48 0.18 -24.85
N PRO N 334 -7.28 -0.73 -25.38
CA PRO N 334 -7.02 -2.17 -25.11
C PRO N 334 -5.65 -2.63 -25.56
N ASP N 335 -5.09 -2.03 -26.62
CA ASP N 335 -3.77 -2.37 -27.09
C ASP N 335 -2.68 -1.53 -26.43
N PHE N 336 -3.01 -0.76 -25.40
CA PHE N 336 -2.07 0.11 -24.72
C PHE N 336 -2.18 -0.12 -23.21
N LYS N 337 -1.06 -0.49 -22.60
CA LYS N 337 -1.01 -0.76 -21.17
C LYS N 337 0.16 -0.03 -20.55
N GLU N 338 0.02 0.31 -19.27
CA GLU N 338 1.01 1.09 -18.52
C GLU N 338 1.46 0.34 -17.28
N LEU N 339 1.78 -0.95 -17.43
CA LEU N 339 2.17 -1.79 -16.32
C LEU N 339 3.69 -1.91 -16.22
N ASP N 340 4.14 -2.60 -15.18
CA ASP N 340 5.55 -2.82 -14.91
C ASP N 340 5.84 -4.32 -14.86
N GLU N 341 6.90 -4.73 -15.54
CA GLU N 341 7.36 -6.11 -15.49
C GLU N 341 8.87 -6.13 -15.67
N ASN N 342 9.49 -7.21 -15.20
CA ASN N 342 10.93 -7.40 -15.33
C ASN N 342 11.29 -8.57 -16.24
N VAL N 343 10.32 -9.11 -16.97
CA VAL N 343 10.55 -10.22 -17.88
C VAL N 343 10.74 -9.68 -19.29
N GLU N 344 11.46 -10.44 -20.12
CA GLU N 344 11.63 -10.06 -21.52
C GLU N 344 10.28 -10.07 -22.23
N TYR N 345 10.10 -9.11 -23.14
CA TYR N 345 8.83 -8.97 -23.83
C TYR N 345 8.51 -10.19 -24.66
N GLU N 346 7.27 -10.66 -24.57
CA GLU N 346 6.78 -11.78 -25.37
C GLU N 346 6.10 -11.19 -26.61
N GLU N 347 6.82 -11.21 -27.73
CA GLU N 347 6.32 -10.62 -28.97
C GLU N 347 5.23 -11.48 -29.59
N ARG N 348 4.54 -10.91 -30.57
CA ARG N 348 3.46 -11.62 -31.26
C ARG N 348 4.04 -12.80 -32.05
N GLU N 349 3.20 -13.83 -32.21
CA GLU N 349 3.63 -15.04 -32.89
C GLU N 349 2.74 -15.39 -34.09
N SER N 350 1.94 -14.45 -34.58
CA SER N 350 1.10 -14.65 -35.74
C SER N 350 1.16 -13.44 -36.66
N GLU N 351 2.36 -12.91 -36.87
CA GLU N 351 2.56 -11.73 -37.71
C GLU N 351 2.41 -12.07 -39.19
N GLU N 371 -19.17 -6.41 -44.36
CA GLU N 371 -18.88 -6.61 -45.77
C GLU N 371 -19.52 -5.50 -46.62
N ASP N 372 -20.53 -5.86 -47.40
CA ASP N 372 -21.23 -4.91 -48.26
C ASP N 372 -22.72 -5.24 -48.20
N GLU N 373 -23.44 -4.59 -47.30
CA GLU N 373 -24.87 -4.81 -47.12
C GLU N 373 -25.57 -3.46 -46.97
N GLU N 374 -26.86 -3.45 -47.27
CA GLU N 374 -27.68 -2.24 -47.20
C GLU N 374 -28.74 -2.42 -46.11
N VAL N 375 -28.36 -2.10 -44.88
CA VAL N 375 -29.27 -2.15 -43.73
C VAL N 375 -28.98 -0.95 -42.84
N ASP N 376 -30.01 -0.16 -42.55
CA ASP N 376 -29.83 0.97 -41.65
C ASP N 376 -29.79 0.50 -40.21
N VAL N 377 -29.30 1.38 -39.34
CA VAL N 377 -29.20 1.09 -37.91
C VAL N 377 -30.40 1.68 -37.19
N THR N 378 -31.02 0.89 -36.33
CA THR N 378 -32.15 1.33 -35.53
C THR N 378 -32.04 0.97 -34.06
N SER N 379 -31.32 -0.09 -33.70
CA SER N 379 -31.22 -0.52 -32.31
C SER N 379 -30.56 0.56 -31.46
N VAL N 380 -31.08 0.71 -30.24
CA VAL N 380 -30.55 1.68 -29.30
C VAL N 380 -29.27 1.14 -28.66
N ASP N 390 -29.12 -6.80 -6.86
CA ASP N 390 -30.43 -7.42 -6.82
C ASP N 390 -31.14 -7.29 -8.16
N GLU N 391 -32.38 -7.79 -8.23
CA GLU N 391 -33.17 -7.75 -9.44
C GLU N 391 -33.95 -6.44 -9.50
N GLU N 392 -34.91 -6.36 -10.42
CA GLU N 392 -35.67 -5.14 -10.67
C GLU N 392 -37.13 -5.33 -10.27
N LEU N 393 -37.69 -4.31 -9.64
CA LEU N 393 -39.12 -4.29 -9.29
C LEU N 393 -39.77 -3.03 -9.85
N GLU N 394 -41.01 -2.76 -9.46
CA GLU N 394 -41.77 -1.62 -9.98
C GLU N 394 -41.84 -0.55 -8.91
N ASP N 395 -40.81 0.28 -8.86
CA ASP N 395 -40.77 1.49 -8.04
C ASP N 395 -40.16 2.64 -8.84
N SER N 396 -40.61 2.80 -10.08
CA SER N 396 -39.95 3.68 -11.03
C SER N 396 -40.86 4.84 -11.46
N LYS N 397 -40.43 5.57 -12.48
CA LYS N 397 -41.21 6.65 -13.10
C LYS N 397 -41.44 7.80 -12.13
N ALA N 398 -40.34 8.27 -11.53
CA ALA N 398 -40.42 9.50 -10.74
C ALA N 398 -40.79 10.70 -11.61
N LEU N 399 -40.21 10.76 -12.82
CA LEU N 399 -40.48 11.83 -13.79
C LEU N 399 -40.20 13.21 -13.21
N LEU N 400 -39.22 13.30 -12.31
CA LEU N 400 -38.88 14.55 -11.64
C LEU N 400 -37.43 14.89 -11.97
N TYR N 401 -37.24 15.85 -12.86
CA TYR N 401 -35.91 16.36 -13.18
C TYR N 401 -36.06 17.73 -13.81
N LEU N 402 -35.47 18.74 -13.17
CA LEU N 402 -35.53 20.11 -13.67
C LEU N 402 -34.12 20.61 -13.96
N PRO N 403 -33.68 20.57 -15.22
CA PRO N 403 -32.34 21.08 -15.54
C PRO N 403 -32.21 22.58 -15.32
N ILE N 404 -33.31 23.32 -15.28
CA ILE N 404 -33.26 24.75 -15.07
C ILE N 404 -34.34 25.18 -14.07
N MET O 6 -36.43 -42.72 0.11
CA MET O 6 -37.44 -41.86 -0.49
C MET O 6 -36.83 -40.59 -1.06
N GLN O 7 -37.61 -39.51 -1.08
CA GLN O 7 -37.14 -38.20 -1.52
C GLN O 7 -37.82 -37.14 -0.69
N ILE O 8 -37.06 -36.13 -0.26
CA ILE O 8 -37.60 -35.00 0.48
C ILE O 8 -36.94 -33.72 -0.02
N PHE O 9 -37.49 -32.59 0.43
CA PHE O 9 -36.99 -31.27 0.07
C PHE O 9 -36.34 -30.62 1.27
N VAL O 10 -35.20 -29.96 1.05
CA VAL O 10 -34.54 -29.16 2.08
C VAL O 10 -34.53 -27.71 1.61
N LYS O 11 -35.40 -26.90 2.20
CA LYS O 11 -35.51 -25.50 1.83
C LYS O 11 -34.51 -24.66 2.62
N THR O 12 -33.79 -23.80 1.91
CA THR O 12 -32.78 -22.96 2.53
C THR O 12 -33.34 -21.57 2.83
N LEU O 13 -32.47 -20.64 3.22
CA LEU O 13 -32.88 -19.29 3.56
C LEU O 13 -32.89 -18.35 2.36
N THR O 14 -31.92 -18.50 1.45
CA THR O 14 -31.87 -17.65 0.27
C THR O 14 -33.08 -17.87 -0.63
N GLY O 15 -33.54 -19.12 -0.73
CA GLY O 15 -34.73 -19.41 -1.51
C GLY O 15 -34.56 -20.56 -2.48
N LYS O 16 -33.36 -21.14 -2.53
CA LYS O 16 -33.11 -22.27 -3.40
C LYS O 16 -33.67 -23.54 -2.78
N THR O 17 -34.21 -24.42 -3.64
CA THR O 17 -34.83 -25.67 -3.20
C THR O 17 -33.96 -26.83 -3.67
N ILE O 18 -33.64 -27.73 -2.74
CA ILE O 18 -32.77 -28.87 -3.01
C ILE O 18 -33.54 -30.15 -2.73
N THR O 19 -33.50 -31.09 -3.68
CA THR O 19 -34.16 -32.37 -3.54
C THR O 19 -33.11 -33.44 -3.26
N LEU O 20 -33.31 -34.22 -2.21
CA LEU O 20 -32.38 -35.27 -1.82
C LEU O 20 -33.15 -36.55 -1.52
N GLU O 21 -32.40 -37.65 -1.45
CA GLU O 21 -32.95 -38.97 -1.24
C GLU O 21 -32.57 -39.49 0.15
N VAL O 22 -33.57 -39.88 0.93
CA VAL O 22 -33.36 -40.41 2.28
C VAL O 22 -34.01 -41.79 2.34
N GLU O 23 -33.23 -42.78 2.77
CA GLU O 23 -33.71 -44.15 2.90
C GLU O 23 -34.57 -44.30 4.15
N PRO O 24 -35.48 -45.27 4.16
CA PRO O 24 -36.29 -45.50 5.37
C PRO O 24 -35.47 -45.84 6.60
N SER O 25 -34.32 -46.48 6.42
CA SER O 25 -33.47 -46.91 7.53
C SER O 25 -32.10 -46.27 7.47
N ASP O 26 -32.07 -44.95 7.22
CA ASP O 26 -30.84 -44.18 7.23
C ASP O 26 -30.97 -43.09 8.29
N THR O 27 -29.99 -43.02 9.19
CA THR O 27 -30.05 -42.07 10.28
C THR O 27 -29.82 -40.64 9.77
N ILE O 28 -30.26 -39.68 10.59
CA ILE O 28 -30.16 -38.27 10.19
C ILE O 28 -28.70 -37.84 10.10
N GLU O 29 -27.84 -38.38 10.97
CA GLU O 29 -26.44 -38.01 10.93
C GLU O 29 -25.79 -38.38 9.60
N ASN O 30 -26.11 -39.56 9.06
CA ASN O 30 -25.60 -39.93 7.75
C ASN O 30 -26.17 -39.04 6.66
N VAL O 31 -27.43 -38.61 6.78
CA VAL O 31 -28.01 -37.69 5.81
C VAL O 31 -27.25 -36.37 5.82
N LYS O 32 -26.93 -35.87 7.01
CA LYS O 32 -26.17 -34.62 7.12
C LYS O 32 -24.76 -34.79 6.56
N ALA O 33 -24.14 -35.95 6.80
CA ALA O 33 -22.81 -36.21 6.23
C ALA O 33 -22.88 -36.24 4.70
N LYS O 34 -23.92 -36.87 4.14
CA LYS O 34 -24.08 -36.90 2.69
C LYS O 34 -24.28 -35.48 2.15
N ILE O 35 -25.07 -34.66 2.84
CA ILE O 35 -25.28 -33.28 2.42
C ILE O 35 -23.97 -32.50 2.46
N GLN O 36 -23.19 -32.70 3.52
CA GLN O 36 -21.92 -32.01 3.66
C GLN O 36 -20.96 -32.41 2.54
N ASP O 37 -20.93 -33.69 2.18
CA ASP O 37 -20.09 -34.11 1.07
C ASP O 37 -20.68 -33.72 -0.28
N LYS O 38 -21.97 -33.37 -0.32
CA LYS O 38 -22.60 -32.96 -1.58
C LYS O 38 -22.31 -31.50 -1.90
N GLU O 39 -22.76 -30.58 -1.05
CA GLU O 39 -22.63 -29.16 -1.36
C GLU O 39 -21.66 -28.41 -0.44
N GLY O 40 -21.09 -29.06 0.56
CA GLY O 40 -20.06 -28.46 1.38
C GLY O 40 -20.51 -27.74 2.61
N ILE O 41 -21.82 -27.55 2.81
CA ILE O 41 -22.32 -26.89 4.01
C ILE O 41 -22.11 -27.83 5.19
N PRO O 42 -21.40 -27.39 6.23
CA PRO O 42 -21.12 -28.28 7.36
C PRO O 42 -22.40 -28.64 8.09
N PRO O 43 -22.46 -29.83 8.70
CA PRO O 43 -23.64 -30.19 9.50
C PRO O 43 -23.87 -29.25 10.66
N ASP O 44 -22.80 -28.66 11.22
CA ASP O 44 -22.93 -27.67 12.28
C ASP O 44 -23.64 -26.41 11.81
N GLN O 45 -23.74 -26.19 10.50
CA GLN O 45 -24.41 -25.02 9.94
C GLN O 45 -25.85 -25.32 9.53
N GLN O 46 -26.35 -26.51 9.82
CA GLN O 46 -27.67 -26.91 9.36
C GLN O 46 -28.40 -27.69 10.44
N ARG O 47 -29.73 -27.58 10.41
CA ARG O 47 -30.61 -28.38 11.26
C ARG O 47 -31.97 -28.45 10.58
N LEU O 48 -32.69 -29.53 10.82
CA LEU O 48 -33.96 -29.78 10.16
C LEU O 48 -35.11 -29.18 10.96
N ILE O 49 -36.01 -28.50 10.26
CA ILE O 49 -37.26 -28.01 10.84
C ILE O 49 -38.40 -28.36 9.89
N PHE O 50 -39.43 -29.02 10.41
CA PHE O 50 -40.60 -29.40 9.62
C PHE O 50 -41.80 -28.59 10.08
N ALA O 51 -42.15 -27.58 9.30
CA ALA O 51 -43.31 -26.73 9.58
C ALA O 51 -43.26 -26.16 11.00
N GLY O 52 -42.11 -25.57 11.33
CA GLY O 52 -41.94 -24.97 12.64
C GLY O 52 -41.99 -25.95 13.78
N LYS O 53 -41.41 -27.14 13.60
CA LYS O 53 -41.35 -28.14 14.65
C LYS O 53 -39.93 -28.69 14.75
N GLN O 54 -39.56 -29.13 15.95
CA GLN O 54 -38.18 -29.48 16.24
C GLN O 54 -37.78 -30.81 15.61
N LEU O 55 -36.61 -30.81 14.99
CA LEU O 55 -35.96 -32.02 14.49
C LEU O 55 -34.49 -31.96 14.89
N GLU O 56 -33.96 -33.07 15.38
CA GLU O 56 -32.59 -33.14 15.87
C GLU O 56 -31.70 -33.87 14.88
N ASP O 57 -30.41 -33.93 15.22
CA ASP O 57 -29.41 -34.56 14.36
C ASP O 57 -29.16 -36.01 14.73
N GLY O 58 -29.07 -36.32 16.02
CA GLY O 58 -28.83 -37.67 16.47
C GLY O 58 -30.09 -38.51 16.55
N ARG O 59 -30.76 -38.68 15.41
CA ARG O 59 -32.02 -39.43 15.35
C ARG O 59 -32.15 -40.00 13.94
N THR O 60 -33.33 -40.51 13.62
CA THR O 60 -33.61 -41.11 12.32
C THR O 60 -34.96 -40.60 11.81
N LEU O 61 -35.13 -40.59 10.49
CA LEU O 61 -36.37 -40.11 9.90
C LEU O 61 -37.56 -40.95 10.36
N SER O 62 -37.37 -42.27 10.48
CA SER O 62 -38.47 -43.13 10.89
C SER O 62 -38.92 -42.86 12.33
N ASP O 63 -38.05 -42.32 13.17
CA ASP O 63 -38.46 -41.97 14.53
C ASP O 63 -39.42 -40.78 14.52
N TYR O 64 -39.31 -39.91 13.51
CA TYR O 64 -40.24 -38.80 13.35
C TYR O 64 -41.39 -39.12 12.41
N ASN O 65 -41.23 -40.09 11.52
CA ASN O 65 -42.27 -40.51 10.59
C ASN O 65 -42.75 -39.35 9.73
N ILE O 66 -41.82 -38.77 8.99
CA ILE O 66 -42.13 -37.67 8.08
C ILE O 66 -42.57 -38.24 6.74
N GLN O 67 -43.67 -37.72 6.21
CA GLN O 67 -44.19 -38.19 4.94
C GLN O 67 -43.26 -37.80 3.79
N LYS O 68 -43.45 -38.45 2.65
CA LYS O 68 -42.62 -38.21 1.49
C LYS O 68 -42.87 -36.80 0.93
N GLU O 69 -42.05 -36.42 -0.05
CA GLU O 69 -42.16 -35.16 -0.80
C GLU O 69 -42.44 -33.97 0.10
N SER O 70 -41.93 -34.01 1.33
CA SER O 70 -42.13 -32.93 2.28
C SER O 70 -40.94 -31.97 2.27
N THR O 71 -41.20 -30.74 2.71
CA THR O 71 -40.18 -29.71 2.80
C THR O 71 -39.72 -29.54 4.25
N LEU O 72 -38.41 -29.37 4.41
CA LEU O 72 -37.80 -29.19 5.71
C LEU O 72 -37.13 -27.82 5.75
N HIS O 73 -37.48 -27.01 6.75
CA HIS O 73 -36.92 -25.67 6.89
C HIS O 73 -35.49 -25.81 7.42
N LEU O 74 -34.51 -25.71 6.52
CA LEU O 74 -33.10 -25.72 6.90
C LEU O 74 -32.71 -24.31 7.36
N VAL O 75 -33.13 -24.00 8.58
CA VAL O 75 -32.84 -22.70 9.18
C VAL O 75 -31.35 -22.60 9.46
N LEU O 76 -30.73 -21.56 8.93
CA LEU O 76 -29.27 -21.45 8.91
C LEU O 76 -28.69 -21.35 10.32
N ARG O 77 -27.46 -21.81 10.46
CA ARG O 77 -26.73 -21.83 11.73
C ARG O 77 -25.39 -21.12 11.56
N LEU O 78 -24.54 -21.25 12.57
CA LEU O 78 -23.20 -20.70 12.56
C LEU O 78 -22.18 -21.81 12.78
N ARG O 79 -21.00 -21.65 12.19
CA ARG O 79 -19.94 -22.63 12.34
C ARG O 79 -19.55 -22.79 13.82
N GLY O 80 -19.34 -24.03 14.23
CA GLY O 80 -18.95 -24.33 15.60
C GLY O 80 -20.06 -24.08 16.61
N LYS P 50 65.39 -35.81 -22.14
CA LYS P 50 64.65 -34.85 -21.32
C LYS P 50 63.45 -34.30 -22.08
N VAL P 51 62.25 -34.59 -21.57
CA VAL P 51 61.01 -34.09 -22.15
C VAL P 51 59.98 -33.90 -21.04
N ASP P 52 59.54 -32.66 -20.87
CA ASP P 52 58.35 -32.33 -20.07
C ASP P 52 58.44 -32.86 -18.64
N LEU P 53 59.44 -32.39 -17.89
CA LEU P 53 59.49 -32.65 -16.47
C LEU P 53 59.35 -31.37 -15.65
N GLN P 54 60.28 -30.43 -15.79
CA GLN P 54 60.13 -29.10 -15.23
C GLN P 54 60.59 -27.97 -16.15
N SER P 55 61.49 -28.24 -17.11
CA SER P 55 62.12 -27.15 -17.86
C SER P 55 61.22 -26.67 -18.99
N LEU P 56 60.85 -27.55 -19.91
CA LEU P 56 60.07 -27.17 -21.08
C LEU P 56 58.64 -27.65 -20.92
N PRO P 57 57.66 -26.75 -20.81
CA PRO P 57 56.27 -27.17 -20.70
C PRO P 57 55.82 -27.92 -21.96
N THR P 58 54.89 -28.85 -21.77
CA THR P 58 54.47 -29.73 -22.86
C THR P 58 53.92 -28.94 -24.04
N ARG P 59 53.07 -27.95 -23.76
CA ARG P 59 52.61 -27.07 -24.83
C ARG P 59 53.78 -26.31 -25.45
N ALA P 60 54.66 -25.77 -24.61
CA ALA P 60 55.86 -25.12 -25.12
C ALA P 60 56.79 -26.12 -25.79
N TYR P 61 56.80 -27.36 -25.30
CA TYR P 61 57.63 -28.38 -25.93
C TYR P 61 57.19 -28.64 -27.37
N LEU P 62 55.89 -28.84 -27.58
CA LEU P 62 55.40 -29.05 -28.93
C LEU P 62 55.40 -27.77 -29.75
N ASP P 63 55.47 -26.61 -29.09
CA ASP P 63 55.65 -25.34 -29.80
C ASP P 63 57.09 -25.05 -30.14
N GLN P 64 58.05 -25.80 -29.60
CA GLN P 64 59.46 -25.54 -29.84
C GLN P 64 60.29 -26.74 -30.26
N THR P 65 59.70 -27.91 -30.52
CA THR P 65 60.50 -29.08 -30.85
C THR P 65 60.24 -29.66 -32.24
N VAL P 66 59.06 -29.49 -32.81
CA VAL P 66 58.76 -30.08 -34.11
C VAL P 66 58.18 -29.04 -35.06
N VAL P 67 58.52 -27.77 -34.84
CA VAL P 67 57.96 -26.69 -35.65
C VAL P 67 58.17 -26.87 -37.15
N PRO P 68 59.42 -27.09 -37.66
CA PRO P 68 59.66 -26.97 -39.11
C PRO P 68 58.87 -27.93 -39.97
N ILE P 69 58.20 -28.90 -39.37
CA ILE P 69 57.31 -29.81 -40.08
C ILE P 69 55.85 -29.42 -39.88
N LEU P 70 55.49 -29.07 -38.65
CA LEU P 70 54.10 -28.75 -38.33
C LEU P 70 53.61 -27.48 -39.03
N LEU P 71 54.46 -26.45 -39.18
CA LEU P 71 53.89 -25.25 -39.81
C LEU P 71 53.55 -25.53 -41.27
N GLN P 72 54.40 -26.27 -41.96
CA GLN P 72 54.09 -26.67 -43.33
C GLN P 72 52.87 -27.57 -43.39
N GLY P 73 52.75 -28.52 -42.46
CA GLY P 73 51.60 -29.40 -42.48
C GLY P 73 50.29 -28.65 -42.28
N LEU P 74 50.25 -27.75 -41.29
CA LEU P 74 49.05 -26.96 -41.06
C LEU P 74 48.76 -26.04 -42.24
N ALA P 75 49.80 -25.45 -42.83
CA ALA P 75 49.59 -24.57 -43.98
C ALA P 75 49.01 -25.33 -45.17
N VAL P 76 49.51 -26.54 -45.43
CA VAL P 76 49.00 -27.28 -46.58
C VAL P 76 47.60 -27.82 -46.29
N LEU P 77 47.28 -28.17 -45.04
CA LEU P 77 45.91 -28.59 -44.77
C LEU P 77 44.95 -27.41 -44.71
N ALA P 78 45.45 -26.19 -44.54
CA ALA P 78 44.60 -25.01 -44.54
C ALA P 78 44.46 -24.37 -45.92
N LYS P 79 45.40 -24.61 -46.83
CA LYS P 79 45.34 -24.08 -48.18
C LYS P 79 45.10 -25.16 -49.23
N GLU P 80 45.95 -26.18 -49.27
CA GLU P 80 45.78 -27.25 -50.25
C GLU P 80 44.65 -28.20 -49.87
N ARG P 81 44.12 -28.06 -48.65
CA ARG P 81 42.93 -28.77 -48.18
C ARG P 81 42.83 -30.24 -48.62
N PRO P 82 43.84 -31.06 -48.30
CA PRO P 82 43.79 -32.46 -48.72
C PRO P 82 43.10 -33.32 -47.68
N PRO P 83 42.24 -34.24 -48.11
CA PRO P 83 41.67 -35.21 -47.14
C PRO P 83 42.71 -36.14 -46.55
N ASN P 84 43.85 -36.34 -47.23
CA ASN P 84 44.90 -37.24 -46.78
C ASN P 84 46.23 -36.51 -46.81
N PRO P 85 46.51 -35.69 -45.79
CA PRO P 85 47.79 -34.98 -45.72
C PRO P 85 48.91 -35.75 -45.05
N ILE P 86 48.76 -37.07 -44.85
CA ILE P 86 49.79 -37.85 -44.17
C ILE P 86 51.04 -37.96 -45.03
N GLU P 87 50.87 -37.99 -46.36
CA GLU P 87 52.03 -38.10 -47.25
C GLU P 87 52.93 -36.88 -47.13
N PHE P 88 52.34 -35.68 -47.07
CA PHE P 88 53.13 -34.47 -46.91
C PHE P 88 53.91 -34.48 -45.59
N LEU P 89 53.23 -34.87 -44.50
CA LEU P 89 53.89 -34.91 -43.21
C LEU P 89 55.02 -35.92 -43.20
N ALA P 90 54.81 -37.09 -43.80
CA ALA P 90 55.87 -38.10 -43.87
C ALA P 90 57.05 -37.61 -44.72
N SER P 91 56.76 -36.94 -45.84
CA SER P 91 57.83 -36.43 -46.69
C SER P 91 58.65 -35.38 -45.96
N TYR P 92 58.00 -34.48 -45.23
CA TYR P 92 58.74 -33.47 -44.47
C TYR P 92 59.41 -34.04 -43.23
N LEU P 93 58.93 -35.19 -42.74
CA LEU P 93 59.62 -35.87 -41.64
C LEU P 93 60.88 -36.57 -42.11
N LEU P 94 60.85 -37.14 -43.33
CA LEU P 94 62.03 -37.80 -43.86
C LEU P 94 63.13 -36.81 -44.25
N LYS P 95 62.76 -35.55 -44.54
CA LYS P 95 63.78 -34.55 -44.88
C LYS P 95 64.70 -34.27 -43.70
N ASN P 96 64.20 -34.41 -42.48
CA ASN P 96 64.98 -34.21 -41.26
C ASN P 96 64.89 -35.44 -40.36
N LYS P 97 64.80 -36.62 -40.96
CA LYS P 97 64.79 -37.86 -40.19
C LYS P 97 66.12 -38.07 -39.47
N ALA P 98 67.22 -37.93 -40.19
CA ALA P 98 68.55 -38.03 -39.60
C ALA P 98 69.07 -36.69 -39.08
N GLN P 99 68.35 -35.60 -39.33
CA GLN P 99 68.74 -34.27 -38.88
C GLN P 99 68.16 -33.91 -37.53
N PHE P 100 67.43 -34.82 -36.89
CA PHE P 100 66.82 -34.55 -35.59
C PHE P 100 67.88 -34.54 -34.50
N GLU P 101 68.06 -33.40 -33.85
CA GLU P 101 69.06 -33.25 -32.80
C GLU P 101 68.61 -33.96 -31.53
N VAL Q 51 32.73 -32.17 -49.62
CA VAL Q 51 33.38 -31.75 -48.38
C VAL Q 51 34.83 -31.37 -48.65
N ASP Q 52 35.44 -30.70 -47.67
CA ASP Q 52 36.85 -30.36 -47.63
C ASP Q 52 37.26 -29.28 -48.63
N LEU Q 53 36.34 -28.78 -49.46
CA LEU Q 53 36.72 -27.82 -50.49
C LEU Q 53 36.12 -26.44 -50.27
N GLN Q 54 34.79 -26.31 -50.30
CA GLN Q 54 34.18 -24.99 -50.19
C GLN Q 54 33.20 -24.88 -49.02
N SER Q 55 32.22 -25.77 -48.92
CA SER Q 55 31.22 -25.63 -47.85
C SER Q 55 31.78 -26.04 -46.50
N LEU Q 56 32.81 -26.89 -46.48
CA LEU Q 56 33.49 -27.22 -45.24
C LEU Q 56 34.79 -26.43 -45.18
N PRO Q 57 34.93 -25.48 -44.25
CA PRO Q 57 36.20 -24.75 -44.15
C PRO Q 57 37.34 -25.69 -43.80
N THR Q 58 38.54 -25.31 -44.28
CA THR Q 58 39.70 -26.19 -44.18
C THR Q 58 40.01 -26.54 -42.72
N ARG Q 59 40.16 -25.52 -41.87
CA ARG Q 59 40.36 -25.78 -40.45
C ARG Q 59 39.13 -26.44 -39.84
N ALA Q 60 37.93 -26.04 -40.27
CA ALA Q 60 36.71 -26.69 -39.79
C ALA Q 60 36.66 -28.15 -40.26
N TYR Q 61 37.11 -28.42 -41.49
CA TYR Q 61 37.18 -29.81 -41.94
C TYR Q 61 38.16 -30.60 -41.08
N LEU Q 62 39.31 -30.01 -40.75
CA LEU Q 62 40.27 -30.68 -39.90
C LEU Q 62 39.69 -30.99 -38.53
N ASP Q 63 38.96 -30.04 -37.96
CA ASP Q 63 38.40 -30.19 -36.61
C ASP Q 63 37.10 -30.99 -36.58
N GLN Q 64 36.47 -31.25 -37.73
CA GLN Q 64 35.14 -31.86 -37.74
C GLN Q 64 35.12 -33.25 -38.35
N THR Q 65 35.55 -33.39 -39.61
CA THR Q 65 35.29 -34.63 -40.33
C THR Q 65 36.31 -35.72 -39.99
N VAL Q 66 37.56 -35.52 -40.37
CA VAL Q 66 38.60 -36.53 -40.12
C VAL Q 66 39.22 -36.17 -38.78
N VAL Q 67 38.50 -36.49 -37.71
CA VAL Q 67 38.99 -36.31 -36.34
C VAL Q 67 39.78 -37.53 -35.86
N PRO Q 68 39.25 -38.76 -35.96
CA PRO Q 68 39.91 -39.88 -35.28
C PRO Q 68 41.15 -40.42 -35.99
N ILE Q 69 41.61 -39.78 -37.06
CA ILE Q 69 42.72 -40.32 -37.83
C ILE Q 69 43.97 -39.50 -37.60
N LEU Q 70 43.93 -38.22 -37.98
CA LEU Q 70 45.10 -37.37 -37.80
C LEU Q 70 45.41 -37.14 -36.32
N LEU Q 71 44.40 -37.19 -35.46
CA LEU Q 71 44.63 -37.06 -34.03
C LEU Q 71 45.52 -38.17 -33.51
N GLN Q 72 45.15 -39.43 -33.78
CA GLN Q 72 45.93 -40.55 -33.30
C GLN Q 72 47.31 -40.61 -33.95
N GLY Q 73 47.38 -40.32 -35.25
CA GLY Q 73 48.66 -40.32 -35.93
C GLY Q 73 49.62 -39.28 -35.37
N LEU Q 74 49.12 -38.05 -35.20
CA LEU Q 74 49.95 -37.00 -34.64
C LEU Q 74 50.36 -37.30 -33.20
N ALA Q 75 49.44 -37.88 -32.42
CA ALA Q 75 49.79 -38.26 -31.05
C ALA Q 75 50.89 -39.31 -31.03
N VAL Q 76 50.79 -40.32 -31.91
CA VAL Q 76 51.77 -41.39 -31.89
C VAL Q 76 53.12 -40.91 -32.45
N LEU Q 77 53.11 -39.95 -33.37
CA LEU Q 77 54.36 -39.43 -33.89
C LEU Q 77 54.93 -38.28 -33.06
N ALA Q 78 54.18 -37.80 -32.07
CA ALA Q 78 54.71 -36.80 -31.14
C ALA Q 78 55.08 -37.37 -29.79
N LYS Q 79 54.55 -38.55 -29.42
CA LYS Q 79 54.87 -39.16 -28.13
C LYS Q 79 55.52 -40.52 -28.26
N GLU Q 80 54.96 -41.42 -29.09
CA GLU Q 80 55.48 -42.78 -29.17
C GLU Q 80 56.54 -42.92 -30.26
N ARG Q 81 56.24 -42.47 -31.48
CA ARG Q 81 57.15 -42.53 -32.61
C ARG Q 81 57.67 -43.95 -32.83
N PRO Q 82 56.84 -44.86 -33.32
CA PRO Q 82 57.32 -46.22 -33.58
C PRO Q 82 58.35 -46.21 -34.70
N PRO Q 83 59.27 -47.18 -34.71
CA PRO Q 83 60.30 -47.18 -35.76
C PRO Q 83 59.77 -47.28 -37.17
N ASN Q 84 58.61 -47.91 -37.37
CA ASN Q 84 57.99 -48.06 -38.68
C ASN Q 84 56.55 -47.55 -38.61
N PRO Q 85 56.36 -46.23 -38.62
CA PRO Q 85 55.00 -45.68 -38.47
C PRO Q 85 54.17 -45.71 -39.74
N ILE Q 86 54.74 -46.07 -40.88
CA ILE Q 86 54.00 -46.03 -42.14
C ILE Q 86 52.83 -47.03 -42.11
N GLU Q 87 53.08 -48.24 -41.63
CA GLU Q 87 51.99 -49.22 -41.57
C GLU Q 87 50.96 -48.84 -40.51
N PHE Q 88 51.40 -48.23 -39.41
CA PHE Q 88 50.46 -47.77 -38.39
C PHE Q 88 49.52 -46.71 -38.97
N LEU Q 89 50.08 -45.72 -39.67
CA LEU Q 89 49.23 -44.66 -40.22
C LEU Q 89 48.35 -45.20 -41.34
N ALA Q 90 48.86 -46.13 -42.15
CA ALA Q 90 48.02 -46.72 -43.19
C ALA Q 90 46.85 -47.49 -42.59
N SER Q 91 47.11 -48.29 -41.54
CA SER Q 91 46.04 -49.04 -40.90
C SER Q 91 45.04 -48.12 -40.23
N TYR Q 92 45.51 -47.04 -39.60
CA TYR Q 92 44.61 -46.08 -38.99
C TYR Q 92 43.74 -45.40 -40.04
N LEU Q 93 44.33 -45.01 -41.18
CA LEU Q 93 43.55 -44.40 -42.24
C LEU Q 93 42.50 -45.37 -42.79
N LEU Q 94 42.87 -46.63 -42.98
CA LEU Q 94 41.93 -47.62 -43.49
C LEU Q 94 40.88 -48.02 -42.46
N LYS Q 95 41.14 -47.81 -41.17
CA LYS Q 95 40.20 -48.25 -40.14
C LYS Q 95 38.97 -47.36 -40.05
N ASN Q 96 39.01 -46.17 -40.67
CA ASN Q 96 37.86 -45.27 -40.72
C ASN Q 96 37.47 -45.12 -42.18
N LYS Q 97 36.48 -45.90 -42.61
CA LYS Q 97 36.02 -45.88 -44.00
C LYS Q 97 34.52 -45.72 -44.15
N ALA Q 98 33.72 -46.05 -43.15
CA ALA Q 98 32.27 -45.91 -43.20
C ALA Q 98 31.76 -45.21 -41.95
N GLN Q 99 32.49 -44.18 -41.51
CA GLN Q 99 32.12 -43.41 -40.32
C GLN Q 99 32.08 -41.91 -40.58
N PHE Q 100 32.63 -41.43 -41.68
CA PHE Q 100 32.70 -40.00 -41.94
C PHE Q 100 32.58 -39.74 -43.43
N GLU Q 101 31.78 -38.74 -43.79
CA GLU Q 101 31.57 -38.39 -45.19
C GLU Q 101 31.98 -36.94 -45.45
N SAH R . 6.55 11.63 -23.39
CA SAH R . 7.04 12.13 -22.11
CB SAH R . 8.56 11.98 -22.02
CG SAH R . 9.29 12.03 -23.36
SD SAH R . 9.35 10.42 -24.19
C SAH R . 6.64 13.57 -21.87
O SAH R . 5.59 14.02 -22.34
OXT SAH R . 7.35 14.34 -21.22
C5' SAH R . 11.10 10.26 -23.72
C4' SAH R . 12.06 10.63 -24.85
O4' SAH R . 11.90 12.00 -25.19
C3' SAH R . 13.50 10.44 -24.43
O3' SAH R . 14.08 9.37 -25.15
C2' SAH R . 14.21 11.73 -24.76
O2' SAH R . 15.27 11.48 -25.67
C1' SAH R . 13.16 12.61 -25.41
N9 SAH R . 13.19 13.96 -24.79
C8 SAH R . 13.38 14.23 -23.46
N7 SAH R . 13.35 15.57 -23.29
C5 SAH R . 13.12 16.15 -24.48
C6 SAH R . 13.00 17.48 -24.87
N6 SAH R . 13.09 18.45 -23.95
N1 SAH R . 12.77 17.80 -26.19
C2 SAH R . 12.68 16.79 -27.12
N3 SAH R . 12.80 15.47 -26.73
C4 SAH R . 13.02 15.16 -25.44
ZN ZN S . 18.13 25.43 -22.83
#